data_3H4Z
#
_entry.id   3H4Z
#
_cell.length_a   193.352
_cell.length_b   117.904
_cell.length_c   92.441
_cell.angle_alpha   90.00
_cell.angle_beta   114.06
_cell.angle_gamma   90.00
#
_symmetry.space_group_name_H-M   'C 1 2 1'
#
loop_
_entity.id
_entity.type
_entity.pdbx_description
1 polymer 'Maltose-binding periplasmic protein fused with Allergen DERP7'
2 branched alpha-D-glucopyranose-(1-4)-alpha-D-glucopyranose
3 non-polymer 'SODIUM ION'
4 water water
#
_entity_poly.entity_id   1
_entity_poly.type   'polypeptide(L)'
_entity_poly.pdbx_seq_one_letter_code
;KIEEGKLVIWINGDKGYNGLAEVGKKFEKDTGIKVTVEHPDKLEEKFPQVAATGDGPDIIFWAHDRFGGYAQSGLLAEIT
PAAAFQDKLYPFTWDAVRYNGKLIAYPIAVEALSLIYNKDLLPNPPKTWEEIPALDKELKAKGKSALMFNLQEPYFTWPL
IAADGGYAFKYAAGKYDIKDVGVDNAGAKAGLTFLVDLIKNKHMNADTDYSIAEAAFNKGETAMTINGPWAWSNIDTSAV
NYGVTVLPTFKGQPSKPFVGVLSAGINAASPNKELAKEFLENYLLTDEGLEAVNKDKPLGAVALKSYEEELAKDPRIAAT
MENAQKGEIMPNIPQMSAFWYAVRTAVINAASGRQTVDAALAAAQTNAAADPIHYDKITEEINKAVDEAVAAIEKSETFD
PMKVPDHSDKFERHIGIIDLKGELDMRNIQVRGLKQMKRVGDANVKSEDGVVKAHLLVGVHDDVVSMEYDLAYKLGDLHP
NTHVISDIQDFVVELSLEVSEEGNMTLTSFEVRQFANVVNHIGGLSILDPIFAVLSDVLTAIFQDTVRAEMTKVLAPAFK
KELERNNQ
;
_entity_poly.pdbx_strand_id   A,B,C
#
loop_
_chem_comp.id
_chem_comp.type
_chem_comp.name
_chem_comp.formula
GLC D-saccharide, alpha linking alpha-D-glucopyranose 'C6 H12 O6'
NA non-polymer 'SODIUM ION' 'Na 1'
#
# COMPACT_ATOMS: atom_id res chain seq x y z
N LYS A 1 33.68 -25.58 2.82
CA LYS A 1 34.71 -25.16 1.84
C LYS A 1 34.16 -24.12 0.87
N ILE A 2 34.65 -22.90 0.96
CA ILE A 2 34.18 -21.83 0.08
C ILE A 2 34.34 -22.28 -1.37
N GLU A 3 33.22 -22.40 -2.06
CA GLU A 3 33.23 -22.82 -3.45
C GLU A 3 33.78 -21.74 -4.39
N GLU A 4 34.78 -22.11 -5.18
CA GLU A 4 35.39 -21.18 -6.12
C GLU A 4 34.59 -21.13 -7.42
N GLY A 5 34.57 -19.95 -8.05
CA GLY A 5 33.86 -19.77 -9.30
C GLY A 5 32.43 -19.32 -9.05
N LYS A 6 32.07 -19.19 -7.78
CA LYS A 6 30.74 -18.77 -7.37
C LYS A 6 30.88 -17.69 -6.29
N LEU A 7 29.80 -16.96 -6.04
CA LEU A 7 29.82 -15.94 -5.00
C LEU A 7 28.70 -16.10 -3.98
N VAL A 8 29.07 -16.37 -2.73
CA VAL A 8 28.09 -16.52 -1.66
C VAL A 8 28.17 -15.23 -0.86
N ILE A 9 27.02 -14.61 -0.64
CA ILE A 9 26.97 -13.35 0.08
C ILE A 9 25.95 -13.32 1.22
N TRP A 10 26.37 -12.74 2.34
CA TRP A 10 25.52 -12.62 3.51
C TRP A 10 25.16 -11.17 3.79
N ILE A 11 23.89 -10.94 4.09
CA ILE A 11 23.41 -9.61 4.41
C ILE A 11 22.32 -9.78 5.49
N ASN A 12 22.05 -8.72 6.24
CA ASN A 12 21.05 -8.79 7.31
C ASN A 12 19.64 -8.88 6.77
N GLY A 13 18.79 -9.64 7.47
CA GLY A 13 17.41 -9.82 7.07
C GLY A 13 16.52 -8.60 6.97
N ASP A 14 16.95 -7.47 7.53
CA ASP A 14 16.15 -6.26 7.45
C ASP A 14 16.56 -5.38 6.27
N LYS A 15 17.53 -5.85 5.48
CA LYS A 15 18.01 -5.10 4.32
C LYS A 15 17.47 -5.64 3.00
N GLY A 16 17.60 -4.84 1.94
CA GLY A 16 17.10 -5.24 0.64
C GLY A 16 17.87 -6.35 -0.05
N TYR A 17 17.80 -7.55 0.52
CA TYR A 17 18.51 -8.69 -0.03
C TYR A 17 17.89 -9.23 -1.31
N ASN A 18 16.60 -8.93 -1.53
CA ASN A 18 15.93 -9.38 -2.75
C ASN A 18 16.46 -8.54 -3.90
N GLY A 19 16.68 -7.26 -3.61
CA GLY A 19 17.20 -6.37 -4.63
C GLY A 19 18.65 -6.71 -4.89
N LEU A 20 19.39 -6.97 -3.81
CA LEU A 20 20.80 -7.31 -3.92
C LEU A 20 20.93 -8.57 -4.78
N ALA A 21 19.90 -9.41 -4.75
CA ALA A 21 19.90 -10.65 -5.52
C ALA A 21 19.78 -10.36 -7.02
N GLU A 22 18.94 -9.39 -7.37
CA GLU A 22 18.76 -9.05 -8.77
C GLU A 22 20.08 -8.58 -9.36
N VAL A 23 20.81 -7.78 -8.59
CA VAL A 23 22.10 -7.29 -9.04
C VAL A 23 22.99 -8.52 -9.25
N GLY A 24 22.77 -9.53 -8.41
CA GLY A 24 23.54 -10.76 -8.50
C GLY A 24 23.18 -11.53 -9.75
N LYS A 25 21.97 -11.30 -10.26
CA LYS A 25 21.52 -11.99 -11.48
C LYS A 25 22.16 -11.36 -12.71
N LYS A 26 22.30 -10.04 -12.69
CA LYS A 26 22.92 -9.33 -13.81
C LYS A 26 24.38 -9.77 -13.89
N PHE A 27 25.04 -9.79 -12.75
CA PHE A 27 26.44 -10.19 -12.70
C PHE A 27 26.56 -11.56 -13.35
N GLU A 28 25.61 -12.44 -13.06
CA GLU A 28 25.60 -13.78 -13.62
C GLU A 28 25.25 -13.78 -15.11
N LYS A 29 24.49 -12.78 -15.52
CA LYS A 29 24.11 -12.68 -16.93
C LYS A 29 25.27 -12.16 -17.76
N ASP A 30 26.23 -11.50 -17.11
CA ASP A 30 27.37 -10.97 -17.82
C ASP A 30 28.66 -11.78 -17.63
N THR A 31 28.78 -12.45 -16.50
CA THR A 31 29.99 -13.23 -16.22
C THR A 31 29.74 -14.74 -16.16
N GLY A 32 28.49 -15.15 -16.02
CA GLY A 32 28.19 -16.57 -15.95
C GLY A 32 28.45 -17.12 -14.55
N ILE A 33 28.93 -16.26 -13.67
CA ILE A 33 29.22 -16.63 -12.30
C ILE A 33 28.02 -16.38 -11.39
N LYS A 34 27.45 -17.47 -10.87
CA LYS A 34 26.28 -17.37 -10.00
C LYS A 34 26.58 -16.66 -8.68
N VAL A 35 25.61 -15.86 -8.24
CA VAL A 35 25.71 -15.13 -6.99
C VAL A 35 24.50 -15.50 -6.13
N THR A 36 24.77 -16.01 -4.93
CA THR A 36 23.71 -16.41 -4.01
C THR A 36 23.69 -15.53 -2.76
N VAL A 37 22.56 -14.89 -2.52
CA VAL A 37 22.39 -14.01 -1.38
C VAL A 37 21.62 -14.74 -0.27
N GLU A 38 22.16 -14.68 0.94
CA GLU A 38 21.55 -15.33 2.08
C GLU A 38 21.56 -14.39 3.27
N HIS A 39 20.52 -14.46 4.09
CA HIS A 39 20.40 -13.59 5.26
C HIS A 39 20.22 -14.38 6.55
N PRO A 40 21.27 -15.11 6.97
CA PRO A 40 21.28 -15.92 8.18
C PRO A 40 20.92 -15.11 9.42
N ASP A 41 20.63 -15.81 10.51
CA ASP A 41 20.29 -15.14 11.77
C ASP A 41 21.57 -14.97 12.58
N LYS A 42 21.68 -13.86 13.30
CA LYS A 42 22.86 -13.60 14.11
C LYS A 42 24.11 -13.67 13.25
N LEU A 43 24.05 -13.10 12.04
CA LEU A 43 25.20 -13.18 11.16
C LEU A 43 26.39 -12.37 11.65
N GLU A 44 26.16 -11.34 12.46
CA GLU A 44 27.28 -10.56 12.96
C GLU A 44 28.18 -11.43 13.83
N GLU A 45 27.65 -12.58 14.27
CA GLU A 45 28.43 -13.52 15.07
C GLU A 45 28.68 -14.82 14.30
N LYS A 46 27.73 -15.22 13.47
CA LYS A 46 27.87 -16.43 12.69
C LYS A 46 29.07 -16.31 11.76
N PHE A 47 29.22 -15.15 11.12
CA PHE A 47 30.34 -14.94 10.22
C PHE A 47 31.70 -15.19 10.87
N PRO A 48 32.03 -14.44 11.93
CA PRO A 48 33.33 -14.63 12.60
C PRO A 48 33.57 -16.06 13.07
N GLN A 49 32.51 -16.84 13.18
CA GLN A 49 32.64 -18.21 13.63
C GLN A 49 33.01 -19.12 12.46
N VAL A 50 32.25 -19.03 11.38
CA VAL A 50 32.52 -19.85 10.20
C VAL A 50 33.77 -19.36 9.46
N ALA A 51 33.97 -18.04 9.46
CA ALA A 51 35.12 -17.44 8.79
C ALA A 51 36.42 -17.75 9.51
N ALA A 52 36.31 -18.13 10.78
CA ALA A 52 37.49 -18.47 11.58
C ALA A 52 37.88 -19.91 11.26
N THR A 53 36.94 -20.68 10.73
CA THR A 53 37.20 -22.07 10.37
C THR A 53 37.63 -22.09 8.91
N GLY A 54 38.03 -20.93 8.40
CA GLY A 54 38.47 -20.81 7.02
C GLY A 54 37.35 -21.00 6.04
N ASP A 55 36.12 -20.78 6.49
CA ASP A 55 34.94 -20.95 5.63
C ASP A 55 34.09 -19.68 5.65
N GLY A 56 32.83 -19.81 5.26
CA GLY A 56 31.93 -18.66 5.24
C GLY A 56 31.65 -18.16 3.84
N PRO A 57 30.97 -17.00 3.71
CA PRO A 57 30.65 -16.43 2.41
C PRO A 57 31.84 -15.65 1.85
N ASP A 58 31.77 -15.32 0.57
CA ASP A 58 32.84 -14.55 -0.06
C ASP A 58 32.71 -13.09 0.35
N ILE A 59 31.47 -12.65 0.55
CA ILE A 59 31.21 -11.26 0.94
C ILE A 59 30.19 -11.16 2.06
N ILE A 60 30.55 -10.42 3.11
CA ILE A 60 29.67 -10.21 4.25
C ILE A 60 29.23 -8.75 4.34
N PHE A 61 27.95 -8.54 4.64
CA PHE A 61 27.40 -7.20 4.77
C PHE A 61 27.06 -6.87 6.21
N TRP A 62 27.29 -5.62 6.60
CA TRP A 62 26.98 -5.17 7.95
C TRP A 62 27.57 -3.78 8.19
N ALA A 63 27.13 -3.14 9.27
CA ALA A 63 27.62 -1.82 9.62
C ALA A 63 29.10 -1.95 9.97
N HIS A 64 29.88 -0.94 9.60
CA HIS A 64 31.32 -0.93 9.83
C HIS A 64 31.80 -1.19 11.27
N ASP A 65 30.95 -0.95 12.26
CA ASP A 65 31.38 -1.13 13.64
C ASP A 65 31.86 -2.53 14.00
N ARG A 66 31.36 -3.54 13.30
CA ARG A 66 31.76 -4.93 13.56
C ARG A 66 33.10 -5.29 12.91
N PHE A 67 33.27 -4.86 11.66
CA PHE A 67 34.46 -5.13 10.87
C PHE A 67 35.80 -4.93 11.56
N GLY A 68 35.86 -4.05 12.55
CA GLY A 68 37.11 -3.82 13.24
C GLY A 68 37.65 -5.10 13.82
N GLY A 69 36.79 -5.84 14.51
CA GLY A 69 37.18 -7.08 15.13
C GLY A 69 37.42 -8.18 14.10
N TYR A 70 36.63 -8.17 13.03
CA TYR A 70 36.79 -9.17 11.98
C TYR A 70 38.20 -9.09 11.42
N ALA A 71 38.61 -7.87 11.07
CA ALA A 71 39.94 -7.64 10.53
C ALA A 71 41.02 -8.01 11.54
N GLN A 72 40.78 -7.67 12.80
CA GLN A 72 41.72 -7.97 13.87
C GLN A 72 42.01 -9.46 13.87
N SER A 73 40.96 -10.25 13.66
CA SER A 73 41.06 -11.70 13.64
C SER A 73 41.64 -12.23 12.33
N GLY A 74 41.76 -11.36 11.33
CA GLY A 74 42.31 -11.76 10.06
C GLY A 74 41.27 -12.47 9.21
N LEU A 75 40.01 -12.11 9.41
CA LEU A 75 38.91 -12.70 8.67
C LEU A 75 38.53 -11.88 7.45
N LEU A 76 39.04 -10.65 7.39
CA LEU A 76 38.75 -9.75 6.27
C LEU A 76 39.96 -9.46 5.41
N ALA A 77 39.79 -9.62 4.10
CA ALA A 77 40.87 -9.37 3.15
C ALA A 77 40.94 -7.88 2.83
N GLU A 78 42.15 -7.33 2.79
CA GLU A 78 42.33 -5.93 2.46
C GLU A 78 41.85 -5.67 1.03
N ILE A 79 40.92 -4.73 0.88
CA ILE A 79 40.39 -4.39 -0.42
C ILE A 79 41.41 -3.61 -1.23
N THR A 80 41.30 -3.67 -2.56
CA THR A 80 42.24 -2.99 -3.43
C THR A 80 41.56 -2.15 -4.51
N PRO A 81 40.90 -1.05 -4.12
CA PRO A 81 40.23 -0.20 -5.10
C PRO A 81 41.17 0.87 -5.64
N ALA A 82 41.12 1.10 -6.95
CA ALA A 82 41.98 2.10 -7.58
C ALA A 82 41.67 3.46 -6.96
N ALA A 83 42.63 4.37 -7.02
CA ALA A 83 42.44 5.71 -6.48
C ALA A 83 41.26 6.37 -7.20
N ALA A 84 41.03 5.94 -8.43
CA ALA A 84 39.95 6.46 -9.25
C ALA A 84 38.59 6.01 -8.71
N PHE A 85 38.51 4.80 -8.19
CA PHE A 85 37.26 4.29 -7.65
C PHE A 85 36.95 4.95 -6.31
N GLN A 86 37.96 5.03 -5.45
CA GLN A 86 37.79 5.65 -4.15
C GLN A 86 37.21 7.04 -4.34
N ASP A 87 37.74 7.76 -5.33
CA ASP A 87 37.30 9.11 -5.63
C ASP A 87 35.80 9.27 -5.83
N LYS A 88 35.13 8.22 -6.32
CA LYS A 88 33.69 8.32 -6.53
C LYS A 88 32.83 7.93 -5.33
N LEU A 89 33.44 7.96 -4.16
CA LEU A 89 32.77 7.65 -2.90
C LEU A 89 33.27 8.66 -1.88
N TYR A 90 32.36 9.17 -1.05
CA TYR A 90 32.73 10.14 -0.04
C TYR A 90 33.83 9.63 0.89
N PRO A 91 34.92 10.41 1.00
CA PRO A 91 36.08 10.08 1.84
C PRO A 91 35.73 9.61 3.25
N PHE A 92 34.82 10.32 3.92
CA PHE A 92 34.44 9.96 5.27
C PHE A 92 33.91 8.53 5.36
N THR A 93 33.38 8.03 4.24
CA THR A 93 32.84 6.67 4.23
C THR A 93 33.98 5.66 4.05
N TRP A 94 35.16 6.14 3.67
CA TRP A 94 36.31 5.27 3.51
C TRP A 94 37.01 5.18 4.85
N ASP A 95 36.97 6.28 5.61
CA ASP A 95 37.57 6.34 6.92
C ASP A 95 36.83 5.34 7.81
N ALA A 96 35.52 5.22 7.55
CA ALA A 96 34.67 4.31 8.29
C ALA A 96 35.18 2.88 8.24
N VAL A 97 35.62 2.46 7.06
CA VAL A 97 36.13 1.10 6.87
C VAL A 97 37.65 0.98 6.94
N ARG A 98 38.34 2.05 7.32
CA ARG A 98 39.78 1.97 7.41
C ARG A 98 40.21 1.48 8.78
N TYR A 99 40.83 0.31 8.82
CA TYR A 99 41.30 -0.28 10.07
C TYR A 99 42.82 -0.45 10.01
N ASN A 100 43.52 0.14 10.97
CA ASN A 100 44.98 0.06 10.99
C ASN A 100 45.56 0.61 9.69
N GLY A 101 45.00 1.71 9.21
CA GLY A 101 45.48 2.31 7.98
C GLY A 101 45.07 1.57 6.71
N LYS A 102 44.58 0.35 6.86
CA LYS A 102 44.15 -0.43 5.69
C LYS A 102 42.65 -0.42 5.49
N LEU A 103 42.23 -0.35 4.23
CA LEU A 103 40.80 -0.38 3.90
C LEU A 103 40.41 -1.84 3.96
N ILE A 104 39.51 -2.18 4.89
CA ILE A 104 39.09 -3.57 5.06
C ILE A 104 37.68 -3.89 4.58
N ALA A 105 37.10 -3.02 3.76
CA ALA A 105 35.76 -3.23 3.23
C ALA A 105 35.27 -2.05 2.41
N TYR A 106 34.24 -2.29 1.60
CA TYR A 106 33.66 -1.23 0.78
C TYR A 106 32.44 -0.64 1.46
N PRO A 107 32.41 0.70 1.59
CA PRO A 107 31.24 1.30 2.23
C PRO A 107 30.10 1.33 1.22
N ILE A 108 28.88 1.03 1.68
CA ILE A 108 27.73 1.03 0.80
C ILE A 108 26.86 2.27 1.01
N ALA A 109 26.33 2.43 2.22
CA ALA A 109 25.49 3.57 2.53
C ALA A 109 25.44 3.90 4.03
N VAL A 110 25.39 5.20 4.32
CA VAL A 110 25.32 5.70 5.69
C VAL A 110 23.88 5.61 6.19
N GLU A 111 23.70 5.12 7.41
CA GLU A 111 22.37 4.98 7.99
C GLU A 111 22.28 5.52 9.43
N ALA A 112 21.22 6.28 9.68
CA ALA A 112 20.98 6.87 10.99
C ALA A 112 19.50 6.75 11.37
N LEU A 113 19.24 6.60 12.66
CA LEU A 113 17.87 6.48 13.15
C LEU A 113 17.18 7.84 13.15
N SER A 114 15.89 7.83 12.79
CA SER A 114 15.08 9.04 12.75
C SER A 114 13.76 8.75 13.43
N LEU A 115 13.01 9.81 13.75
CA LEU A 115 11.71 9.65 14.37
C LEU A 115 10.70 9.46 13.24
N ILE A 116 9.84 8.45 13.37
CA ILE A 116 8.83 8.18 12.37
C ILE A 116 7.45 8.34 13.00
N TYR A 117 6.66 9.26 12.47
CA TYR A 117 5.33 9.53 13.01
C TYR A 117 4.20 9.36 12.01
N ASN A 118 2.99 9.22 12.55
CA ASN A 118 1.78 9.05 11.76
C ASN A 118 1.19 10.43 11.47
N LYS A 119 1.35 10.91 10.25
CA LYS A 119 0.84 12.21 9.85
C LYS A 119 -0.60 12.46 10.31
N ASP A 120 -1.48 11.49 10.07
CA ASP A 120 -2.88 11.64 10.45
C ASP A 120 -3.11 11.68 11.95
N LEU A 121 -2.47 10.78 12.69
CA LEU A 121 -2.63 10.77 14.14
C LEU A 121 -1.89 11.92 14.82
N LEU A 122 -0.70 12.22 14.33
CA LEU A 122 0.11 13.27 14.92
C LEU A 122 0.75 14.19 13.86
N PRO A 123 -0.02 15.18 13.37
CA PRO A 123 0.46 16.12 12.35
C PRO A 123 1.77 16.79 12.78
N ASN A 124 1.85 17.18 14.05
CA ASN A 124 3.04 17.82 14.57
C ASN A 124 3.61 16.97 15.70
N PRO A 125 4.69 16.22 15.42
CA PRO A 125 5.32 15.38 16.43
C PRO A 125 6.12 16.16 17.47
N PRO A 126 6.18 15.64 18.71
CA PRO A 126 6.92 16.31 19.79
C PRO A 126 8.40 16.48 19.48
N LYS A 127 8.97 17.60 19.93
CA LYS A 127 10.38 17.89 19.69
C LYS A 127 11.26 17.46 20.85
N THR A 128 10.63 16.96 21.92
CA THR A 128 11.38 16.52 23.10
C THR A 128 10.86 15.20 23.67
N TRP A 129 11.73 14.47 24.34
CA TRP A 129 11.37 13.19 24.95
C TRP A 129 10.46 13.38 26.16
N GLU A 130 10.58 14.55 26.80
CA GLU A 130 9.80 14.85 27.99
C GLU A 130 8.31 15.08 27.77
N GLU A 131 7.95 15.66 26.63
CA GLU A 131 6.53 15.92 26.35
C GLU A 131 5.84 14.72 25.72
N ILE A 132 6.49 13.56 25.83
CA ILE A 132 5.91 12.34 25.27
C ILE A 132 4.94 11.64 26.23
N PRO A 133 5.26 11.64 27.53
CA PRO A 133 4.35 10.98 28.49
C PRO A 133 2.97 11.63 28.43
N ALA A 134 2.96 12.94 28.25
CA ALA A 134 1.71 13.70 28.18
C ALA A 134 0.94 13.32 26.92
N LEU A 135 1.66 13.22 25.81
CA LEU A 135 1.04 12.88 24.53
C LEU A 135 0.48 11.47 24.56
N ASP A 136 1.05 10.61 25.39
CA ASP A 136 0.59 9.23 25.50
C ASP A 136 -0.76 9.17 26.19
N LYS A 137 -0.96 10.07 27.15
CA LYS A 137 -2.22 10.13 27.89
C LYS A 137 -3.36 10.36 26.91
N GLU A 138 -3.21 11.37 26.06
CA GLU A 138 -4.23 11.70 25.08
C GLU A 138 -4.56 10.52 24.18
N LEU A 139 -3.55 10.00 23.49
CA LEU A 139 -3.72 8.88 22.59
C LEU A 139 -4.33 7.65 23.24
N LYS A 140 -3.93 7.36 24.47
CA LYS A 140 -4.48 6.20 25.17
C LYS A 140 -5.98 6.37 25.31
N ALA A 141 -6.41 7.60 25.53
CA ALA A 141 -7.83 7.92 25.66
C ALA A 141 -8.58 7.57 24.37
N LYS A 142 -7.82 7.35 23.31
CA LYS A 142 -8.40 7.00 22.01
C LYS A 142 -7.90 5.62 21.59
N GLY A 143 -7.58 4.80 22.58
CA GLY A 143 -7.11 3.46 22.30
C GLY A 143 -5.82 3.38 21.50
N LYS A 144 -5.08 4.48 21.45
CA LYS A 144 -3.83 4.51 20.71
C LYS A 144 -2.62 4.50 21.64
N SER A 145 -1.45 4.71 21.06
CA SER A 145 -0.20 4.73 21.82
C SER A 145 0.64 5.88 21.30
N ALA A 146 1.59 6.34 22.11
CA ALA A 146 2.44 7.46 21.70
C ALA A 146 3.70 7.01 20.98
N LEU A 147 4.44 6.10 21.60
CA LEU A 147 5.68 5.63 21.02
C LEU A 147 5.97 4.15 21.21
N MET A 148 6.48 3.54 20.15
CA MET A 148 6.83 2.12 20.16
C MET A 148 8.05 1.87 19.28
N PHE A 149 9.15 1.47 19.90
CA PHE A 149 10.36 1.15 19.17
C PHE A 149 11.08 0.01 19.87
N ASN A 150 11.89 -0.71 19.10
CA ASN A 150 12.63 -1.86 19.61
C ASN A 150 13.47 -1.54 20.85
N LEU A 151 13.17 -2.23 21.94
CA LEU A 151 13.87 -2.05 23.19
C LEU A 151 14.76 -3.25 23.48
N GLN A 152 14.86 -4.16 22.51
CA GLN A 152 15.69 -5.35 22.68
C GLN A 152 17.10 -5.15 22.15
N GLU A 153 17.28 -4.12 21.33
CA GLU A 153 18.58 -3.79 20.76
C GLU A 153 18.99 -2.41 21.28
N PRO A 154 20.17 -2.31 21.93
CA PRO A 154 20.63 -1.03 22.47
C PRO A 154 20.85 0.04 21.40
N TYR A 155 20.88 -0.37 20.15
CA TYR A 155 21.06 0.53 19.02
C TYR A 155 19.95 1.59 18.96
N PHE A 156 18.73 1.20 19.34
CA PHE A 156 17.59 2.10 19.30
C PHE A 156 17.43 3.02 20.51
N THR A 157 17.88 2.58 21.69
CA THR A 157 17.77 3.37 22.89
C THR A 157 19.00 4.26 23.10
N TRP A 158 20.14 3.82 22.60
CA TRP A 158 21.37 4.59 22.74
C TRP A 158 21.25 6.07 22.38
N PRO A 159 20.48 6.42 21.34
CA PRO A 159 20.34 7.82 20.96
C PRO A 159 19.95 8.72 22.14
N LEU A 160 19.09 8.19 23.01
CA LEU A 160 18.63 8.91 24.19
C LEU A 160 19.67 8.88 25.31
N ILE A 161 20.28 7.72 25.53
CA ILE A 161 21.28 7.56 26.57
C ILE A 161 22.47 8.49 26.35
N ALA A 162 22.79 8.77 25.10
CA ALA A 162 23.92 9.64 24.78
C ALA A 162 23.53 11.12 24.78
N ALA A 163 22.27 11.38 24.45
CA ALA A 163 21.76 12.75 24.37
C ALA A 163 22.32 13.69 25.43
N ASP A 164 22.22 13.30 26.70
CA ASP A 164 22.71 14.16 27.79
C ASP A 164 24.19 14.05 28.11
N GLY A 165 24.86 13.01 27.61
CA GLY A 165 26.28 12.88 27.89
C GLY A 165 26.89 11.50 27.75
N GLY A 166 26.05 10.47 27.56
CA GLY A 166 26.57 9.13 27.42
C GLY A 166 27.47 8.96 26.20
N TYR A 167 28.44 8.06 26.30
CA TYR A 167 29.35 7.79 25.19
C TYR A 167 30.01 6.43 25.35
N ALA A 168 30.47 5.86 24.23
CA ALA A 168 31.10 4.55 24.25
C ALA A 168 32.55 4.62 24.73
N PHE A 169 33.44 5.05 23.84
CA PHE A 169 34.86 5.16 24.17
C PHE A 169 35.36 6.58 23.93
N LYS A 170 36.12 7.08 24.90
CA LYS A 170 36.68 8.43 24.81
C LYS A 170 37.70 8.48 23.68
N TYR A 171 37.45 9.36 22.70
CA TYR A 171 38.36 9.50 21.57
C TYR A 171 39.41 10.55 21.95
N ALA A 172 40.68 10.16 21.92
CA ALA A 172 41.75 11.09 22.27
C ALA A 172 42.89 11.06 21.27
N ALA A 173 43.25 12.22 20.75
CA ALA A 173 44.35 12.37 19.79
C ALA A 173 44.43 11.16 18.86
N GLY A 174 43.42 11.02 18.01
CA GLY A 174 43.39 9.91 17.07
C GLY A 174 43.49 8.55 17.71
N LYS A 175 42.62 8.28 18.69
CA LYS A 175 42.63 6.99 19.38
C LYS A 175 41.50 6.87 20.39
N TYR A 176 40.84 5.71 20.38
CA TYR A 176 39.74 5.43 21.31
C TYR A 176 40.26 4.72 22.54
N ASP A 177 40.38 5.46 23.64
CA ASP A 177 40.86 4.88 24.89
C ASP A 177 39.87 3.81 25.35
N ILE A 178 40.21 2.55 25.08
CA ILE A 178 39.36 1.43 25.44
C ILE A 178 39.18 1.28 26.96
N LYS A 179 39.84 2.14 27.72
CA LYS A 179 39.74 2.08 29.17
C LYS A 179 38.77 3.15 29.68
N ASP A 180 38.65 4.24 28.92
CA ASP A 180 37.75 5.31 29.30
C ASP A 180 36.38 5.16 28.67
N VAL A 181 35.51 4.41 29.34
CA VAL A 181 34.15 4.16 28.89
C VAL A 181 33.26 5.27 29.44
N GLY A 182 32.05 5.41 28.90
CA GLY A 182 31.17 6.45 29.39
C GLY A 182 29.69 6.10 29.36
N VAL A 183 29.33 4.96 29.95
CA VAL A 183 27.93 4.54 29.97
C VAL A 183 27.25 4.72 31.33
N ASP A 184 28.02 4.94 32.37
CA ASP A 184 27.44 5.13 33.70
C ASP A 184 27.74 6.51 34.25
N ASN A 185 27.85 7.49 33.37
CA ASN A 185 28.12 8.86 33.80
C ASN A 185 26.78 9.54 34.02
N ALA A 186 26.81 10.73 34.62
CA ALA A 186 25.60 11.50 34.88
C ALA A 186 24.69 11.54 33.66
N GLY A 187 25.25 11.92 32.52
CA GLY A 187 24.48 12.02 31.30
C GLY A 187 23.81 10.73 30.84
N ALA A 188 24.41 9.59 31.15
CA ALA A 188 23.86 8.31 30.76
C ALA A 188 22.74 7.85 31.68
N LYS A 189 22.92 8.02 32.99
CA LYS A 189 21.91 7.60 33.95
C LYS A 189 20.62 8.36 33.69
N ALA A 190 20.75 9.64 33.37
CA ALA A 190 19.58 10.48 33.09
C ALA A 190 18.74 9.84 32.01
N GLY A 191 19.37 9.54 30.88
CA GLY A 191 18.67 8.93 29.77
C GLY A 191 18.02 7.60 30.10
N LEU A 192 18.81 6.63 30.51
CA LEU A 192 18.28 5.31 30.84
C LEU A 192 17.17 5.40 31.87
N THR A 193 17.36 6.25 32.87
CA THR A 193 16.34 6.41 33.91
C THR A 193 15.07 6.93 33.27
N PHE A 194 15.21 7.83 32.30
CA PHE A 194 14.04 8.37 31.62
C PHE A 194 13.33 7.21 30.92
N LEU A 195 14.08 6.50 30.08
CA LEU A 195 13.54 5.36 29.35
C LEU A 195 12.82 4.40 30.29
N VAL A 196 13.41 4.17 31.46
CA VAL A 196 12.81 3.27 32.42
C VAL A 196 11.52 3.86 33.00
N ASP A 197 11.50 5.16 33.21
CA ASP A 197 10.31 5.80 33.75
C ASP A 197 9.15 5.62 32.77
N LEU A 198 9.46 5.62 31.47
CA LEU A 198 8.43 5.45 30.47
C LEU A 198 7.78 4.07 30.59
N ILE A 199 8.57 3.09 30.99
CA ILE A 199 8.06 1.73 31.14
C ILE A 199 7.36 1.58 32.50
N LYS A 200 7.93 2.20 33.52
CA LYS A 200 7.33 2.15 34.84
C LYS A 200 5.98 2.85 34.79
N ASN A 201 5.90 3.91 33.98
CA ASN A 201 4.66 4.65 33.83
C ASN A 201 3.79 4.08 32.71
N LYS A 202 4.10 2.86 32.30
CA LYS A 202 3.35 2.15 31.27
C LYS A 202 3.10 2.89 29.95
N HIS A 203 4.03 3.74 29.54
CA HIS A 203 3.90 4.44 28.28
C HIS A 203 4.47 3.58 27.16
N MET A 204 5.15 2.50 27.57
CA MET A 204 5.73 1.51 26.67
C MET A 204 6.17 0.30 27.46
N ASN A 205 6.25 -0.84 26.77
CA ASN A 205 6.59 -2.15 27.34
C ASN A 205 8.04 -2.59 27.09
N ALA A 206 8.64 -3.21 28.10
CA ALA A 206 10.00 -3.71 27.98
C ALA A 206 10.14 -4.84 26.97
N ASP A 207 9.14 -5.73 26.91
CA ASP A 207 9.19 -6.85 25.97
C ASP A 207 9.18 -6.41 24.51
N THR A 208 8.72 -5.20 24.25
CA THR A 208 8.66 -4.67 22.90
C THR A 208 9.96 -4.91 22.13
N ASP A 209 9.84 -5.52 20.95
CA ASP A 209 11.00 -5.78 20.11
C ASP A 209 10.79 -5.15 18.74
N TYR A 210 11.67 -5.46 17.80
CA TYR A 210 11.56 -4.90 16.47
C TYR A 210 10.23 -5.18 15.77
N SER A 211 9.85 -6.46 15.70
CA SER A 211 8.61 -6.85 15.03
C SER A 211 7.34 -6.32 15.70
N ILE A 212 7.34 -6.26 17.02
CA ILE A 212 6.18 -5.78 17.74
C ILE A 212 5.97 -4.29 17.49
N ALA A 213 7.07 -3.55 17.50
CA ALA A 213 7.04 -2.10 17.27
C ALA A 213 6.61 -1.81 15.84
N GLU A 214 7.19 -2.54 14.90
CA GLU A 214 6.88 -2.37 13.48
C GLU A 214 5.41 -2.67 13.18
N ALA A 215 4.89 -3.76 13.73
CA ALA A 215 3.50 -4.14 13.51
C ALA A 215 2.53 -3.10 14.05
N ALA A 216 2.73 -2.66 15.29
CA ALA A 216 1.86 -1.67 15.89
C ALA A 216 1.84 -0.38 15.07
N PHE A 217 3.02 0.15 14.73
CA PHE A 217 3.10 1.38 13.96
C PHE A 217 2.45 1.31 12.58
N ASN A 218 2.85 0.31 11.79
CA ASN A 218 2.33 0.14 10.44
C ASN A 218 0.84 -0.23 10.46
N LYS A 219 0.36 -0.64 11.64
CA LYS A 219 -1.04 -1.04 11.80
C LYS A 219 -1.87 0.18 12.20
N GLY A 220 -1.19 1.27 12.52
CA GLY A 220 -1.88 2.48 12.93
C GLY A 220 -2.13 2.56 14.42
N GLU A 221 -1.67 1.56 15.16
CA GLU A 221 -1.86 1.52 16.61
C GLU A 221 -1.05 2.57 17.38
N THR A 222 0.24 2.68 17.10
CA THR A 222 1.05 3.67 17.79
C THR A 222 1.32 4.85 16.85
N ALA A 223 1.45 6.05 17.41
CA ALA A 223 1.68 7.26 16.62
C ALA A 223 3.11 7.47 16.20
N MET A 224 4.05 7.01 17.02
CA MET A 224 5.46 7.19 16.69
C MET A 224 6.30 5.93 16.88
N THR A 225 7.45 5.93 16.21
CA THR A 225 8.40 4.84 16.28
C THR A 225 9.78 5.38 15.90
N ILE A 226 10.81 4.60 16.20
CA ILE A 226 12.18 4.99 15.88
C ILE A 226 12.83 3.87 15.08
N ASN A 227 13.18 4.15 13.83
CA ASN A 227 13.78 3.14 12.98
C ASN A 227 14.67 3.75 11.89
N GLY A 228 15.27 2.89 11.07
CA GLY A 228 16.15 3.35 10.01
C GLY A 228 15.51 3.33 8.64
N PRO A 229 16.19 3.85 7.60
CA PRO A 229 15.71 3.91 6.23
C PRO A 229 15.14 2.61 5.68
N TRP A 230 15.74 1.49 6.07
CA TRP A 230 15.27 0.18 5.63
C TRP A 230 13.80 -0.03 5.96
N ALA A 231 13.38 0.50 7.10
CA ALA A 231 12.00 0.36 7.58
C ALA A 231 10.91 1.03 6.76
N TRP A 232 11.27 2.00 5.93
CA TRP A 232 10.29 2.72 5.13
C TRP A 232 9.45 1.88 4.17
N SER A 233 10.06 0.89 3.53
CA SER A 233 9.35 0.03 2.58
C SER A 233 8.07 -0.57 3.13
N ASN A 234 8.17 -1.24 4.28
CA ASN A 234 6.99 -1.85 4.88
C ASN A 234 5.94 -0.83 5.27
N ILE A 235 6.38 0.37 5.64
CA ILE A 235 5.42 1.42 6.01
C ILE A 235 4.74 1.92 4.74
N ASP A 236 5.50 1.96 3.65
CA ASP A 236 4.97 2.41 2.36
C ASP A 236 3.79 1.55 1.93
N THR A 237 3.97 0.24 2.02
CA THR A 237 2.93 -0.70 1.62
C THR A 237 1.85 -0.91 2.66
N SER A 238 1.92 -0.15 3.75
CA SER A 238 0.90 -0.26 4.78
C SER A 238 -0.15 0.79 4.41
N ALA A 239 -1.00 1.17 5.35
CA ALA A 239 -2.02 2.18 5.07
C ALA A 239 -1.62 3.48 5.77
N VAL A 240 -0.69 3.35 6.72
CA VAL A 240 -0.22 4.50 7.48
C VAL A 240 0.43 5.58 6.64
N ASN A 241 -0.01 6.82 6.87
CA ASN A 241 0.53 7.99 6.19
C ASN A 241 1.62 8.46 7.13
N TYR A 242 2.88 8.34 6.72
CA TYR A 242 3.97 8.69 7.60
C TYR A 242 4.94 9.78 7.17
N GLY A 243 5.73 10.22 8.13
CA GLY A 243 6.74 11.24 7.88
C GLY A 243 7.96 10.88 8.70
N VAL A 244 9.12 11.38 8.30
CA VAL A 244 10.36 11.09 9.02
C VAL A 244 10.94 12.42 9.47
N THR A 245 11.33 12.53 10.73
CA THR A 245 11.86 13.79 11.23
C THR A 245 12.95 13.66 12.29
N VAL A 246 13.39 14.80 12.81
CA VAL A 246 14.43 14.82 13.84
C VAL A 246 13.98 14.13 15.11
N LEU A 247 14.88 13.34 15.69
CA LEU A 247 14.57 12.64 16.93
C LEU A 247 14.32 13.67 18.02
N PRO A 248 13.55 13.30 19.05
CA PRO A 248 13.23 14.21 20.16
C PRO A 248 14.48 14.61 20.91
N THR A 249 14.48 15.82 21.47
CA THR A 249 15.64 16.30 22.23
C THR A 249 15.45 15.88 23.68
N PHE A 250 16.54 15.84 24.43
CA PHE A 250 16.48 15.48 25.84
C PHE A 250 17.24 16.52 26.65
N LYS A 251 16.53 17.18 27.56
CA LYS A 251 17.13 18.22 28.39
C LYS A 251 17.78 19.27 27.49
N GLY A 252 17.02 19.72 26.50
CA GLY A 252 17.51 20.74 25.57
C GLY A 252 18.63 20.26 24.67
N GLN A 253 18.98 18.99 24.78
CA GLN A 253 20.04 18.41 23.98
C GLN A 253 19.50 17.38 23.00
N PRO A 254 20.03 17.35 21.77
CA PRO A 254 19.57 16.40 20.75
C PRO A 254 19.96 14.95 21.05
N SER A 255 19.16 14.01 20.55
CA SER A 255 19.44 12.60 20.73
C SER A 255 20.63 12.29 19.83
N LYS A 256 21.62 11.59 20.36
CA LYS A 256 22.82 11.28 19.59
C LYS A 256 22.90 9.81 19.17
N PRO A 257 22.16 9.44 18.12
CA PRO A 257 22.20 8.04 17.67
C PRO A 257 23.57 7.68 17.08
N PHE A 258 23.95 6.42 17.21
CA PHE A 258 25.21 5.96 16.66
C PHE A 258 25.02 5.74 15.16
N VAL A 259 25.79 6.48 14.37
CA VAL A 259 25.68 6.37 12.92
C VAL A 259 26.59 5.26 12.41
N GLY A 260 26.02 4.41 11.56
CA GLY A 260 26.78 3.31 11.01
C GLY A 260 26.79 3.31 9.49
N VAL A 261 27.83 2.72 8.93
CA VAL A 261 27.96 2.67 7.49
C VAL A 261 27.85 1.22 7.04
N LEU A 262 26.81 0.92 6.26
CA LEU A 262 26.61 -0.43 5.75
C LEU A 262 27.79 -0.72 4.84
N SER A 263 28.59 -1.71 5.22
CA SER A 263 29.79 -2.06 4.44
C SER A 263 29.76 -3.49 3.93
N ALA A 264 30.51 -3.72 2.86
CA ALA A 264 30.63 -5.04 2.25
C ALA A 264 32.09 -5.47 2.37
N GLY A 265 32.31 -6.59 3.07
CA GLY A 265 33.66 -7.09 3.23
C GLY A 265 33.89 -8.38 2.47
N ILE A 266 35.15 -8.63 2.13
CA ILE A 266 35.51 -9.85 1.41
C ILE A 266 36.24 -10.79 2.38
N ASN A 267 35.70 -12.00 2.52
CA ASN A 267 36.27 -13.02 3.41
C ASN A 267 37.70 -13.34 3.02
N ALA A 268 38.60 -13.30 4.00
CA ALA A 268 40.01 -13.57 3.75
C ALA A 268 40.24 -14.94 3.12
N ALA A 269 39.54 -15.96 3.63
CA ALA A 269 39.70 -17.31 3.12
C ALA A 269 38.92 -17.53 1.83
N SER A 270 38.66 -16.45 1.10
CA SER A 270 37.91 -16.54 -0.15
C SER A 270 38.81 -16.68 -1.38
N PRO A 271 38.47 -17.61 -2.28
CA PRO A 271 39.25 -17.85 -3.49
C PRO A 271 38.68 -17.02 -4.64
N ASN A 272 37.67 -16.21 -4.33
CA ASN A 272 37.02 -15.38 -5.33
C ASN A 272 37.10 -13.90 -4.98
N LYS A 273 38.27 -13.46 -4.52
CA LYS A 273 38.45 -12.06 -4.14
C LYS A 273 38.37 -11.13 -5.35
N GLU A 274 38.74 -11.64 -6.52
CA GLU A 274 38.69 -10.83 -7.73
C GLU A 274 37.27 -10.72 -8.24
N LEU A 275 36.53 -11.81 -8.14
CA LEU A 275 35.14 -11.82 -8.58
C LEU A 275 34.34 -10.95 -7.63
N ALA A 276 34.79 -10.89 -6.38
CA ALA A 276 34.12 -10.07 -5.37
C ALA A 276 34.35 -8.60 -5.69
N LYS A 277 35.58 -8.24 -6.03
CA LYS A 277 35.92 -6.87 -6.37
C LYS A 277 35.08 -6.39 -7.55
N GLU A 278 34.98 -7.23 -8.58
CA GLU A 278 34.21 -6.93 -9.78
C GLU A 278 32.77 -6.61 -9.40
N PHE A 279 32.10 -7.56 -8.76
CA PHE A 279 30.72 -7.40 -8.32
C PHE A 279 30.50 -6.09 -7.58
N LEU A 280 31.18 -5.94 -6.44
CA LEU A 280 31.06 -4.74 -5.61
C LEU A 280 31.36 -3.42 -6.31
N GLU A 281 32.51 -3.33 -6.98
CA GLU A 281 32.90 -2.09 -7.65
C GLU A 281 32.20 -1.79 -8.96
N ASN A 282 31.79 -2.83 -9.69
CA ASN A 282 31.16 -2.62 -10.97
C ASN A 282 29.71 -3.05 -11.16
N TYR A 283 29.07 -3.55 -10.11
CA TYR A 283 27.68 -3.97 -10.21
C TYR A 283 26.82 -3.43 -9.08
N LEU A 284 27.35 -3.43 -7.86
CA LEU A 284 26.59 -2.92 -6.73
C LEU A 284 26.81 -1.41 -6.59
N LEU A 285 28.05 -1.01 -6.41
CA LEU A 285 28.40 0.40 -6.24
C LEU A 285 28.26 1.26 -7.50
N THR A 286 27.14 1.10 -8.20
CA THR A 286 26.85 1.87 -9.39
C THR A 286 25.48 2.49 -9.13
N ASP A 287 25.11 3.52 -9.88
CA ASP A 287 23.80 4.13 -9.68
C ASP A 287 22.71 3.09 -9.92
N GLU A 288 22.89 2.26 -10.94
CA GLU A 288 21.90 1.22 -11.24
C GLU A 288 21.95 0.13 -10.19
N GLY A 289 23.14 -0.08 -9.64
CA GLY A 289 23.32 -1.09 -8.61
C GLY A 289 22.65 -0.74 -7.30
N LEU A 290 22.98 0.43 -6.75
CA LEU A 290 22.40 0.87 -5.50
C LEU A 290 20.89 1.09 -5.59
N GLU A 291 20.40 1.41 -6.79
CA GLU A 291 18.97 1.62 -6.96
C GLU A 291 18.20 0.33 -6.78
N ALA A 292 18.69 -0.74 -7.40
CA ALA A 292 18.05 -2.04 -7.30
C ALA A 292 17.91 -2.46 -5.83
N VAL A 293 18.97 -2.24 -5.05
CA VAL A 293 18.97 -2.57 -3.64
C VAL A 293 18.06 -1.60 -2.88
N ASN A 294 18.16 -0.33 -3.22
CA ASN A 294 17.36 0.71 -2.56
C ASN A 294 15.85 0.60 -2.77
N LYS A 295 15.43 0.14 -3.95
CA LYS A 295 14.00 0.01 -4.23
C LYS A 295 13.37 -1.00 -3.28
N ASP A 296 14.11 -2.07 -3.02
CA ASP A 296 13.65 -3.14 -2.13
C ASP A 296 13.58 -2.62 -0.70
N LYS A 297 14.69 -2.02 -0.25
CA LYS A 297 14.79 -1.47 1.08
C LYS A 297 15.72 -0.27 1.02
N PRO A 298 15.23 0.91 1.42
CA PRO A 298 16.07 2.11 1.39
C PRO A 298 17.38 1.92 2.16
N LEU A 299 18.48 2.32 1.54
CA LEU A 299 19.81 2.19 2.13
C LEU A 299 20.21 3.41 2.98
N GLY A 300 19.59 4.55 2.70
CA GLY A 300 19.95 5.75 3.43
C GLY A 300 20.81 6.59 2.50
N ALA A 301 21.85 7.23 3.05
CA ALA A 301 22.74 8.06 2.24
C ALA A 301 23.87 7.21 1.67
N VAL A 302 23.68 6.73 0.45
CA VAL A 302 24.67 5.88 -0.20
C VAL A 302 26.05 6.55 -0.27
N ALA A 303 27.10 5.73 -0.20
CA ALA A 303 28.46 6.22 -0.25
C ALA A 303 28.86 6.67 -1.66
N LEU A 304 28.07 6.27 -2.65
CA LEU A 304 28.35 6.64 -4.03
C LEU A 304 27.87 8.06 -4.29
N LYS A 305 28.83 8.97 -4.50
CA LYS A 305 28.53 10.37 -4.75
C LYS A 305 27.36 10.59 -5.69
N SER A 306 27.45 10.02 -6.89
CA SER A 306 26.41 10.20 -7.89
C SER A 306 24.99 9.87 -7.42
N TYR A 307 24.79 8.69 -6.83
CA TYR A 307 23.46 8.31 -6.39
C TYR A 307 23.02 9.06 -5.13
N GLU A 308 23.93 9.19 -4.18
CA GLU A 308 23.65 9.91 -2.92
C GLU A 308 23.18 11.31 -3.28
N GLU A 309 23.73 11.80 -4.38
CA GLU A 309 23.41 13.13 -4.89
C GLU A 309 22.01 13.17 -5.50
N GLU A 310 21.63 12.09 -6.18
CA GLU A 310 20.32 12.03 -6.82
C GLU A 310 19.19 11.89 -5.80
N LEU A 311 19.38 11.01 -4.83
CA LEU A 311 18.35 10.78 -3.80
C LEU A 311 18.44 11.76 -2.65
N ALA A 312 19.36 12.71 -2.74
CA ALA A 312 19.55 13.70 -1.68
C ALA A 312 18.37 14.66 -1.54
N LYS A 313 17.45 14.61 -2.49
CA LYS A 313 16.28 15.48 -2.48
C LYS A 313 15.08 14.83 -1.79
N ASP A 314 15.34 13.79 -1.01
CA ASP A 314 14.28 13.08 -0.31
C ASP A 314 14.11 13.66 1.09
N PRO A 315 12.87 14.05 1.45
CA PRO A 315 12.60 14.62 2.77
C PRO A 315 13.06 13.68 3.87
N ARG A 316 12.73 12.40 3.70
CA ARG A 316 13.10 11.36 4.64
C ARG A 316 14.62 11.26 4.79
N ILE A 317 15.33 11.29 3.67
CA ILE A 317 16.77 11.22 3.70
C ILE A 317 17.35 12.50 4.33
N ALA A 318 16.71 13.62 4.02
CA ALA A 318 17.13 14.90 4.56
C ALA A 318 17.07 14.81 6.08
N ALA A 319 16.04 14.13 6.58
CA ALA A 319 15.86 13.95 8.02
C ALA A 319 16.99 13.10 8.57
N THR A 320 17.21 11.95 7.92
CA THR A 320 18.24 11.01 8.33
C THR A 320 19.61 11.68 8.42
N MET A 321 19.90 12.55 7.45
CA MET A 321 21.17 13.26 7.44
C MET A 321 21.24 14.19 8.64
N GLU A 322 20.11 14.79 9.00
CA GLU A 322 20.07 15.70 10.13
C GLU A 322 20.38 14.94 11.41
N ASN A 323 19.81 13.75 11.54
CA ASN A 323 20.04 12.94 12.72
C ASN A 323 21.48 12.46 12.79
N ALA A 324 22.06 12.13 11.64
CA ALA A 324 23.44 11.67 11.58
C ALA A 324 24.40 12.76 12.03
N GLN A 325 24.16 13.99 11.59
CA GLN A 325 25.01 15.13 11.94
C GLN A 325 25.04 15.37 13.45
N LYS A 326 23.89 15.23 14.09
CA LYS A 326 23.78 15.44 15.53
C LYS A 326 24.40 14.30 16.33
N GLY A 327 24.41 13.10 15.76
CA GLY A 327 25.00 11.96 16.43
C GLY A 327 26.39 11.75 15.86
N GLU A 328 27.06 10.67 16.28
CA GLU A 328 28.40 10.41 15.74
C GLU A 328 28.54 9.03 15.13
N ILE A 329 29.51 8.90 14.22
CA ILE A 329 29.77 7.65 13.53
C ILE A 329 30.47 6.66 14.47
N MET A 330 29.87 5.49 14.64
CA MET A 330 30.44 4.46 15.50
C MET A 330 31.91 4.15 15.26
N PRO A 331 32.65 3.81 16.32
CA PRO A 331 34.07 3.48 16.15
C PRO A 331 34.06 2.05 15.60
N ASN A 332 35.09 1.64 14.87
CA ASN A 332 35.09 0.28 14.35
C ASN A 332 36.00 -0.68 15.13
N ILE A 333 36.60 -0.21 16.22
CA ILE A 333 37.48 -1.06 17.01
C ILE A 333 36.81 -2.37 17.48
N PRO A 334 37.60 -3.43 17.68
CA PRO A 334 37.13 -4.75 18.12
C PRO A 334 36.37 -4.76 19.44
N GLN A 335 36.65 -3.78 20.29
CA GLN A 335 36.02 -3.69 21.60
C GLN A 335 34.54 -3.27 21.49
N MET A 336 34.14 -2.86 20.29
CA MET A 336 32.77 -2.43 20.05
C MET A 336 31.71 -3.48 20.36
N SER A 337 32.04 -4.75 20.18
CA SER A 337 31.09 -5.82 20.47
C SER A 337 30.81 -5.88 21.96
N ALA A 338 31.84 -5.70 22.77
CA ALA A 338 31.69 -5.70 24.22
C ALA A 338 30.73 -4.56 24.58
N PHE A 339 31.09 -3.36 24.13
CA PHE A 339 30.28 -2.18 24.38
C PHE A 339 28.80 -2.49 24.15
N TRP A 340 28.49 -3.08 22.99
CA TRP A 340 27.11 -3.41 22.64
C TRP A 340 26.46 -4.41 23.60
N TYR A 341 27.16 -5.51 23.90
CA TYR A 341 26.60 -6.50 24.81
C TYR A 341 26.31 -5.89 26.18
N ALA A 342 27.25 -5.08 26.66
CA ALA A 342 27.13 -4.44 27.96
C ALA A 342 25.88 -3.57 28.00
N VAL A 343 25.82 -2.60 27.10
CA VAL A 343 24.68 -1.70 27.03
C VAL A 343 23.38 -2.47 26.80
N ARG A 344 23.41 -3.42 25.88
CA ARG A 344 22.22 -4.22 25.59
C ARG A 344 21.68 -4.86 26.86
N THR A 345 22.60 -5.36 27.68
CA THR A 345 22.24 -6.02 28.93
C THR A 345 21.75 -5.04 30.00
N ALA A 346 22.38 -3.87 30.07
CA ALA A 346 22.01 -2.87 31.05
C ALA A 346 20.61 -2.36 30.77
N VAL A 347 20.35 -2.04 29.51
CA VAL A 347 19.04 -1.53 29.10
C VAL A 347 17.95 -2.55 29.40
N ILE A 348 18.14 -3.78 28.94
CA ILE A 348 17.17 -4.84 29.16
C ILE A 348 16.87 -5.10 30.62
N ASN A 349 17.90 -5.19 31.45
CA ASN A 349 17.70 -5.44 32.87
C ASN A 349 17.04 -4.25 33.57
N ALA A 350 17.51 -3.05 33.25
CA ALA A 350 16.96 -1.85 33.85
C ALA A 350 15.49 -1.67 33.49
N ALA A 351 15.13 -2.06 32.27
CA ALA A 351 13.76 -1.94 31.79
C ALA A 351 12.85 -3.02 32.36
N SER A 352 13.44 -4.15 32.70
CA SER A 352 12.68 -5.28 33.26
C SER A 352 12.60 -5.21 34.77
N GLY A 353 13.45 -4.38 35.37
CA GLY A 353 13.47 -4.26 36.81
C GLY A 353 14.47 -5.21 37.40
N ARG A 354 15.09 -6.03 36.56
CA ARG A 354 16.09 -6.99 37.02
C ARG A 354 17.20 -6.25 37.76
N GLN A 355 17.52 -5.05 37.29
CA GLN A 355 18.55 -4.24 37.91
C GLN A 355 18.09 -2.79 37.91
N THR A 356 18.62 -1.99 38.83
CA THR A 356 18.27 -0.58 38.90
C THR A 356 19.14 0.10 37.86
N VAL A 357 18.75 1.30 37.44
CA VAL A 357 19.53 2.03 36.44
C VAL A 357 21.00 2.10 36.83
N ASP A 358 21.29 2.33 38.10
CA ASP A 358 22.67 2.43 38.56
C ASP A 358 23.40 1.10 38.52
N ALA A 359 22.78 0.05 39.06
CA ALA A 359 23.41 -1.27 39.06
C ALA A 359 23.73 -1.70 37.64
N ALA A 360 22.77 -1.53 36.74
CA ALA A 360 22.92 -1.92 35.35
C ALA A 360 24.09 -1.24 34.64
N LEU A 361 24.08 0.09 34.62
CA LEU A 361 25.13 0.83 33.95
C LEU A 361 26.52 0.61 34.56
N ALA A 362 26.58 0.48 35.89
CA ALA A 362 27.86 0.24 36.55
C ALA A 362 28.44 -1.07 36.01
N ALA A 363 27.58 -2.07 35.86
CA ALA A 363 27.99 -3.36 35.35
C ALA A 363 28.37 -3.24 33.87
N ALA A 364 27.70 -2.35 33.17
CA ALA A 364 27.97 -2.12 31.75
C ALA A 364 29.34 -1.49 31.61
N GLN A 365 29.67 -0.61 32.55
CA GLN A 365 30.96 0.09 32.54
C GLN A 365 32.07 -0.96 32.61
N THR A 366 31.83 -2.01 33.40
CA THR A 366 32.80 -3.09 33.56
C THR A 366 32.78 -4.02 32.34
N ASN A 367 31.61 -4.54 32.03
CA ASN A 367 31.44 -5.45 30.90
C ASN A 367 31.91 -4.91 29.56
N ALA A 368 31.80 -3.61 29.36
CA ALA A 368 32.21 -2.99 28.11
C ALA A 368 33.74 -3.06 27.95
N ALA A 369 34.43 -3.43 29.02
CA ALA A 369 35.89 -3.52 28.99
C ALA A 369 36.37 -4.97 29.11
N ALA A 370 35.45 -5.92 29.06
CA ALA A 370 35.81 -7.33 29.16
C ALA A 370 36.17 -7.93 27.80
N ASP A 371 36.76 -9.12 27.81
CA ASP A 371 37.17 -9.80 26.58
C ASP A 371 35.98 -10.14 25.70
N PRO A 372 35.89 -9.50 24.52
CA PRO A 372 34.78 -9.76 23.60
C PRO A 372 34.64 -11.25 23.28
N ILE A 373 33.41 -11.74 23.33
CA ILE A 373 33.13 -13.14 23.03
C ILE A 373 31.86 -13.23 22.20
N HIS A 374 31.55 -14.42 21.72
CA HIS A 374 30.34 -14.63 20.93
C HIS A 374 29.18 -14.71 21.89
N TYR A 375 28.94 -13.60 22.59
CA TYR A 375 27.89 -13.48 23.57
C TYR A 375 26.65 -14.33 23.29
N ASP A 376 25.90 -13.97 22.27
CA ASP A 376 24.71 -14.74 21.91
C ASP A 376 24.99 -16.23 21.97
N LYS A 377 25.98 -16.68 21.21
CA LYS A 377 26.39 -18.08 21.15
C LYS A 377 26.50 -18.71 22.54
N ILE A 378 27.33 -18.10 23.39
CA ILE A 378 27.54 -18.61 24.73
C ILE A 378 26.30 -18.48 25.61
N THR A 379 25.54 -17.41 25.43
CA THR A 379 24.32 -17.20 26.21
C THR A 379 23.32 -18.32 25.95
N GLU A 380 22.94 -18.49 24.69
CA GLU A 380 21.99 -19.53 24.32
C GLU A 380 22.48 -20.85 24.89
N GLU A 381 23.79 -21.04 24.80
CA GLU A 381 24.46 -22.23 25.29
C GLU A 381 24.21 -22.47 26.78
N ILE A 382 24.58 -21.49 27.60
CA ILE A 382 24.41 -21.62 29.03
C ILE A 382 22.93 -21.70 29.45
N ASN A 383 22.07 -20.91 28.81
CA ASN A 383 20.65 -20.97 29.13
C ASN A 383 20.24 -22.42 28.97
N LYS A 384 20.61 -23.00 27.83
CA LYS A 384 20.31 -24.39 27.51
C LYS A 384 20.77 -25.32 28.63
N ALA A 385 21.95 -25.06 29.17
CA ALA A 385 22.47 -25.87 30.25
C ALA A 385 21.54 -25.84 31.45
N VAL A 386 21.30 -24.63 31.97
CA VAL A 386 20.43 -24.44 33.12
C VAL A 386 19.04 -25.04 32.89
N ASP A 387 18.45 -24.70 31.74
CA ASP A 387 17.12 -25.22 31.41
C ASP A 387 17.05 -26.73 31.61
N GLU A 388 17.85 -27.45 30.85
CA GLU A 388 17.87 -28.91 30.94
C GLU A 388 18.12 -29.36 32.37
N ALA A 389 18.93 -28.61 33.11
CA ALA A 389 19.24 -28.95 34.50
C ALA A 389 17.99 -28.78 35.36
N VAL A 390 17.30 -27.67 35.18
CA VAL A 390 16.09 -27.38 35.92
C VAL A 390 14.99 -28.37 35.56
N ALA A 391 14.97 -28.78 34.29
CA ALA A 391 13.98 -29.73 33.81
C ALA A 391 14.21 -31.10 34.43
N ALA A 392 15.48 -31.38 34.76
CA ALA A 392 15.85 -32.65 35.38
C ALA A 392 15.32 -32.65 36.80
N ILE A 393 15.42 -31.50 37.47
CA ILE A 393 14.94 -31.35 38.84
C ILE A 393 13.44 -31.57 38.84
N GLU A 394 12.77 -31.06 37.81
CA GLU A 394 11.33 -31.19 37.68
C GLU A 394 10.92 -32.66 37.67
N LYS A 395 11.80 -33.50 37.13
CA LYS A 395 11.53 -34.94 37.06
C LYS A 395 11.47 -35.55 38.45
N SER A 396 12.50 -35.32 39.25
CA SER A 396 12.54 -35.85 40.62
C SER A 396 11.35 -35.30 41.39
N GLU A 397 10.97 -35.99 42.48
CA GLU A 397 9.84 -35.56 43.28
C GLU A 397 10.29 -35.13 44.66
N THR A 398 11.60 -35.20 44.91
CA THR A 398 12.16 -34.85 46.20
C THR A 398 11.98 -33.39 46.61
N PHE A 399 11.75 -32.51 45.63
CA PHE A 399 11.60 -31.09 45.95
C PHE A 399 10.19 -30.52 45.83
N ASP A 400 9.25 -31.33 45.36
CA ASP A 400 7.87 -30.87 45.24
C ASP A 400 6.90 -32.03 45.20
N PRO A 401 6.21 -32.28 46.33
CA PRO A 401 6.33 -31.50 47.58
C PRO A 401 7.65 -31.71 48.30
N MET A 402 8.28 -30.62 48.72
CA MET A 402 9.55 -30.66 49.44
C MET A 402 9.31 -30.72 50.94
N LYS A 403 9.66 -31.84 51.56
CA LYS A 403 9.49 -31.99 52.99
C LYS A 403 10.48 -31.07 53.71
N VAL A 404 10.03 -30.47 54.81
CA VAL A 404 10.89 -29.57 55.58
C VAL A 404 10.86 -29.95 57.06
N PRO A 405 12.06 -30.07 57.67
CA PRO A 405 12.20 -30.42 59.09
C PRO A 405 11.44 -29.49 60.02
N ASP A 406 10.83 -30.05 61.06
CA ASP A 406 10.06 -29.26 62.01
C ASP A 406 10.91 -28.10 62.54
N HIS A 407 10.27 -27.19 63.26
CA HIS A 407 10.98 -26.05 63.82
C HIS A 407 10.23 -25.46 65.00
N SER A 408 10.96 -25.11 66.04
CA SER A 408 10.37 -24.53 67.25
C SER A 408 11.17 -23.29 67.63
N ASP A 409 10.48 -22.26 68.11
CA ASP A 409 11.15 -21.03 68.51
C ASP A 409 10.35 -20.26 69.56
N LYS A 410 11.06 -19.61 70.47
CA LYS A 410 10.43 -18.83 71.52
C LYS A 410 10.57 -17.35 71.20
N PHE A 411 9.53 -16.57 71.49
CA PHE A 411 9.55 -15.14 71.23
C PHE A 411 8.90 -14.36 72.37
N GLU A 412 8.70 -13.07 72.15
CA GLU A 412 8.08 -12.22 73.16
C GLU A 412 8.06 -10.76 72.74
N ARG A 413 7.02 -10.05 73.17
CA ARG A 413 6.87 -8.64 72.85
C ARG A 413 6.13 -7.93 73.97
N HIS A 414 6.74 -6.87 74.48
CA HIS A 414 6.16 -6.08 75.57
C HIS A 414 4.86 -5.42 75.15
N ILE A 415 3.77 -6.18 75.15
CA ILE A 415 2.43 -5.68 74.78
C ILE A 415 1.53 -5.20 75.94
N GLY A 416 1.79 -3.98 76.42
CA GLY A 416 0.97 -3.37 77.48
C GLY A 416 1.50 -3.33 78.90
N ILE A 417 0.88 -4.17 79.73
CA ILE A 417 1.20 -4.39 81.14
C ILE A 417 1.64 -5.86 81.26
N ILE A 418 2.43 -6.29 80.28
CA ILE A 418 2.95 -7.65 80.20
C ILE A 418 4.10 -7.79 79.18
N ASP A 419 5.16 -8.50 79.57
CA ASP A 419 6.32 -8.73 78.71
C ASP A 419 5.91 -10.02 78.01
N LEU A 420 4.75 -9.97 77.35
CA LEU A 420 4.15 -11.11 76.67
C LEU A 420 5.11 -12.17 76.15
N LYS A 421 5.18 -13.28 76.88
CA LYS A 421 6.05 -14.38 76.49
C LYS A 421 5.18 -15.45 75.83
N GLY A 422 5.81 -16.35 75.10
CA GLY A 422 5.06 -17.41 74.43
C GLY A 422 5.80 -17.94 73.22
N GLU A 423 5.70 -19.25 72.99
CA GLU A 423 6.37 -19.86 71.86
C GLU A 423 5.41 -20.72 71.02
N LEU A 424 5.92 -21.23 69.91
CA LEU A 424 5.16 -22.08 69.01
C LEU A 424 6.09 -22.97 68.20
N ASP A 425 5.56 -24.08 67.70
CA ASP A 425 6.36 -25.01 66.91
C ASP A 425 5.62 -25.53 65.68
N MET A 426 6.34 -25.64 64.57
CA MET A 426 5.78 -26.10 63.30
C MET A 426 6.12 -27.55 62.97
N ARG A 427 5.14 -28.28 62.44
CA ARG A 427 5.32 -29.68 62.08
C ARG A 427 4.70 -29.96 60.71
N ASN A 428 5.15 -31.03 60.07
CA ASN A 428 4.64 -31.43 58.76
C ASN A 428 4.78 -30.31 57.73
N ILE A 429 5.92 -29.63 57.77
CA ILE A 429 6.21 -28.53 56.87
C ILE A 429 6.50 -29.01 55.45
N GLN A 430 5.81 -28.44 54.48
CA GLN A 430 6.00 -28.83 53.08
C GLN A 430 5.95 -27.67 52.08
N VAL A 431 6.99 -27.55 51.28
CA VAL A 431 7.05 -26.51 50.26
C VAL A 431 6.41 -27.11 49.02
N ARG A 432 5.65 -26.31 48.29
CA ARG A 432 4.98 -26.80 47.09
C ARG A 432 5.04 -25.77 45.97
N GLY A 433 5.02 -26.27 44.74
CA GLY A 433 5.06 -25.38 43.59
C GLY A 433 6.44 -25.20 42.98
N LEU A 434 7.45 -25.86 43.52
CA LEU A 434 8.80 -25.73 42.97
C LEU A 434 8.98 -26.52 41.68
N LYS A 435 7.92 -27.19 41.25
CA LYS A 435 7.96 -27.97 40.01
C LYS A 435 7.73 -27.05 38.82
N GLN A 436 7.51 -25.76 39.10
CA GLN A 436 7.28 -24.80 38.03
C GLN A 436 8.29 -23.67 38.02
N MET A 437 9.49 -23.92 38.52
CA MET A 437 10.51 -22.88 38.52
C MET A 437 11.36 -22.90 37.26
N LYS A 438 11.17 -21.90 36.40
CA LYS A 438 11.91 -21.78 35.16
C LYS A 438 13.01 -20.75 35.29
N ARG A 439 13.72 -20.51 34.20
CA ARG A 439 14.78 -19.53 34.14
C ARG A 439 14.15 -18.20 33.74
N VAL A 440 14.42 -17.16 34.53
CA VAL A 440 13.87 -15.84 34.25
C VAL A 440 14.92 -14.96 33.58
N GLY A 441 14.76 -14.74 32.27
CA GLY A 441 15.71 -13.90 31.55
C GLY A 441 16.96 -14.65 31.12
N ASP A 442 17.79 -13.97 30.34
CA ASP A 442 19.03 -14.56 29.84
C ASP A 442 20.16 -14.55 30.84
N ALA A 443 21.14 -15.42 30.59
CA ALA A 443 22.32 -15.52 31.42
C ALA A 443 23.16 -14.28 31.11
N ASN A 444 23.57 -13.56 32.14
CA ASN A 444 24.39 -12.38 31.95
C ASN A 444 25.83 -12.85 32.02
N VAL A 445 26.44 -12.95 30.85
CA VAL A 445 27.80 -13.46 30.71
C VAL A 445 28.94 -12.44 30.59
N LYS A 446 30.11 -12.86 31.04
CA LYS A 446 31.33 -12.06 31.00
C LYS A 446 32.53 -13.00 30.97
N SER A 447 33.58 -12.62 30.23
CA SER A 447 34.77 -13.45 30.13
C SER A 447 36.01 -12.75 30.70
N GLU A 448 36.68 -13.45 31.62
CA GLU A 448 37.89 -12.94 32.26
C GLU A 448 38.99 -14.00 32.25
N ASP A 449 40.21 -13.59 31.93
CA ASP A 449 41.35 -14.50 31.92
C ASP A 449 41.02 -15.83 31.21
N GLY A 450 40.09 -15.78 30.27
CA GLY A 450 39.73 -17.00 29.55
C GLY A 450 38.62 -17.80 30.19
N VAL A 451 38.16 -17.36 31.36
CA VAL A 451 37.08 -18.06 32.05
C VAL A 451 35.78 -17.25 31.98
N VAL A 452 34.71 -17.94 31.61
CA VAL A 452 33.40 -17.30 31.48
C VAL A 452 32.57 -17.42 32.74
N LYS A 453 32.09 -16.28 33.23
CA LYS A 453 31.25 -16.22 34.43
C LYS A 453 29.83 -15.90 34.00
N ALA A 454 28.85 -16.59 34.58
CA ALA A 454 27.46 -16.36 34.23
C ALA A 454 26.55 -16.26 35.45
N HIS A 455 25.66 -15.26 35.40
CA HIS A 455 24.70 -15.04 36.48
C HIS A 455 23.30 -15.23 35.91
N LEU A 456 22.48 -15.99 36.61
CA LEU A 456 21.12 -16.23 36.16
C LEU A 456 20.10 -16.12 37.28
N LEU A 457 18.84 -16.32 36.94
CA LEU A 457 17.74 -16.26 37.89
C LEU A 457 16.76 -17.37 37.58
N VAL A 458 16.48 -18.20 38.58
CA VAL A 458 15.54 -19.29 38.43
C VAL A 458 14.44 -19.06 39.46
N GLY A 459 13.20 -18.95 39.01
CA GLY A 459 12.12 -18.72 39.93
C GLY A 459 10.74 -19.14 39.47
N VAL A 460 9.77 -18.99 40.38
CA VAL A 460 8.39 -19.34 40.10
C VAL A 460 7.51 -18.09 40.09
N HIS A 461 7.47 -17.42 38.94
CA HIS A 461 6.68 -16.21 38.81
C HIS A 461 5.33 -16.55 38.19
N ASP A 462 4.33 -15.72 38.45
CA ASP A 462 2.99 -15.95 37.92
C ASP A 462 2.46 -17.27 38.48
N ASP A 463 2.91 -17.59 39.69
CA ASP A 463 2.52 -18.80 40.39
C ASP A 463 2.84 -18.56 41.86
N VAL A 464 2.72 -19.60 42.69
CA VAL A 464 3.01 -19.44 44.11
C VAL A 464 3.66 -20.66 44.74
N VAL A 465 4.56 -20.40 45.67
CA VAL A 465 5.25 -21.45 46.40
C VAL A 465 4.65 -21.46 47.80
N SER A 466 3.68 -22.34 48.03
CA SER A 466 3.03 -22.43 49.33
C SER A 466 3.71 -23.42 50.25
N MET A 467 3.71 -23.12 51.55
CA MET A 467 4.30 -23.99 52.54
C MET A 467 3.22 -24.32 53.57
N GLU A 468 2.54 -25.45 53.35
CA GLU A 468 1.48 -25.88 54.24
C GLU A 468 2.11 -26.61 55.42
N TYR A 469 1.48 -26.49 56.59
CA TYR A 469 2.00 -27.16 57.78
C TYR A 469 1.08 -27.03 58.98
N ASP A 470 1.25 -27.95 59.93
CA ASP A 470 0.47 -27.96 61.16
C ASP A 470 1.18 -27.06 62.17
N LEU A 471 0.43 -26.17 62.81
CA LEU A 471 0.99 -25.26 63.79
C LEU A 471 0.36 -25.38 65.16
N ALA A 472 1.09 -24.94 66.16
CA ALA A 472 0.66 -24.97 67.55
C ALA A 472 1.42 -23.88 68.28
N TYR A 473 0.71 -23.07 69.05
CA TYR A 473 1.35 -21.99 69.80
C TYR A 473 0.77 -21.87 71.21
N LYS A 474 1.50 -21.18 72.08
CA LYS A 474 1.09 -21.00 73.46
C LYS A 474 0.73 -19.55 73.77
N LEU A 475 -0.49 -19.34 74.24
CA LEU A 475 -0.97 -18.01 74.59
C LEU A 475 -1.55 -18.08 76.01
N GLY A 476 -0.72 -17.75 76.99
CA GLY A 476 -1.17 -17.78 78.38
C GLY A 476 -1.52 -19.18 78.82
N ASP A 477 -2.80 -19.54 78.68
CA ASP A 477 -3.27 -20.86 79.07
C ASP A 477 -3.89 -21.58 77.87
N LEU A 478 -3.94 -20.88 76.74
CA LEU A 478 -4.50 -21.44 75.51
C LEU A 478 -3.43 -22.15 74.69
N HIS A 479 -3.65 -23.43 74.43
CA HIS A 479 -2.71 -24.23 73.64
C HIS A 479 -3.42 -24.75 72.38
N PRO A 480 -3.67 -23.85 71.41
CA PRO A 480 -4.33 -24.20 70.15
C PRO A 480 -3.47 -24.91 69.11
N ASN A 481 -4.13 -25.77 68.33
CA ASN A 481 -3.48 -26.55 67.28
C ASN A 481 -4.25 -26.39 65.98
N THR A 482 -3.62 -25.79 64.97
CA THR A 482 -4.27 -25.57 63.70
C THR A 482 -3.35 -25.83 62.50
N HIS A 483 -3.83 -25.50 61.30
CA HIS A 483 -3.07 -25.69 60.07
C HIS A 483 -2.81 -24.34 59.38
N VAL A 484 -1.56 -24.12 58.96
CA VAL A 484 -1.18 -22.87 58.31
C VAL A 484 -0.76 -23.01 56.85
N ILE A 485 -0.97 -21.95 56.08
CA ILE A 485 -0.60 -21.91 54.67
C ILE A 485 0.03 -20.57 54.35
N SER A 486 1.35 -20.55 54.18
CA SER A 486 2.05 -19.32 53.87
C SER A 486 2.41 -19.26 52.38
N ASP A 487 1.94 -18.22 51.71
CA ASP A 487 2.21 -18.04 50.29
C ASP A 487 3.38 -17.10 50.07
N ILE A 488 4.30 -17.50 49.20
CA ILE A 488 5.47 -16.68 48.89
C ILE A 488 5.32 -16.17 47.47
N GLN A 489 5.38 -14.86 47.29
CA GLN A 489 5.28 -14.28 45.96
C GLN A 489 6.66 -13.91 45.44
N ASP A 490 6.91 -14.25 44.18
CA ASP A 490 8.18 -13.96 43.53
C ASP A 490 9.33 -14.74 44.18
N PHE A 491 9.24 -16.06 44.06
CA PHE A 491 10.27 -16.95 44.59
C PHE A 491 11.39 -16.90 43.56
N VAL A 492 12.59 -16.52 44.00
CA VAL A 492 13.72 -16.42 43.08
C VAL A 492 15.00 -17.05 43.59
N VAL A 493 15.80 -17.56 42.66
CA VAL A 493 17.08 -18.19 42.97
C VAL A 493 18.17 -17.50 42.16
N GLU A 494 19.26 -17.13 42.82
CA GLU A 494 20.36 -16.47 42.14
C GLU A 494 21.47 -17.48 41.84
N LEU A 495 21.70 -17.73 40.55
CA LEU A 495 22.72 -18.67 40.09
C LEU A 495 24.00 -18.02 39.59
N SER A 496 25.12 -18.67 39.88
CA SER A 496 26.43 -18.20 39.43
C SER A 496 27.17 -19.39 38.86
N LEU A 497 27.49 -19.31 37.57
CA LEU A 497 28.19 -20.40 36.89
C LEU A 497 29.56 -19.93 36.42
N GLU A 498 30.42 -20.89 36.14
CA GLU A 498 31.77 -20.60 35.67
C GLU A 498 32.15 -21.69 34.68
N VAL A 499 32.47 -21.28 33.46
CA VAL A 499 32.84 -22.22 32.41
C VAL A 499 34.33 -22.09 32.10
N SER A 500 35.09 -23.10 32.50
CA SER A 500 36.54 -23.14 32.29
C SER A 500 36.89 -23.33 30.82
N GLU A 501 38.16 -23.10 30.49
CA GLU A 501 38.63 -23.25 29.12
C GLU A 501 38.49 -24.70 28.68
N GLU A 502 38.48 -25.61 29.66
CA GLU A 502 38.35 -27.03 29.38
C GLU A 502 36.89 -27.29 29.04
N GLY A 503 36.04 -26.29 29.30
CA GLY A 503 34.63 -26.43 29.02
C GLY A 503 33.85 -26.97 30.21
N ASN A 504 34.46 -26.91 31.40
CA ASN A 504 33.81 -27.40 32.60
C ASN A 504 32.95 -26.35 33.28
N MET A 505 31.68 -26.67 33.47
CA MET A 505 30.73 -25.77 34.10
C MET A 505 30.56 -26.09 35.58
N THR A 506 31.08 -25.21 36.44
CA THR A 506 30.96 -25.40 37.88
C THR A 506 30.13 -24.32 38.55
N LEU A 507 29.22 -24.74 39.43
CA LEU A 507 28.35 -23.83 40.16
C LEU A 507 29.19 -22.93 41.07
N THR A 508 29.12 -21.64 40.84
CA THR A 508 29.88 -20.68 41.64
C THR A 508 29.13 -20.33 42.92
N SER A 509 27.84 -20.06 42.80
CA SER A 509 27.01 -19.70 43.93
C SER A 509 25.54 -20.03 43.71
N PHE A 510 24.84 -20.29 44.80
CA PHE A 510 23.42 -20.62 44.77
C PHE A 510 22.78 -20.10 46.03
N GLU A 511 21.83 -19.19 45.89
CA GLU A 511 21.14 -18.62 47.04
C GLU A 511 19.70 -18.27 46.72
N VAL A 512 18.80 -18.60 47.65
CA VAL A 512 17.39 -18.30 47.50
C VAL A 512 17.19 -16.89 48.02
N ARG A 513 16.98 -15.94 47.12
CA ARG A 513 16.80 -14.55 47.50
C ARG A 513 15.67 -14.42 48.53
N GLN A 514 15.86 -13.53 49.50
CA GLN A 514 14.85 -13.36 50.54
C GLN A 514 13.51 -12.96 49.93
N PHE A 515 12.48 -13.71 50.31
CA PHE A 515 11.12 -13.51 49.83
C PHE A 515 10.66 -12.05 49.88
N ALA A 516 10.13 -11.58 48.75
CA ALA A 516 9.64 -10.22 48.63
C ALA A 516 8.56 -9.96 49.67
N ASN A 517 7.83 -11.01 50.02
CA ASN A 517 6.76 -10.90 51.01
C ASN A 517 6.19 -12.29 51.29
N VAL A 518 5.59 -12.46 52.47
CA VAL A 518 4.99 -13.73 52.86
C VAL A 518 3.63 -13.50 53.47
N VAL A 519 2.61 -14.13 52.88
CA VAL A 519 1.24 -14.00 53.38
C VAL A 519 0.83 -15.27 54.10
N ASN A 520 0.74 -15.17 55.42
CA ASN A 520 0.37 -16.29 56.27
C ASN A 520 -1.14 -16.40 56.45
N HIS A 521 -1.68 -17.59 56.22
CA HIS A 521 -3.11 -17.85 56.39
C HIS A 521 -3.25 -18.82 57.57
N ILE A 522 -3.35 -18.28 58.78
CA ILE A 522 -3.48 -19.10 59.98
C ILE A 522 -4.92 -19.53 60.18
N GLY A 523 -5.19 -20.82 59.98
CA GLY A 523 -6.54 -21.33 60.13
C GLY A 523 -7.24 -20.93 61.43
N GLY A 524 -8.52 -20.61 61.32
CA GLY A 524 -9.30 -20.23 62.48
C GLY A 524 -8.97 -18.86 63.07
N LEU A 525 -7.92 -18.24 62.55
CA LEU A 525 -7.50 -16.93 63.03
C LEU A 525 -7.71 -15.92 61.91
N SER A 526 -8.16 -14.72 62.27
CA SER A 526 -8.43 -13.67 61.28
C SER A 526 -7.40 -12.56 61.35
N ILE A 527 -7.18 -11.88 60.23
CA ILE A 527 -6.24 -10.78 60.15
C ILE A 527 -6.64 -9.69 61.14
N LEU A 528 -7.89 -9.71 61.57
CA LEU A 528 -8.39 -8.72 62.52
C LEU A 528 -8.14 -9.16 63.96
N ASP A 529 -7.81 -10.44 64.14
CA ASP A 529 -7.49 -10.95 65.48
C ASP A 529 -6.15 -10.33 65.84
N PRO A 530 -6.10 -9.54 66.92
CA PRO A 530 -4.89 -8.87 67.39
C PRO A 530 -3.63 -9.73 67.41
N ILE A 531 -3.79 -11.00 67.76
CA ILE A 531 -2.66 -11.91 67.85
C ILE A 531 -2.01 -12.21 66.50
N PHE A 532 -2.83 -12.32 65.45
CA PHE A 532 -2.34 -12.61 64.12
C PHE A 532 -1.05 -11.87 63.79
N ALA A 533 -1.08 -10.55 63.94
CA ALA A 533 0.08 -9.72 63.65
C ALA A 533 1.38 -10.26 64.25
N VAL A 534 1.31 -10.70 65.51
CA VAL A 534 2.48 -11.23 66.17
C VAL A 534 2.91 -12.57 65.58
N LEU A 535 1.96 -13.51 65.51
CA LEU A 535 2.25 -14.82 64.95
C LEU A 535 2.77 -14.70 63.51
N SER A 536 2.05 -13.94 62.70
CA SER A 536 2.42 -13.74 61.30
C SER A 536 3.85 -13.19 61.19
N ASP A 537 4.14 -12.16 61.98
CA ASP A 537 5.46 -11.55 61.98
C ASP A 537 6.54 -12.57 62.30
N VAL A 538 6.23 -13.46 63.24
CA VAL A 538 7.18 -14.49 63.65
C VAL A 538 7.35 -15.58 62.57
N LEU A 539 6.23 -16.06 62.04
CA LEU A 539 6.27 -17.09 61.00
C LEU A 539 7.03 -16.59 59.79
N THR A 540 6.75 -15.36 59.37
CA THR A 540 7.40 -14.77 58.22
C THR A 540 8.90 -14.61 58.48
N ALA A 541 9.25 -14.26 59.71
CA ALA A 541 10.65 -14.07 60.07
C ALA A 541 11.44 -15.36 60.00
N ILE A 542 10.93 -16.42 60.62
CA ILE A 542 11.61 -17.71 60.61
C ILE A 542 11.51 -18.32 59.23
N PHE A 543 10.76 -17.65 58.35
CA PHE A 543 10.58 -18.09 56.97
C PHE A 543 11.76 -17.55 56.18
N GLN A 544 12.09 -16.30 56.45
CA GLN A 544 13.19 -15.60 55.79
C GLN A 544 14.55 -16.04 56.32
N ASP A 545 14.55 -16.97 57.28
CA ASP A 545 15.79 -17.44 57.86
C ASP A 545 15.89 -18.95 57.80
N THR A 546 15.13 -19.62 58.66
CA THR A 546 15.15 -21.08 58.73
C THR A 546 14.71 -21.75 57.43
N VAL A 547 13.44 -21.58 57.06
CA VAL A 547 12.91 -22.19 55.85
C VAL A 547 13.74 -21.88 54.59
N ARG A 548 13.98 -20.60 54.35
CA ARG A 548 14.74 -20.18 53.17
C ARG A 548 16.13 -20.81 53.11
N ALA A 549 16.70 -21.08 54.28
CA ALA A 549 18.03 -21.67 54.34
C ALA A 549 18.01 -23.18 54.12
N GLU A 550 17.13 -23.87 54.83
CA GLU A 550 17.02 -25.32 54.70
C GLU A 550 16.33 -25.65 53.39
N MET A 551 16.21 -24.65 52.53
CA MET A 551 15.58 -24.81 51.22
C MET A 551 16.70 -24.66 50.20
N THR A 552 17.68 -23.85 50.55
CA THR A 552 18.85 -23.59 49.72
C THR A 552 19.79 -24.78 49.82
N LYS A 553 19.96 -25.28 51.04
CA LYS A 553 20.84 -26.41 51.29
C LYS A 553 20.38 -27.67 50.56
N VAL A 554 19.08 -27.73 50.27
CA VAL A 554 18.50 -28.89 49.59
C VAL A 554 18.48 -28.75 48.07
N LEU A 555 18.45 -27.52 47.59
CA LEU A 555 18.42 -27.28 46.14
C LEU A 555 19.80 -27.10 45.56
N ALA A 556 20.74 -26.62 46.37
CA ALA A 556 22.11 -26.39 45.91
C ALA A 556 22.75 -27.66 45.36
N PRO A 557 22.70 -28.77 46.12
CA PRO A 557 23.30 -30.03 45.67
C PRO A 557 22.74 -30.52 44.33
N ALA A 558 21.42 -30.57 44.23
CA ALA A 558 20.77 -31.03 43.00
C ALA A 558 21.19 -30.21 41.78
N PHE A 559 21.42 -28.91 41.98
CA PHE A 559 21.83 -28.04 40.90
C PHE A 559 23.30 -28.18 40.54
N LYS A 560 24.08 -28.75 41.46
CA LYS A 560 25.50 -28.95 41.21
C LYS A 560 25.69 -30.25 40.43
N LYS A 561 25.11 -31.33 40.93
CA LYS A 561 25.23 -32.63 40.29
C LYS A 561 24.76 -32.59 38.83
N GLU A 562 23.84 -31.69 38.52
CA GLU A 562 23.32 -31.57 37.16
C GLU A 562 24.22 -30.72 36.28
N LEU A 563 24.48 -29.50 36.72
CA LEU A 563 25.33 -28.57 35.98
C LEU A 563 26.76 -29.07 35.88
N GLU A 564 27.02 -30.22 36.48
CA GLU A 564 28.35 -30.81 36.47
C GLU A 564 28.34 -32.30 36.13
N ARG A 565 27.19 -32.80 35.70
CA ARG A 565 27.05 -34.21 35.34
C ARG A 565 27.86 -34.45 34.08
N ASN A 566 27.32 -34.01 32.94
CA ASN A 566 27.98 -34.15 31.66
C ASN A 566 29.25 -33.31 31.65
N ASN A 567 29.45 -32.55 32.73
CA ASN A 567 30.61 -31.68 32.89
C ASN A 567 31.90 -32.31 32.41
N GLN A 568 32.10 -33.59 32.73
CA GLN A 568 33.31 -34.29 32.33
C GLN A 568 33.24 -35.76 32.74
N LYS B 1 27.64 -42.57 -6.08
CA LYS B 1 27.93 -43.31 -4.82
C LYS B 1 27.33 -42.58 -3.62
N ILE B 2 26.81 -43.34 -2.66
CA ILE B 2 26.21 -42.77 -1.46
C ILE B 2 26.93 -43.24 -0.19
N GLU B 3 27.52 -42.29 0.54
CA GLU B 3 28.24 -42.57 1.77
C GLU B 3 27.51 -43.60 2.63
N GLU B 4 28.15 -44.74 2.87
CA GLU B 4 27.56 -45.79 3.69
C GLU B 4 27.70 -45.36 5.15
N GLY B 5 26.80 -45.83 6.01
CA GLY B 5 26.87 -45.48 7.41
C GLY B 5 26.60 -44.02 7.67
N LYS B 6 25.88 -43.39 6.74
CA LYS B 6 25.53 -41.97 6.85
C LYS B 6 24.16 -41.73 6.22
N LEU B 7 23.35 -40.90 6.86
CA LEU B 7 22.02 -40.60 6.35
C LEU B 7 21.86 -39.14 5.94
N VAL B 8 21.66 -38.92 4.65
CA VAL B 8 21.45 -37.59 4.11
C VAL B 8 20.01 -37.54 3.61
N ILE B 9 19.22 -36.65 4.19
CA ILE B 9 17.81 -36.52 3.83
C ILE B 9 17.47 -35.27 3.03
N TRP B 10 16.48 -35.41 2.16
CA TRP B 10 16.01 -34.31 1.31
C TRP B 10 14.55 -34.00 1.64
N ILE B 11 14.28 -32.72 1.92
CA ILE B 11 12.93 -32.28 2.24
C ILE B 11 12.75 -30.86 1.65
N ASN B 12 11.51 -30.47 1.38
CA ASN B 12 11.27 -29.15 0.80
C ASN B 12 11.54 -28.02 1.77
N GLY B 13 11.90 -26.86 1.24
CA GLY B 13 12.22 -25.70 2.06
C GLY B 13 11.10 -25.07 2.86
N ASP B 14 9.86 -25.48 2.61
CA ASP B 14 8.72 -24.94 3.34
C ASP B 14 8.34 -25.81 4.53
N LYS B 15 9.00 -26.95 4.67
CA LYS B 15 8.72 -27.87 5.78
C LYS B 15 9.71 -27.66 6.91
N GLY B 16 9.43 -28.28 8.06
CA GLY B 16 10.29 -28.13 9.22
C GLY B 16 11.58 -28.94 9.16
N TYR B 17 12.47 -28.57 8.24
CA TYR B 17 13.73 -29.30 8.09
C TYR B 17 14.68 -29.16 9.29
N ASN B 18 14.75 -27.97 9.89
CA ASN B 18 15.62 -27.80 11.05
C ASN B 18 15.07 -28.64 12.18
N GLY B 19 13.76 -28.88 12.17
CA GLY B 19 13.14 -29.69 13.20
C GLY B 19 13.50 -31.14 12.98
N LEU B 20 13.44 -31.58 11.74
CA LEU B 20 13.78 -32.95 11.38
C LEU B 20 15.26 -33.16 11.63
N ALA B 21 16.00 -32.06 11.72
CA ALA B 21 17.42 -32.11 11.96
C ALA B 21 17.68 -32.47 13.41
N GLU B 22 16.87 -31.90 14.30
CA GLU B 22 17.00 -32.16 15.73
C GLU B 22 16.78 -33.65 16.00
N VAL B 23 15.75 -34.21 15.36
CA VAL B 23 15.45 -35.63 15.53
C VAL B 23 16.49 -36.46 14.79
N GLY B 24 17.41 -35.77 14.13
CA GLY B 24 18.46 -36.46 13.39
C GLY B 24 19.69 -36.63 14.26
N LYS B 25 19.98 -35.62 15.08
CA LYS B 25 21.11 -35.67 15.99
C LYS B 25 20.80 -36.70 17.06
N LYS B 26 19.50 -36.92 17.28
CA LYS B 26 19.04 -37.90 18.27
C LYS B 26 19.48 -39.27 17.76
N PHE B 27 19.17 -39.55 16.50
CA PHE B 27 19.54 -40.82 15.89
C PHE B 27 21.06 -41.00 15.96
N GLU B 28 21.78 -39.89 15.84
CA GLU B 28 23.24 -39.94 15.90
C GLU B 28 23.70 -40.29 17.31
N LYS B 29 23.31 -39.48 18.28
CA LYS B 29 23.68 -39.71 19.67
C LYS B 29 23.11 -41.03 20.19
N ASP B 30 22.58 -41.84 19.28
CA ASP B 30 22.03 -43.15 19.65
C ASP B 30 22.43 -44.23 18.67
N THR B 31 23.19 -43.86 17.64
CA THR B 31 23.64 -44.82 16.64
C THR B 31 25.00 -44.41 16.11
N GLY B 32 25.51 -43.28 16.59
CA GLY B 32 26.80 -42.79 16.15
C GLY B 32 26.70 -42.31 14.71
N ILE B 33 25.60 -42.67 14.05
CA ILE B 33 25.34 -42.31 12.67
C ILE B 33 24.76 -40.90 12.57
N LYS B 34 25.57 -39.99 12.03
CA LYS B 34 25.15 -38.60 11.86
C LYS B 34 24.18 -38.50 10.69
N VAL B 35 23.11 -37.73 10.87
CA VAL B 35 22.12 -37.54 9.83
C VAL B 35 22.18 -36.09 9.34
N THR B 36 21.97 -35.89 8.05
CA THR B 36 22.01 -34.55 7.46
C THR B 36 20.75 -34.27 6.65
N VAL B 37 20.08 -33.17 6.97
CA VAL B 37 18.85 -32.79 6.29
C VAL B 37 19.12 -31.59 5.37
N GLU B 38 18.74 -31.73 4.11
CA GLU B 38 18.94 -30.66 3.12
C GLU B 38 17.63 -30.36 2.42
N HIS B 39 17.52 -29.14 1.88
CA HIS B 39 16.31 -28.73 1.18
C HIS B 39 16.63 -28.11 -0.18
N PRO B 40 16.96 -28.95 -1.17
CA PRO B 40 17.29 -28.49 -2.52
C PRO B 40 16.08 -27.90 -3.23
N ASP B 41 16.31 -27.02 -4.20
CA ASP B 41 15.22 -26.42 -4.96
C ASP B 41 14.79 -27.45 -5.98
N LYS B 42 13.51 -27.46 -6.33
CA LYS B 42 12.98 -28.41 -7.30
C LYS B 42 13.46 -29.84 -7.02
N LEU B 43 13.60 -30.18 -5.75
CA LEU B 43 14.07 -31.52 -5.39
C LEU B 43 13.17 -32.65 -5.87
N GLU B 44 11.92 -32.34 -6.23
CA GLU B 44 11.00 -33.37 -6.70
C GLU B 44 11.36 -33.75 -8.14
N GLU B 45 12.20 -32.92 -8.76
CA GLU B 45 12.64 -33.15 -10.13
C GLU B 45 14.05 -33.71 -10.13
N LYS B 46 14.88 -33.24 -9.20
CA LYS B 46 16.25 -33.67 -9.09
C LYS B 46 16.39 -35.14 -8.69
N PHE B 47 15.55 -35.59 -7.76
CA PHE B 47 15.59 -36.97 -7.29
C PHE B 47 15.47 -38.04 -8.38
N PRO B 48 14.40 -37.98 -9.20
CA PRO B 48 14.20 -38.97 -10.26
C PRO B 48 15.30 -39.00 -11.32
N GLN B 49 16.41 -38.32 -11.03
CA GLN B 49 17.54 -38.28 -11.95
C GLN B 49 18.85 -38.60 -11.24
N VAL B 50 19.26 -37.72 -10.33
CA VAL B 50 20.49 -37.93 -9.58
C VAL B 50 20.49 -39.34 -9.01
N ALA B 51 19.34 -39.79 -8.56
CA ALA B 51 19.20 -41.12 -7.98
C ALA B 51 19.25 -42.21 -9.06
N ALA B 52 18.70 -41.89 -10.23
CA ALA B 52 18.67 -42.83 -11.35
C ALA B 52 20.05 -43.42 -11.66
N THR B 53 21.09 -42.80 -11.09
CA THR B 53 22.45 -43.26 -11.30
C THR B 53 23.11 -43.62 -9.98
N GLY B 54 22.33 -44.25 -9.09
CA GLY B 54 22.84 -44.65 -7.80
C GLY B 54 23.38 -43.52 -6.94
N ASP B 55 22.81 -42.33 -7.11
CA ASP B 55 23.26 -41.18 -6.32
C ASP B 55 22.06 -40.54 -5.60
N GLY B 56 22.28 -39.34 -5.07
CA GLY B 56 21.21 -38.65 -4.37
C GLY B 56 21.24 -38.93 -2.87
N PRO B 57 20.13 -38.68 -2.16
CA PRO B 57 20.05 -38.92 -0.71
C PRO B 57 19.58 -40.33 -0.39
N ASP B 58 19.43 -40.62 0.91
CA ASP B 58 18.96 -41.92 1.34
C ASP B 58 17.44 -41.87 1.48
N ILE B 59 16.96 -40.80 2.09
CA ILE B 59 15.53 -40.58 2.32
C ILE B 59 15.06 -39.31 1.59
N ILE B 60 13.93 -39.42 0.89
CA ILE B 60 13.36 -38.28 0.18
C ILE B 60 11.95 -37.98 0.66
N PHE B 61 11.74 -36.76 1.15
CA PHE B 61 10.41 -36.35 1.63
C PHE B 61 9.64 -35.55 0.60
N TRP B 62 8.37 -35.89 0.42
CA TRP B 62 7.50 -35.20 -0.52
C TRP B 62 6.10 -35.81 -0.49
N ALA B 63 5.15 -35.13 -1.11
CA ALA B 63 3.78 -35.62 -1.17
C ALA B 63 3.81 -36.97 -1.88
N HIS B 64 2.80 -37.79 -1.61
CA HIS B 64 2.72 -39.12 -2.19
C HIS B 64 2.44 -39.15 -3.69
N ASP B 65 1.85 -38.10 -4.22
CA ASP B 65 1.50 -38.04 -5.64
C ASP B 65 2.69 -38.18 -6.59
N ARG B 66 3.88 -37.84 -6.13
CA ARG B 66 5.04 -37.95 -6.99
C ARG B 66 5.87 -39.21 -6.69
N PHE B 67 5.36 -40.05 -5.79
CA PHE B 67 6.06 -41.28 -5.44
C PHE B 67 5.70 -42.46 -6.33
N GLY B 68 4.55 -42.40 -6.97
CA GLY B 68 4.14 -43.49 -7.85
C GLY B 68 5.08 -43.59 -9.03
N GLY B 69 5.58 -42.44 -9.47
CA GLY B 69 6.50 -42.42 -10.59
C GLY B 69 7.87 -42.93 -10.18
N TYR B 70 8.41 -42.39 -9.10
CA TYR B 70 9.73 -42.82 -8.63
C TYR B 70 9.79 -44.35 -8.51
N ALA B 71 8.68 -44.94 -8.10
CA ALA B 71 8.59 -46.39 -7.93
C ALA B 71 8.77 -47.12 -9.25
N GLN B 72 7.99 -46.71 -10.25
CA GLN B 72 8.07 -47.34 -11.57
C GLN B 72 9.48 -47.19 -12.14
N SER B 73 10.14 -46.09 -11.79
CA SER B 73 11.50 -45.83 -12.25
C SER B 73 12.47 -46.72 -11.47
N GLY B 74 11.94 -47.46 -10.50
CA GLY B 74 12.76 -48.34 -9.69
C GLY B 74 13.67 -47.57 -8.76
N LEU B 75 13.30 -46.32 -8.46
CA LEU B 75 14.09 -45.47 -7.59
C LEU B 75 13.80 -45.69 -6.11
N LEU B 76 12.62 -46.24 -5.82
CA LEU B 76 12.19 -46.49 -4.45
C LEU B 76 12.30 -47.94 -4.00
N ALA B 77 12.88 -48.15 -2.81
CA ALA B 77 13.04 -49.48 -2.26
C ALA B 77 11.81 -49.85 -1.43
N GLU B 78 11.16 -50.95 -1.80
CA GLU B 78 9.97 -51.43 -1.10
C GLU B 78 10.20 -51.45 0.42
N ILE B 79 9.21 -50.96 1.16
CA ILE B 79 9.31 -50.93 2.62
C ILE B 79 8.53 -52.12 3.18
N THR B 80 9.01 -52.65 4.29
CA THR B 80 8.37 -53.80 4.93
C THR B 80 8.26 -53.62 6.43
N PRO B 81 7.33 -52.77 6.89
CA PRO B 81 7.14 -52.53 8.32
C PRO B 81 6.26 -53.61 8.95
N ALA B 82 6.53 -53.91 10.22
CA ALA B 82 5.76 -54.92 10.94
C ALA B 82 4.29 -54.52 10.97
N ALA B 83 3.40 -55.50 10.81
CA ALA B 83 1.97 -55.25 10.83
C ALA B 83 1.62 -54.42 12.06
N ALA B 84 2.34 -54.66 13.15
CA ALA B 84 2.13 -53.94 14.40
C ALA B 84 2.40 -52.46 14.21
N PHE B 85 3.31 -52.15 13.28
CA PHE B 85 3.66 -50.76 12.99
C PHE B 85 2.60 -50.16 12.08
N GLN B 86 2.18 -50.95 11.09
CA GLN B 86 1.16 -50.51 10.15
C GLN B 86 -0.12 -50.13 10.87
N ASP B 87 -0.38 -50.76 12.00
CA ASP B 87 -1.59 -50.46 12.77
C ASP B 87 -1.47 -49.15 13.52
N LYS B 88 -0.24 -48.67 13.70
CA LYS B 88 0.00 -47.41 14.39
C LYS B 88 -0.40 -46.21 13.55
N LEU B 89 -0.61 -46.45 12.25
CA LEU B 89 -1.01 -45.38 11.33
C LEU B 89 -2.34 -45.70 10.68
N TYR B 90 -3.09 -44.66 10.33
CA TYR B 90 -4.40 -44.84 9.70
C TYR B 90 -4.27 -45.61 8.39
N PRO B 91 -5.18 -46.56 8.15
CA PRO B 91 -5.17 -47.38 6.94
C PRO B 91 -4.97 -46.59 5.64
N PHE B 92 -5.75 -45.52 5.46
CA PHE B 92 -5.66 -44.71 4.26
C PHE B 92 -4.27 -44.09 4.03
N THR B 93 -3.57 -43.77 5.12
CA THR B 93 -2.24 -43.18 4.99
C THR B 93 -1.25 -44.16 4.41
N TRP B 94 -1.59 -45.46 4.43
CA TRP B 94 -0.71 -46.47 3.85
C TRP B 94 -1.12 -46.63 2.40
N ASP B 95 -2.40 -46.40 2.14
CA ASP B 95 -2.94 -46.52 0.79
C ASP B 95 -2.32 -45.47 -0.13
N ALA B 96 -2.10 -44.27 0.40
CA ALA B 96 -1.50 -43.20 -0.37
C ALA B 96 -0.17 -43.66 -0.96
N VAL B 97 0.57 -44.44 -0.19
CA VAL B 97 1.86 -44.96 -0.63
C VAL B 97 1.72 -46.41 -1.11
N ARG B 98 0.72 -46.66 -1.94
CA ARG B 98 0.48 -47.99 -2.46
C ARG B 98 0.50 -48.04 -3.99
N TYR B 99 1.59 -48.57 -4.54
CA TYR B 99 1.73 -48.69 -5.98
C TYR B 99 2.11 -50.13 -6.33
N ASN B 100 1.31 -50.77 -7.16
CA ASN B 100 1.54 -52.16 -7.54
C ASN B 100 1.55 -53.05 -6.30
N GLY B 101 0.55 -52.88 -5.44
CA GLY B 101 0.45 -53.68 -4.24
C GLY B 101 1.72 -53.69 -3.41
N LYS B 102 2.43 -52.57 -3.39
CA LYS B 102 3.65 -52.48 -2.62
C LYS B 102 3.78 -51.12 -1.93
N LEU B 103 4.10 -51.14 -0.64
CA LEU B 103 4.28 -49.91 0.11
C LEU B 103 5.63 -49.36 -0.32
N ILE B 104 5.62 -48.18 -0.95
CA ILE B 104 6.83 -47.57 -1.45
C ILE B 104 7.46 -46.49 -0.55
N ALA B 105 6.71 -46.01 0.43
CA ALA B 105 7.22 -44.99 1.34
C ALA B 105 6.40 -44.90 2.62
N TYR B 106 7.03 -44.35 3.66
CA TYR B 106 6.39 -44.19 4.97
C TYR B 106 5.58 -42.90 5.04
N PRO B 107 4.26 -43.00 5.23
CA PRO B 107 3.40 -41.81 5.33
C PRO B 107 3.73 -40.99 6.58
N ILE B 108 3.71 -39.67 6.44
CA ILE B 108 4.03 -38.80 7.57
C ILE B 108 2.82 -38.02 8.07
N ALA B 109 2.26 -37.16 7.22
CA ALA B 109 1.10 -36.36 7.60
C ALA B 109 0.25 -35.96 6.40
N VAL B 110 -1.04 -35.77 6.64
CA VAL B 110 -1.97 -35.37 5.59
C VAL B 110 -2.02 -33.86 5.51
N GLU B 111 -1.78 -33.33 4.30
CA GLU B 111 -1.80 -31.89 4.09
C GLU B 111 -2.94 -31.46 3.18
N ALA B 112 -3.62 -30.39 3.58
CA ALA B 112 -4.73 -29.85 2.80
C ALA B 112 -4.73 -28.34 3.00
N LEU B 113 -5.05 -27.61 1.94
CA LEU B 113 -5.08 -26.14 2.00
C LEU B 113 -6.35 -25.64 2.66
N SER B 114 -6.23 -24.54 3.39
CA SER B 114 -7.37 -23.92 4.05
C SER B 114 -7.35 -22.43 3.74
N LEU B 115 -8.33 -21.71 4.25
CA LEU B 115 -8.41 -20.27 4.06
C LEU B 115 -7.88 -19.63 5.34
N ILE B 116 -6.88 -18.77 5.19
CA ILE B 116 -6.29 -18.09 6.32
C ILE B 116 -6.63 -16.61 6.22
N TYR B 117 -7.31 -16.08 7.23
CA TYR B 117 -7.70 -14.68 7.22
C TYR B 117 -7.24 -13.90 8.44
N ASN B 118 -7.15 -12.59 8.28
CA ASN B 118 -6.73 -11.69 9.36
C ASN B 118 -7.98 -11.26 10.13
N LYS B 119 -8.25 -11.92 11.24
CA LYS B 119 -9.41 -11.60 12.07
C LYS B 119 -9.62 -10.12 12.35
N ASP B 120 -8.52 -9.38 12.47
CA ASP B 120 -8.63 -7.95 12.75
C ASP B 120 -9.07 -7.14 11.53
N LEU B 121 -8.73 -7.62 10.34
CA LEU B 121 -9.12 -6.95 9.11
C LEU B 121 -10.42 -7.57 8.60
N LEU B 122 -10.74 -8.76 9.12
CA LEU B 122 -11.92 -9.47 8.68
C LEU B 122 -12.47 -10.40 9.77
N PRO B 123 -13.49 -9.95 10.50
CA PRO B 123 -14.09 -10.76 11.57
C PRO B 123 -14.74 -12.01 10.97
N ASN B 124 -15.61 -11.80 10.00
CA ASN B 124 -16.31 -12.89 9.33
C ASN B 124 -15.80 -13.02 7.90
N PRO B 125 -14.98 -14.05 7.64
CA PRO B 125 -14.41 -14.30 6.32
C PRO B 125 -15.47 -14.72 5.31
N PRO B 126 -15.27 -14.38 4.03
CA PRO B 126 -16.23 -14.74 2.98
C PRO B 126 -16.43 -16.25 2.86
N LYS B 127 -17.67 -16.66 2.65
CA LYS B 127 -17.99 -18.08 2.52
C LYS B 127 -17.95 -18.49 1.05
N THR B 128 -18.03 -17.51 0.16
CA THR B 128 -18.02 -17.78 -1.27
C THR B 128 -16.94 -17.00 -2.02
N TRP B 129 -16.52 -17.52 -3.16
CA TRP B 129 -15.51 -16.85 -3.97
C TRP B 129 -16.13 -15.63 -4.62
N GLU B 130 -17.38 -15.76 -5.03
CA GLU B 130 -18.11 -14.68 -5.70
C GLU B 130 -18.16 -13.35 -4.95
N GLU B 131 -17.95 -13.36 -3.64
CA GLU B 131 -17.99 -12.12 -2.88
C GLU B 131 -16.63 -11.47 -2.67
N ILE B 132 -15.57 -12.19 -3.05
CA ILE B 132 -14.21 -11.70 -2.91
C ILE B 132 -13.99 -10.35 -3.63
N PRO B 133 -14.53 -10.20 -4.86
CA PRO B 133 -14.36 -8.95 -5.61
C PRO B 133 -14.91 -7.69 -4.93
N ALA B 134 -16.13 -7.80 -4.40
CA ALA B 134 -16.75 -6.67 -3.72
C ALA B 134 -16.02 -6.38 -2.42
N LEU B 135 -15.56 -7.43 -1.76
CA LEU B 135 -14.84 -7.28 -0.50
C LEU B 135 -13.53 -6.52 -0.74
N ASP B 136 -12.87 -6.83 -1.84
CA ASP B 136 -11.61 -6.17 -2.19
C ASP B 136 -11.80 -4.66 -2.38
N LYS B 137 -12.88 -4.28 -3.05
CA LYS B 137 -13.16 -2.86 -3.26
C LYS B 137 -13.28 -2.18 -1.91
N GLU B 138 -13.94 -2.87 -0.99
CA GLU B 138 -14.16 -2.40 0.37
C GLU B 138 -12.85 -2.20 1.12
N LEU B 139 -11.94 -3.18 1.00
CA LEU B 139 -10.65 -3.12 1.66
C LEU B 139 -9.68 -2.14 1.01
N LYS B 140 -9.73 -2.04 -0.31
CA LYS B 140 -8.84 -1.15 -1.03
C LYS B 140 -9.00 0.27 -0.52
N ALA B 141 -10.22 0.63 -0.15
CA ALA B 141 -10.51 1.96 0.37
C ALA B 141 -9.68 2.23 1.62
N LYS B 142 -9.29 1.16 2.30
CA LYS B 142 -8.49 1.28 3.52
C LYS B 142 -7.02 0.98 3.26
N GLY B 143 -6.64 0.95 1.98
CA GLY B 143 -5.26 0.67 1.64
C GLY B 143 -4.87 -0.78 1.90
N LYS B 144 -5.86 -1.67 1.83
CA LYS B 144 -5.64 -3.10 2.04
C LYS B 144 -6.15 -3.85 0.82
N SER B 145 -5.86 -5.16 0.76
CA SER B 145 -6.32 -5.99 -0.34
C SER B 145 -7.01 -7.21 0.27
N ALA B 146 -7.94 -7.79 -0.47
CA ALA B 146 -8.70 -8.93 0.02
C ALA B 146 -7.92 -10.24 0.11
N LEU B 147 -7.47 -10.72 -1.04
CA LEU B 147 -6.78 -12.00 -1.10
C LEU B 147 -5.47 -12.04 -1.88
N MET B 148 -4.54 -12.84 -1.38
CA MET B 148 -3.25 -13.03 -1.99
C MET B 148 -2.71 -14.42 -1.67
N PHE B 149 -2.41 -15.19 -2.72
CA PHE B 149 -1.85 -16.52 -2.57
C PHE B 149 -0.99 -16.84 -3.78
N ASN B 150 -0.16 -17.87 -3.64
CA ASN B 150 0.76 -18.27 -4.70
C ASN B 150 0.05 -18.64 -6.01
N LEU B 151 0.30 -17.86 -7.06
CA LEU B 151 -0.30 -18.11 -8.36
C LEU B 151 0.64 -18.80 -9.34
N GLN B 152 1.82 -19.19 -8.87
CA GLN B 152 2.80 -19.85 -9.74
C GLN B 152 2.74 -21.38 -9.67
N GLU B 153 2.11 -21.92 -8.63
CA GLU B 153 1.98 -23.37 -8.46
C GLU B 153 0.50 -23.75 -8.53
N PRO B 154 0.13 -24.60 -9.50
CA PRO B 154 -1.26 -25.03 -9.69
C PRO B 154 -1.95 -25.62 -8.45
N TYR B 155 -1.14 -26.08 -7.50
CA TYR B 155 -1.64 -26.67 -6.26
C TYR B 155 -2.60 -25.73 -5.53
N PHE B 156 -2.31 -24.44 -5.57
CA PHE B 156 -3.14 -23.44 -4.89
C PHE B 156 -4.41 -23.05 -5.63
N THR B 157 -4.37 -23.05 -6.95
CA THR B 157 -5.54 -22.67 -7.72
C THR B 157 -6.41 -23.88 -8.09
N TRP B 158 -5.87 -25.09 -7.91
CA TRP B 158 -6.65 -26.28 -8.25
C TRP B 158 -7.94 -26.41 -7.43
N PRO B 159 -7.91 -26.03 -6.14
CA PRO B 159 -9.12 -26.14 -5.33
C PRO B 159 -10.30 -25.48 -6.05
N LEU B 160 -10.02 -24.31 -6.62
CA LEU B 160 -11.02 -23.53 -7.34
C LEU B 160 -11.42 -24.16 -8.67
N ILE B 161 -10.44 -24.71 -9.38
CA ILE B 161 -10.70 -25.33 -10.66
C ILE B 161 -11.54 -26.61 -10.54
N ALA B 162 -11.31 -27.37 -9.48
CA ALA B 162 -12.05 -28.60 -9.27
C ALA B 162 -13.43 -28.31 -8.67
N ALA B 163 -13.53 -27.22 -7.92
CA ALA B 163 -14.76 -26.80 -7.25
C ALA B 163 -16.06 -27.22 -7.94
N ASP B 164 -16.28 -26.76 -9.17
CA ASP B 164 -17.51 -27.10 -9.85
C ASP B 164 -17.34 -27.90 -11.13
N GLY B 165 -16.44 -28.87 -11.14
CA GLY B 165 -16.28 -29.68 -12.34
C GLY B 165 -14.91 -30.27 -12.63
N GLY B 166 -13.88 -29.43 -12.63
CA GLY B 166 -12.53 -29.90 -12.91
C GLY B 166 -12.08 -31.16 -12.20
N TYR B 167 -11.15 -31.88 -12.82
CA TYR B 167 -10.59 -33.09 -12.25
C TYR B 167 -9.43 -33.58 -13.10
N ALA B 168 -8.51 -34.31 -12.48
CA ALA B 168 -7.33 -34.83 -13.18
C ALA B 168 -7.66 -36.03 -14.07
N PHE B 169 -7.76 -37.20 -13.45
CA PHE B 169 -8.07 -38.42 -14.18
C PHE B 169 -9.29 -39.11 -13.59
N LYS B 170 -10.21 -39.52 -14.45
CA LYS B 170 -11.42 -40.19 -14.00
C LYS B 170 -11.06 -41.48 -13.27
N TYR B 171 -11.70 -41.70 -12.13
CA TYR B 171 -11.45 -42.89 -11.32
C TYR B 171 -12.65 -43.82 -11.38
N ALA B 172 -12.40 -45.06 -11.78
CA ALA B 172 -13.48 -46.04 -11.88
C ALA B 172 -12.98 -47.45 -11.55
N ALA B 173 -13.52 -48.03 -10.48
CA ALA B 173 -13.14 -49.38 -10.06
C ALA B 173 -11.64 -49.46 -9.78
N GLY B 174 -11.22 -48.89 -8.67
CA GLY B 174 -9.81 -48.90 -8.30
C GLY B 174 -8.88 -48.76 -9.49
N LYS B 175 -9.25 -47.88 -10.42
CA LYS B 175 -8.45 -47.67 -11.62
C LYS B 175 -8.65 -46.27 -12.20
N TYR B 176 -7.55 -45.61 -12.54
CA TYR B 176 -7.58 -44.28 -13.13
C TYR B 176 -7.48 -44.38 -14.64
N ASP B 177 -8.34 -43.67 -15.36
CA ASP B 177 -8.32 -43.68 -16.81
C ASP B 177 -7.49 -42.47 -17.26
N ILE B 178 -6.19 -42.67 -17.38
CA ILE B 178 -5.27 -41.59 -17.76
C ILE B 178 -5.64 -40.93 -19.10
N LYS B 179 -6.57 -41.52 -19.83
CA LYS B 179 -7.00 -40.96 -21.10
C LYS B 179 -8.21 -40.07 -20.86
N ASP B 180 -8.87 -40.29 -19.74
CA ASP B 180 -10.06 -39.53 -19.36
C ASP B 180 -9.65 -38.40 -18.41
N VAL B 181 -9.32 -37.24 -18.97
CA VAL B 181 -8.91 -36.09 -18.18
C VAL B 181 -10.06 -35.09 -18.09
N GLY B 182 -10.08 -34.28 -17.04
CA GLY B 182 -11.15 -33.30 -16.89
C GLY B 182 -10.66 -31.92 -16.54
N VAL B 183 -9.59 -31.47 -17.19
CA VAL B 183 -9.04 -30.15 -16.91
C VAL B 183 -9.52 -29.07 -17.88
N ASP B 184 -10.38 -29.45 -18.82
CA ASP B 184 -10.88 -28.49 -19.80
C ASP B 184 -12.40 -28.49 -19.88
N ASN B 185 -13.07 -29.21 -18.98
CA ASN B 185 -14.52 -29.27 -18.97
C ASN B 185 -15.16 -27.97 -18.48
N ALA B 186 -16.49 -27.93 -18.51
CA ALA B 186 -17.25 -26.76 -18.09
C ALA B 186 -16.85 -26.25 -16.71
N GLY B 187 -16.65 -27.17 -15.77
CA GLY B 187 -16.28 -26.78 -14.42
C GLY B 187 -14.93 -26.09 -14.34
N ALA B 188 -13.90 -26.78 -14.80
CA ALA B 188 -12.54 -26.24 -14.78
C ALA B 188 -12.44 -24.87 -15.44
N LYS B 189 -13.12 -24.72 -16.57
CA LYS B 189 -13.09 -23.45 -17.30
C LYS B 189 -13.66 -22.31 -16.47
N ALA B 190 -14.77 -22.58 -15.80
CA ALA B 190 -15.42 -21.57 -14.97
C ALA B 190 -14.52 -21.25 -13.77
N GLY B 191 -13.85 -22.28 -13.25
CA GLY B 191 -12.97 -22.07 -12.12
C GLY B 191 -11.81 -21.15 -12.46
N LEU B 192 -11.12 -21.47 -13.54
CA LEU B 192 -9.97 -20.68 -13.96
C LEU B 192 -10.40 -19.29 -14.43
N THR B 193 -11.49 -19.23 -15.19
CA THR B 193 -11.99 -17.97 -15.68
C THR B 193 -12.22 -17.00 -14.51
N PHE B 194 -12.74 -17.51 -13.41
CA PHE B 194 -13.00 -16.68 -12.24
C PHE B 194 -11.70 -16.09 -11.70
N LEU B 195 -10.66 -16.91 -11.67
CA LEU B 195 -9.35 -16.48 -11.20
C LEU B 195 -8.83 -15.37 -12.10
N VAL B 196 -8.92 -15.60 -13.40
CA VAL B 196 -8.47 -14.63 -14.39
C VAL B 196 -9.16 -13.28 -14.18
N ASP B 197 -10.48 -13.30 -14.06
CA ASP B 197 -11.22 -12.07 -13.86
C ASP B 197 -10.73 -11.32 -12.61
N LEU B 198 -10.29 -12.07 -11.60
CA LEU B 198 -9.79 -11.43 -10.38
C LEU B 198 -8.56 -10.62 -10.75
N ILE B 199 -7.61 -11.29 -11.40
CA ILE B 199 -6.38 -10.64 -11.84
C ILE B 199 -6.76 -9.45 -12.71
N LYS B 200 -7.60 -9.72 -13.72
CA LYS B 200 -8.09 -8.70 -14.63
C LYS B 200 -8.61 -7.46 -13.91
N ASN B 201 -9.58 -7.66 -13.03
CA ASN B 201 -10.17 -6.55 -12.29
C ASN B 201 -9.25 -6.05 -11.19
N LYS B 202 -7.98 -6.40 -11.27
CA LYS B 202 -6.97 -5.96 -10.31
C LYS B 202 -7.21 -6.36 -8.86
N HIS B 203 -7.87 -7.49 -8.65
CA HIS B 203 -8.11 -7.97 -7.29
C HIS B 203 -6.91 -8.81 -6.87
N MET B 204 -6.17 -9.29 -7.87
CA MET B 204 -4.97 -10.07 -7.63
C MET B 204 -3.95 -9.76 -8.72
N ASN B 205 -2.72 -10.20 -8.51
CA ASN B 205 -1.65 -9.99 -9.49
C ASN B 205 -1.12 -11.34 -9.92
N ALA B 206 -0.90 -11.51 -11.23
CA ALA B 206 -0.41 -12.77 -11.77
C ALA B 206 1.03 -13.08 -11.36
N ASP B 207 1.81 -12.06 -11.01
CA ASP B 207 3.21 -12.28 -10.62
C ASP B 207 3.36 -12.70 -9.17
N THR B 208 2.25 -12.75 -8.44
CA THR B 208 2.28 -13.15 -7.05
C THR B 208 2.73 -14.60 -6.83
N ASP B 209 3.83 -14.78 -6.10
CA ASP B 209 4.34 -16.12 -5.81
C ASP B 209 4.17 -16.43 -4.33
N TYR B 210 4.69 -17.59 -3.91
CA TYR B 210 4.57 -18.01 -2.53
C TYR B 210 5.07 -16.99 -1.51
N SER B 211 6.26 -16.45 -1.72
CA SER B 211 6.84 -15.49 -0.78
C SER B 211 6.16 -14.12 -0.80
N ILE B 212 5.78 -13.64 -1.98
CA ILE B 212 5.13 -12.35 -2.08
C ILE B 212 3.83 -12.36 -1.28
N ALA B 213 3.08 -13.45 -1.41
CA ALA B 213 1.80 -13.59 -0.71
C ALA B 213 1.98 -13.80 0.79
N GLU B 214 2.95 -14.62 1.16
CA GLU B 214 3.23 -14.91 2.56
C GLU B 214 3.62 -13.63 3.31
N ALA B 215 4.41 -12.79 2.64
CA ALA B 215 4.86 -11.55 3.25
C ALA B 215 3.71 -10.55 3.41
N ALA B 216 2.91 -10.41 2.37
CA ALA B 216 1.77 -9.50 2.37
C ALA B 216 0.73 -9.85 3.43
N PHE B 217 0.63 -11.13 3.79
CA PHE B 217 -0.34 -11.54 4.80
C PHE B 217 0.25 -11.43 6.19
N ASN B 218 1.48 -11.90 6.35
CA ASN B 218 2.15 -11.86 7.63
C ASN B 218 2.44 -10.43 8.08
N LYS B 219 2.23 -9.46 7.19
CA LYS B 219 2.46 -8.05 7.53
C LYS B 219 1.14 -7.28 7.59
N GLY B 220 0.03 -8.00 7.44
CA GLY B 220 -1.27 -7.35 7.49
C GLY B 220 -1.60 -6.47 6.30
N GLU B 221 -1.01 -6.78 5.14
CA GLU B 221 -1.28 -5.99 3.94
C GLU B 221 -2.46 -6.58 3.17
N THR B 222 -2.77 -7.84 3.45
CA THR B 222 -3.89 -8.53 2.79
C THR B 222 -4.73 -9.33 3.79
N ALA B 223 -6.05 -9.21 3.65
CA ALA B 223 -6.99 -9.87 4.55
C ALA B 223 -6.97 -11.39 4.57
N MET B 224 -6.66 -12.03 3.44
CA MET B 224 -6.64 -13.49 3.40
C MET B 224 -5.56 -14.07 2.51
N THR B 225 -5.31 -15.36 2.70
CA THR B 225 -4.33 -16.11 1.91
C THR B 225 -4.72 -17.58 1.90
N ILE B 226 -4.25 -18.32 0.89
CA ILE B 226 -4.53 -19.75 0.80
C ILE B 226 -3.22 -20.47 1.01
N ASN B 227 -3.14 -21.34 2.01
CA ASN B 227 -1.91 -22.06 2.30
C ASN B 227 -2.14 -23.31 3.14
N GLY B 228 -1.09 -24.09 3.36
CA GLY B 228 -1.17 -25.31 4.14
C GLY B 228 -0.69 -25.13 5.58
N PRO B 229 -0.70 -26.20 6.39
CA PRO B 229 -0.27 -26.18 7.79
C PRO B 229 1.13 -25.64 8.04
N TRP B 230 2.05 -26.02 7.16
CA TRP B 230 3.45 -25.61 7.26
C TRP B 230 3.64 -24.09 7.37
N ALA B 231 2.70 -23.33 6.84
CA ALA B 231 2.77 -21.87 6.85
C ALA B 231 2.43 -21.17 8.16
N TRP B 232 1.74 -21.85 9.06
CA TRP B 232 1.34 -21.24 10.33
C TRP B 232 2.46 -20.75 11.23
N SER B 233 3.63 -21.40 11.14
CA SER B 233 4.75 -21.01 11.98
C SER B 233 5.10 -19.54 11.83
N ASN B 234 5.43 -19.14 10.61
CA ASN B 234 5.79 -17.74 10.36
C ASN B 234 4.64 -16.81 10.69
N ILE B 235 3.41 -17.24 10.45
CA ILE B 235 2.26 -16.41 10.76
C ILE B 235 2.21 -16.14 12.26
N ASP B 236 2.60 -17.14 13.05
CA ASP B 236 2.62 -17.03 14.49
C ASP B 236 3.66 -15.99 14.91
N THR B 237 4.89 -16.18 14.46
CA THR B 237 5.99 -15.28 14.79
C THR B 237 5.76 -13.86 14.29
N SER B 238 4.82 -13.71 13.36
CA SER B 238 4.52 -12.39 12.81
C SER B 238 3.57 -11.63 13.72
N ALA B 239 3.06 -12.32 14.75
CA ALA B 239 2.12 -11.72 15.68
C ALA B 239 0.95 -11.14 14.90
N VAL B 240 0.19 -12.03 14.28
CA VAL B 240 -0.98 -11.65 13.50
C VAL B 240 -2.14 -12.54 13.93
N ASN B 241 -3.21 -11.91 14.41
CA ASN B 241 -4.38 -12.66 14.85
C ASN B 241 -5.10 -13.25 13.65
N TYR B 242 -4.74 -14.48 13.30
CA TYR B 242 -5.34 -15.13 12.14
C TYR B 242 -6.25 -16.29 12.49
N GLY B 243 -7.02 -16.72 11.49
CA GLY B 243 -7.93 -17.83 11.67
C GLY B 243 -7.85 -18.75 10.48
N VAL B 244 -7.93 -20.06 10.73
CA VAL B 244 -7.88 -21.04 9.66
C VAL B 244 -9.28 -21.60 9.49
N THR B 245 -9.85 -21.47 8.30
CA THR B 245 -11.21 -21.96 8.09
C THR B 245 -11.44 -22.63 6.74
N VAL B 246 -12.71 -22.93 6.47
CA VAL B 246 -13.14 -23.59 5.24
C VAL B 246 -12.94 -22.67 4.03
N LEU B 247 -12.31 -23.20 2.98
CA LEU B 247 -12.09 -22.44 1.77
C LEU B 247 -13.44 -21.95 1.28
N PRO B 248 -13.46 -20.86 0.50
CA PRO B 248 -14.76 -20.36 0.00
C PRO B 248 -15.38 -21.39 -0.94
N THR B 249 -16.65 -21.21 -1.25
CA THR B 249 -17.33 -22.11 -2.18
C THR B 249 -17.40 -21.37 -3.50
N PHE B 250 -17.60 -22.11 -4.59
CA PHE B 250 -17.70 -21.51 -5.91
C PHE B 250 -18.91 -22.09 -6.63
N LYS B 251 -19.72 -21.22 -7.23
CA LYS B 251 -20.93 -21.64 -7.94
C LYS B 251 -21.69 -22.67 -7.11
N GLY B 252 -21.77 -22.43 -5.81
CA GLY B 252 -22.50 -23.32 -4.91
C GLY B 252 -21.77 -24.56 -4.41
N GLN B 253 -20.64 -24.88 -5.04
CA GLN B 253 -19.88 -26.05 -4.63
C GLN B 253 -18.66 -25.65 -3.80
N PRO B 254 -18.23 -26.53 -2.89
CA PRO B 254 -17.07 -26.20 -2.06
C PRO B 254 -15.77 -26.41 -2.84
N SER B 255 -14.76 -25.60 -2.52
CA SER B 255 -13.47 -25.74 -3.17
C SER B 255 -12.99 -27.14 -2.88
N LYS B 256 -12.46 -27.82 -3.89
CA LYS B 256 -11.99 -29.18 -3.72
C LYS B 256 -10.49 -29.28 -3.95
N PRO B 257 -9.69 -29.00 -2.93
CA PRO B 257 -8.23 -29.06 -3.08
C PRO B 257 -7.75 -30.51 -3.19
N PHE B 258 -6.58 -30.69 -3.79
CA PHE B 258 -6.01 -32.02 -3.91
C PHE B 258 -5.26 -32.25 -2.59
N VAL B 259 -5.56 -33.34 -1.90
CA VAL B 259 -4.92 -33.63 -0.64
C VAL B 259 -3.64 -34.46 -0.80
N GLY B 260 -2.59 -34.06 -0.10
CA GLY B 260 -1.34 -34.77 -0.19
C GLY B 260 -0.92 -35.41 1.11
N VAL B 261 -0.16 -36.49 1.01
CA VAL B 261 0.33 -37.21 2.18
C VAL B 261 1.84 -37.14 2.20
N LEU B 262 2.39 -36.17 2.93
CA LEU B 262 3.84 -36.03 3.03
C LEU B 262 4.42 -37.40 3.33
N SER B 263 5.19 -37.94 2.38
CA SER B 263 5.79 -39.26 2.55
C SER B 263 7.31 -39.24 2.53
N ALA B 264 7.89 -40.31 3.06
CA ALA B 264 9.33 -40.47 3.12
C ALA B 264 9.70 -41.76 2.41
N GLY B 265 10.35 -41.64 1.26
CA GLY B 265 10.75 -42.82 0.51
C GLY B 265 12.20 -43.16 0.76
N ILE B 266 12.57 -44.41 0.50
CA ILE B 266 13.94 -44.85 0.69
C ILE B 266 14.61 -45.08 -0.65
N ASN B 267 15.72 -44.39 -0.87
CA ASN B 267 16.47 -44.49 -2.11
C ASN B 267 16.87 -45.95 -2.36
N ALA B 268 16.50 -46.47 -3.53
CA ALA B 268 16.81 -47.85 -3.88
C ALA B 268 18.31 -48.12 -3.85
N ALA B 269 19.09 -47.21 -4.41
CA ALA B 269 20.53 -47.37 -4.46
C ALA B 269 21.23 -46.87 -3.19
N SER B 270 20.54 -46.98 -2.06
CA SER B 270 21.12 -46.53 -0.81
C SER B 270 21.71 -47.67 0.02
N PRO B 271 22.93 -47.45 0.56
CA PRO B 271 23.62 -48.45 1.39
C PRO B 271 23.21 -48.32 2.85
N ASN B 272 22.11 -47.62 3.09
CA ASN B 272 21.65 -47.40 4.47
C ASN B 272 20.16 -47.70 4.65
N LYS B 273 19.61 -48.62 3.87
CA LYS B 273 18.20 -48.95 3.96
C LYS B 273 17.74 -49.30 5.38
N GLU B 274 18.23 -50.42 5.90
CA GLU B 274 17.88 -50.84 7.25
C GLU B 274 18.28 -49.78 8.28
N LEU B 275 19.26 -48.97 7.93
CA LEU B 275 19.75 -47.92 8.81
C LEU B 275 18.75 -46.76 8.81
N ALA B 276 18.19 -46.47 7.64
CA ALA B 276 17.22 -45.40 7.48
C ALA B 276 15.87 -45.81 8.04
N LYS B 277 15.45 -47.03 7.72
CA LYS B 277 14.16 -47.54 8.19
C LYS B 277 14.01 -47.35 9.71
N GLU B 278 15.03 -47.74 10.46
CA GLU B 278 15.00 -47.60 11.91
C GLU B 278 14.76 -46.16 12.30
N PHE B 279 15.22 -45.24 11.45
CA PHE B 279 15.04 -43.80 11.69
C PHE B 279 13.60 -43.38 11.50
N LEU B 280 13.01 -43.80 10.37
CA LEU B 280 11.64 -43.45 10.05
C LEU B 280 10.60 -44.25 10.83
N GLU B 281 11.05 -45.17 11.68
CA GLU B 281 10.12 -45.98 12.44
C GLU B 281 10.26 -45.84 13.95
N ASN B 282 11.49 -45.71 14.43
CA ASN B 282 11.74 -45.61 15.87
C ASN B 282 12.21 -44.24 16.34
N TYR B 283 12.38 -43.31 15.42
CA TYR B 283 12.82 -41.97 15.78
C TYR B 283 11.92 -40.87 15.22
N LEU B 284 11.44 -41.04 13.99
CA LEU B 284 10.57 -40.05 13.36
C LEU B 284 9.10 -40.29 13.63
N LEU B 285 8.58 -41.41 13.14
CA LEU B 285 7.18 -41.75 13.33
C LEU B 285 6.81 -42.09 14.77
N THR B 286 7.25 -41.22 15.67
CA THR B 286 6.96 -41.37 17.10
C THR B 286 6.38 -40.04 17.55
N ASP B 287 5.66 -40.04 18.66
CA ASP B 287 5.06 -38.80 19.15
C ASP B 287 6.13 -37.73 19.38
N GLU B 288 7.26 -38.14 19.96
CA GLU B 288 8.36 -37.21 20.25
C GLU B 288 9.03 -36.76 18.96
N GLY B 289 9.01 -37.63 17.95
CA GLY B 289 9.62 -37.30 16.68
C GLY B 289 8.80 -36.28 15.93
N LEU B 290 7.52 -36.55 15.79
CA LEU B 290 6.62 -35.65 15.08
C LEU B 290 6.51 -34.30 15.75
N GLU B 291 6.49 -34.27 17.08
CA GLU B 291 6.40 -32.99 17.78
C GLU B 291 7.64 -32.15 17.46
N ALA B 292 8.80 -32.80 17.40
CA ALA B 292 10.04 -32.10 17.10
C ALA B 292 9.94 -31.37 15.76
N VAL B 293 9.52 -32.11 14.73
CA VAL B 293 9.37 -31.56 13.39
C VAL B 293 8.20 -30.58 13.33
N ASN B 294 7.02 -31.05 13.74
CA ASN B 294 5.81 -30.23 13.74
C ASN B 294 6.01 -28.93 14.49
N LYS B 295 6.93 -28.91 15.46
CA LYS B 295 7.21 -27.71 16.24
C LYS B 295 7.87 -26.68 15.33
N ASP B 296 8.78 -27.15 14.48
CA ASP B 296 9.48 -26.27 13.56
C ASP B 296 8.50 -25.74 12.53
N LYS B 297 7.70 -26.65 11.99
CA LYS B 297 6.68 -26.30 11.00
C LYS B 297 5.59 -27.39 10.95
N PRO B 298 4.35 -27.01 11.32
CA PRO B 298 3.19 -27.89 11.35
C PRO B 298 3.10 -28.88 10.18
N LEU B 299 2.96 -30.15 10.52
CA LEU B 299 2.88 -31.21 9.54
C LEU B 299 1.44 -31.38 9.04
N GLY B 300 0.50 -30.98 9.87
CA GLY B 300 -0.90 -31.11 9.52
C GLY B 300 -1.53 -32.22 10.34
N ALA B 301 -2.11 -33.21 9.67
CA ALA B 301 -2.74 -34.34 10.35
C ALA B 301 -1.87 -35.58 10.24
N VAL B 302 -0.96 -35.75 11.20
CA VAL B 302 -0.04 -36.89 11.20
C VAL B 302 -0.75 -38.23 11.07
N ALA B 303 -0.14 -39.13 10.31
CA ALA B 303 -0.68 -40.46 10.08
C ALA B 303 -0.57 -41.33 11.34
N LEU B 304 0.28 -40.88 12.27
CA LEU B 304 0.47 -41.60 13.53
C LEU B 304 -0.73 -41.33 14.44
N LYS B 305 -1.56 -42.35 14.63
CA LYS B 305 -2.74 -42.25 15.48
C LYS B 305 -2.49 -41.56 16.82
N SER B 306 -1.54 -42.09 17.58
CA SER B 306 -1.22 -41.55 18.89
C SER B 306 -1.03 -40.03 18.93
N TYR B 307 -0.21 -39.51 18.02
CA TYR B 307 0.05 -38.07 17.99
C TYR B 307 -1.10 -37.31 17.33
N GLU B 308 -1.66 -37.89 16.27
CA GLU B 308 -2.78 -37.28 15.56
C GLU B 308 -3.88 -37.03 16.58
N GLU B 309 -4.13 -38.04 17.40
CA GLU B 309 -5.14 -38.00 18.44
C GLU B 309 -4.83 -36.93 19.48
N GLU B 310 -3.56 -36.53 19.57
CA GLU B 310 -3.16 -35.53 20.55
C GLU B 310 -3.29 -34.09 20.04
N LEU B 311 -3.23 -33.90 18.73
CA LEU B 311 -3.31 -32.56 18.15
C LEU B 311 -4.68 -32.22 17.57
N ALA B 312 -5.54 -33.23 17.46
CA ALA B 312 -6.88 -33.06 16.89
C ALA B 312 -7.71 -31.93 17.48
N LYS B 313 -7.34 -31.48 18.68
CA LYS B 313 -8.08 -30.40 19.33
C LYS B 313 -7.88 -29.08 18.58
N ASP B 314 -6.67 -28.84 18.10
CA ASP B 314 -6.32 -27.63 17.38
C ASP B 314 -7.37 -27.26 16.32
N PRO B 315 -7.96 -26.06 16.43
CA PRO B 315 -8.98 -25.59 15.49
C PRO B 315 -8.44 -25.48 14.07
N ARG B 316 -7.15 -25.16 13.95
CA ARG B 316 -6.49 -25.02 12.66
C ARG B 316 -6.39 -26.39 11.99
N ILE B 317 -6.10 -27.41 12.79
CA ILE B 317 -5.98 -28.76 12.26
C ILE B 317 -7.38 -29.26 11.89
N ALA B 318 -8.37 -28.78 12.63
CA ALA B 318 -9.76 -29.16 12.37
C ALA B 318 -10.20 -28.59 11.03
N ALA B 319 -9.76 -27.38 10.73
CA ALA B 319 -10.11 -26.75 9.47
C ALA B 319 -9.42 -27.54 8.37
N THR B 320 -8.19 -27.96 8.63
CA THR B 320 -7.42 -28.74 7.67
C THR B 320 -8.18 -30.00 7.30
N MET B 321 -8.79 -30.64 8.28
CA MET B 321 -9.55 -31.86 8.04
C MET B 321 -10.84 -31.60 7.30
N GLU B 322 -11.49 -30.47 7.59
CA GLU B 322 -12.74 -30.14 6.93
C GLU B 322 -12.51 -29.94 5.44
N ASN B 323 -11.49 -29.17 5.09
CA ASN B 323 -11.16 -28.92 3.70
C ASN B 323 -10.70 -30.22 3.05
N ALA B 324 -9.88 -30.97 3.79
CA ALA B 324 -9.35 -32.24 3.31
C ALA B 324 -10.46 -33.18 2.84
N GLN B 325 -11.56 -33.24 3.59
CA GLN B 325 -12.65 -34.12 3.20
C GLN B 325 -13.48 -33.47 2.10
N LYS B 326 -13.52 -32.15 2.09
CA LYS B 326 -14.27 -31.43 1.05
C LYS B 326 -13.69 -31.78 -0.31
N GLY B 327 -12.41 -32.12 -0.33
CA GLY B 327 -11.74 -32.49 -1.56
C GLY B 327 -11.30 -33.94 -1.53
N GLU B 328 -10.31 -34.29 -2.35
CA GLU B 328 -9.82 -35.67 -2.39
C GLU B 328 -8.30 -35.78 -2.43
N ILE B 329 -7.81 -36.94 -2.02
CA ILE B 329 -6.38 -37.22 -1.99
C ILE B 329 -5.88 -37.50 -3.40
N MET B 330 -4.72 -36.93 -3.73
CA MET B 330 -4.14 -37.07 -5.06
C MET B 330 -3.72 -38.48 -5.45
N PRO B 331 -3.90 -38.82 -6.74
CA PRO B 331 -3.49 -40.15 -7.20
C PRO B 331 -1.97 -40.14 -7.10
N ASN B 332 -1.35 -41.30 -7.03
CA ASN B 332 0.10 -41.33 -6.92
C ASN B 332 0.77 -41.84 -8.20
N ILE B 333 -0.05 -42.21 -9.18
CA ILE B 333 0.43 -42.73 -10.46
C ILE B 333 1.48 -41.83 -11.12
N PRO B 334 2.32 -42.43 -12.00
CA PRO B 334 3.37 -41.72 -12.73
C PRO B 334 2.85 -40.55 -13.57
N GLN B 335 1.70 -40.77 -14.20
CA GLN B 335 1.08 -39.77 -15.06
C GLN B 335 0.75 -38.47 -14.33
N MET B 336 1.11 -38.38 -13.05
CA MET B 336 0.83 -37.18 -12.27
C MET B 336 1.75 -35.99 -12.57
N SER B 337 3.01 -36.26 -12.86
CA SER B 337 3.96 -35.19 -13.16
C SER B 337 3.50 -34.44 -14.41
N ALA B 338 2.89 -35.18 -15.34
CA ALA B 338 2.39 -34.60 -16.60
C ALA B 338 1.21 -33.69 -16.30
N PHE B 339 0.28 -34.19 -15.49
CA PHE B 339 -0.90 -33.42 -15.09
C PHE B 339 -0.46 -32.09 -14.51
N TRP B 340 0.35 -32.15 -13.47
CA TRP B 340 0.84 -30.96 -12.80
C TRP B 340 1.57 -30.00 -13.72
N TYR B 341 2.33 -30.52 -14.67
CA TYR B 341 3.05 -29.65 -15.60
C TYR B 341 2.05 -28.93 -16.50
N ALA B 342 1.15 -29.70 -17.11
CA ALA B 342 0.14 -29.16 -18.01
C ALA B 342 -0.65 -28.03 -17.36
N VAL B 343 -1.32 -28.36 -16.26
CA VAL B 343 -2.13 -27.39 -15.53
C VAL B 343 -1.31 -26.24 -14.98
N ARG B 344 -0.02 -26.46 -14.74
CA ARG B 344 0.83 -25.40 -14.21
C ARG B 344 1.00 -24.28 -15.24
N THR B 345 1.27 -24.67 -16.48
CA THR B 345 1.45 -23.69 -17.54
C THR B 345 0.09 -23.11 -17.95
N ALA B 346 -0.94 -23.93 -17.87
CA ALA B 346 -2.28 -23.48 -18.24
C ALA B 346 -2.77 -22.33 -17.36
N VAL B 347 -2.55 -22.45 -16.06
CA VAL B 347 -2.97 -21.40 -15.14
C VAL B 347 -2.12 -20.14 -15.32
N ILE B 348 -0.81 -20.33 -15.34
CA ILE B 348 0.13 -19.23 -15.50
C ILE B 348 -0.05 -18.46 -16.80
N ASN B 349 -0.37 -19.17 -17.88
CA ASN B 349 -0.56 -18.52 -19.17
C ASN B 349 -1.92 -17.84 -19.28
N ALA B 350 -2.90 -18.39 -18.58
CA ALA B 350 -4.25 -17.81 -18.57
C ALA B 350 -4.19 -16.54 -17.72
N ALA B 351 -3.47 -16.62 -16.60
CA ALA B 351 -3.32 -15.50 -15.69
C ALA B 351 -2.55 -14.35 -16.34
N SER B 352 -1.51 -14.69 -17.09
CA SER B 352 -0.67 -13.69 -17.76
C SER B 352 -1.34 -13.12 -19.01
N GLY B 353 -2.23 -13.89 -19.60
CA GLY B 353 -2.91 -13.45 -20.80
C GLY B 353 -2.29 -14.05 -22.06
N ARG B 354 -1.12 -14.66 -21.90
CA ARG B 354 -0.41 -15.29 -23.01
C ARG B 354 -1.31 -16.27 -23.76
N GLN B 355 -2.37 -16.72 -23.10
CA GLN B 355 -3.33 -17.66 -23.69
C GLN B 355 -4.68 -17.45 -23.04
N THR B 356 -5.75 -17.62 -23.81
CA THR B 356 -7.08 -17.46 -23.26
C THR B 356 -7.34 -18.70 -22.41
N VAL B 357 -8.40 -18.67 -21.61
CA VAL B 357 -8.71 -19.81 -20.77
C VAL B 357 -9.03 -21.04 -21.62
N ASP B 358 -10.01 -20.92 -22.51
CA ASP B 358 -10.39 -22.04 -23.37
C ASP B 358 -9.17 -22.57 -24.11
N ALA B 359 -8.33 -21.64 -24.56
CA ALA B 359 -7.12 -21.98 -25.28
C ALA B 359 -6.11 -22.70 -24.38
N ALA B 360 -5.83 -22.10 -23.23
CA ALA B 360 -4.87 -22.67 -22.28
C ALA B 360 -5.28 -24.04 -21.75
N LEU B 361 -6.55 -24.20 -21.40
CA LEU B 361 -7.03 -25.47 -20.87
C LEU B 361 -7.12 -26.54 -21.94
N ALA B 362 -7.18 -26.13 -23.21
CA ALA B 362 -7.27 -27.07 -24.31
C ALA B 362 -5.92 -27.80 -24.41
N ALA B 363 -4.85 -27.02 -24.50
CA ALA B 363 -3.50 -27.57 -24.59
C ALA B 363 -3.23 -28.40 -23.33
N ALA B 364 -3.64 -27.87 -22.18
CA ALA B 364 -3.47 -28.56 -20.91
C ALA B 364 -4.15 -29.92 -20.97
N GLN B 365 -5.36 -29.95 -21.53
CA GLN B 365 -6.12 -31.18 -21.65
C GLN B 365 -5.35 -32.24 -22.45
N THR B 366 -4.71 -31.81 -23.53
CA THR B 366 -3.93 -32.72 -24.37
C THR B 366 -2.63 -33.13 -23.70
N ASN B 367 -1.92 -32.13 -23.18
CA ASN B 367 -0.64 -32.34 -22.50
C ASN B 367 -0.69 -33.26 -21.29
N ALA B 368 -1.71 -33.10 -20.45
CA ALA B 368 -1.86 -33.93 -19.26
C ALA B 368 -2.00 -35.40 -19.62
N ALA B 369 -2.68 -35.67 -20.74
CA ALA B 369 -2.89 -37.03 -21.20
C ALA B 369 -1.85 -37.45 -22.23
N ALA B 370 -0.65 -36.86 -22.13
CA ALA B 370 0.43 -37.16 -23.05
C ALA B 370 1.54 -37.93 -22.32
N ASP B 371 2.57 -38.32 -23.06
CA ASP B 371 3.69 -39.06 -22.48
C ASP B 371 4.53 -38.13 -21.61
N PRO B 372 4.71 -38.48 -20.32
CA PRO B 372 5.50 -37.65 -19.41
C PRO B 372 6.92 -37.44 -19.93
N ILE B 373 7.75 -36.81 -19.12
CA ILE B 373 9.14 -36.53 -19.48
C ILE B 373 9.75 -35.61 -18.43
N HIS B 374 11.06 -35.69 -18.25
CA HIS B 374 11.74 -34.85 -17.28
C HIS B 374 11.72 -33.38 -17.69
N TYR B 375 10.55 -32.78 -17.50
CA TYR B 375 10.29 -31.38 -17.84
C TYR B 375 11.37 -30.43 -17.33
N ASP B 376 11.87 -30.68 -16.13
CA ASP B 376 12.91 -29.83 -15.55
C ASP B 376 14.23 -29.93 -16.29
N LYS B 377 14.48 -31.10 -16.89
CA LYS B 377 15.72 -31.34 -17.64
C LYS B 377 15.63 -30.77 -19.05
N ILE B 378 14.53 -31.07 -19.74
CA ILE B 378 14.30 -30.60 -21.10
C ILE B 378 14.10 -29.10 -21.15
N THR B 379 13.11 -28.60 -20.40
CA THR B 379 12.82 -27.18 -20.37
C THR B 379 14.10 -26.35 -20.26
N GLU B 380 15.00 -26.76 -19.37
CA GLU B 380 16.25 -26.02 -19.19
C GLU B 380 17.16 -26.18 -20.40
N GLU B 381 17.14 -27.35 -21.02
CA GLU B 381 17.96 -27.60 -22.19
C GLU B 381 17.55 -26.63 -23.29
N ILE B 382 16.26 -26.66 -23.64
CA ILE B 382 15.73 -25.79 -24.67
C ILE B 382 15.96 -24.33 -24.31
N ASN B 383 15.63 -23.96 -23.07
CA ASN B 383 15.83 -22.57 -22.64
C ASN B 383 17.28 -22.18 -22.90
N LYS B 384 18.20 -23.08 -22.55
CA LYS B 384 19.62 -22.84 -22.73
C LYS B 384 19.98 -22.63 -24.20
N ALA B 385 19.60 -23.59 -25.04
CA ALA B 385 19.90 -23.53 -26.46
C ALA B 385 19.37 -22.23 -27.08
N VAL B 386 18.10 -21.92 -26.83
CA VAL B 386 17.47 -20.72 -27.35
C VAL B 386 18.21 -19.47 -26.89
N ASP B 387 18.72 -19.50 -25.67
CA ASP B 387 19.46 -18.36 -25.14
C ASP B 387 20.72 -18.15 -25.96
N GLU B 388 21.45 -19.23 -26.19
CA GLU B 388 22.69 -19.17 -26.96
C GLU B 388 22.41 -18.79 -28.41
N ALA B 389 21.19 -19.05 -28.87
CA ALA B 389 20.81 -18.71 -30.24
C ALA B 389 20.59 -17.20 -30.30
N VAL B 390 20.18 -16.63 -29.17
CA VAL B 390 19.95 -15.20 -29.07
C VAL B 390 21.28 -14.47 -29.05
N ALA B 391 22.14 -14.84 -28.11
CA ALA B 391 23.46 -14.22 -27.98
C ALA B 391 24.21 -14.33 -29.31
N ALA B 392 23.93 -15.40 -30.04
CA ALA B 392 24.57 -15.62 -31.34
C ALA B 392 24.08 -14.59 -32.36
N ILE B 393 22.76 -14.43 -32.44
CA ILE B 393 22.16 -13.48 -33.36
C ILE B 393 22.47 -12.05 -32.90
N GLU B 394 22.70 -11.90 -31.60
CA GLU B 394 23.02 -10.61 -31.01
C GLU B 394 24.48 -10.26 -31.27
N LYS B 395 25.35 -11.26 -31.21
CA LYS B 395 26.78 -11.07 -31.42
C LYS B 395 27.03 -10.28 -32.70
N SER B 396 26.26 -10.58 -33.75
CA SER B 396 26.39 -9.90 -35.02
C SER B 396 25.45 -8.69 -35.01
N GLU B 397 26.02 -7.50 -35.09
CA GLU B 397 25.23 -6.27 -35.06
C GLU B 397 24.47 -6.02 -36.35
N THR B 398 24.01 -7.09 -36.99
CA THR B 398 23.28 -6.98 -38.25
C THR B 398 21.81 -6.61 -38.05
N PHE B 399 21.25 -6.94 -36.89
CA PHE B 399 19.86 -6.65 -36.62
C PHE B 399 19.63 -5.50 -35.64
N ASP B 400 20.66 -4.71 -35.41
CA ASP B 400 20.56 -3.57 -34.51
C ASP B 400 21.68 -2.58 -34.77
N PRO B 401 21.38 -1.49 -35.49
CA PRO B 401 20.06 -1.17 -36.05
C PRO B 401 19.65 -2.13 -37.18
N MET B 402 18.39 -2.06 -37.57
CA MET B 402 17.86 -2.90 -38.63
C MET B 402 17.18 -2.06 -39.69
N LYS B 403 17.73 -2.05 -40.90
CA LYS B 403 17.19 -1.26 -41.99
C LYS B 403 15.84 -1.81 -42.46
N VAL B 404 14.93 -0.89 -42.79
CA VAL B 404 13.60 -1.25 -43.25
C VAL B 404 13.29 -0.46 -44.53
N PRO B 405 12.71 -1.13 -45.54
CA PRO B 405 12.37 -0.47 -46.82
C PRO B 405 11.54 0.80 -46.63
N ASP B 406 11.77 1.77 -47.51
CA ASP B 406 11.04 3.02 -47.48
C ASP B 406 9.57 2.73 -47.68
N HIS B 407 8.71 3.52 -47.06
CA HIS B 407 7.28 3.30 -47.16
C HIS B 407 6.52 4.57 -47.53
N SER B 408 5.55 4.43 -48.43
CA SER B 408 4.72 5.56 -48.85
C SER B 408 3.27 5.15 -48.60
N ASP B 409 2.42 6.14 -48.31
CA ASP B 409 1.02 5.85 -48.05
C ASP B 409 0.21 7.14 -48.02
N LYS B 410 -1.11 7.02 -47.88
CA LYS B 410 -1.98 8.19 -47.85
C LYS B 410 -3.13 8.01 -46.87
N PHE B 411 -3.27 8.97 -45.96
CA PHE B 411 -4.33 8.94 -44.96
C PHE B 411 -5.62 9.57 -45.47
N GLU B 412 -6.71 8.84 -45.33
CA GLU B 412 -8.03 9.32 -45.77
C GLU B 412 -8.85 9.88 -44.61
N ARG B 413 -8.41 9.62 -43.39
CA ARG B 413 -9.11 10.11 -42.22
C ARG B 413 -9.44 11.59 -42.38
N HIS B 414 -10.72 11.92 -42.34
CA HIS B 414 -11.17 13.31 -42.49
C HIS B 414 -12.01 13.75 -41.30
N ILE B 415 -11.86 15.03 -40.94
CA ILE B 415 -12.61 15.59 -39.82
C ILE B 415 -13.66 16.58 -40.31
N LYS B 421 -7.20 14.48 -45.26
CA LYS B 421 -6.62 13.62 -46.30
C LYS B 421 -5.25 14.14 -46.74
N GLY B 422 -4.40 13.22 -47.18
CA GLY B 422 -3.07 13.60 -47.62
C GLY B 422 -2.18 12.39 -47.87
N GLU B 423 -0.89 12.65 -48.07
CA GLU B 423 0.06 11.57 -48.32
C GLU B 423 1.31 11.73 -47.45
N LEU B 424 1.97 10.61 -47.16
CA LEU B 424 3.17 10.61 -46.34
C LEU B 424 4.24 9.65 -46.85
N ASP B 425 5.48 9.89 -46.46
CA ASP B 425 6.60 9.05 -46.87
C ASP B 425 7.55 8.82 -45.71
N MET B 426 7.92 7.56 -45.52
CA MET B 426 8.84 7.15 -44.46
C MET B 426 10.12 6.65 -45.09
N ARG B 427 11.20 7.39 -44.89
CA ARG B 427 12.49 7.02 -45.44
C ARG B 427 13.54 6.91 -44.36
N ASN B 428 14.59 6.15 -44.64
CA ASN B 428 15.68 5.95 -43.68
C ASN B 428 15.13 5.40 -42.38
N ILE B 429 14.25 4.42 -42.48
CA ILE B 429 13.65 3.81 -41.31
C ILE B 429 14.63 2.84 -40.66
N GLN B 430 14.91 3.04 -39.37
CA GLN B 430 15.83 2.20 -38.65
C GLN B 430 15.23 1.63 -37.37
N VAL B 431 15.15 0.31 -37.29
CA VAL B 431 14.62 -0.35 -36.10
C VAL B 431 15.80 -0.57 -35.18
N ARG B 432 15.79 0.10 -34.03
CA ARG B 432 16.88 -0.02 -33.07
C ARG B 432 16.38 -0.50 -31.71
N GLY B 433 17.22 -1.26 -31.01
CA GLY B 433 16.86 -1.77 -29.70
C GLY B 433 16.75 -3.29 -29.63
N LEU B 434 16.71 -3.92 -30.79
CA LEU B 434 16.59 -5.37 -30.90
C LEU B 434 17.70 -6.16 -30.19
N LYS B 435 18.92 -5.63 -30.22
CA LYS B 435 20.05 -6.31 -29.60
C LYS B 435 19.76 -6.71 -28.14
N GLN B 436 19.00 -5.89 -27.44
CA GLN B 436 18.69 -6.15 -26.03
C GLN B 436 17.55 -7.12 -25.75
N MET B 437 17.16 -7.94 -26.72
CA MET B 437 16.08 -8.89 -26.50
C MET B 437 16.57 -10.18 -25.86
N LYS B 438 15.65 -10.89 -25.18
CA LYS B 438 15.97 -12.14 -24.51
C LYS B 438 14.67 -12.92 -24.30
N ARG B 439 14.77 -14.24 -24.11
CA ARG B 439 13.58 -15.06 -23.91
C ARG B 439 12.81 -14.63 -22.68
N VAL B 440 11.50 -14.85 -22.72
CA VAL B 440 10.61 -14.48 -21.62
C VAL B 440 9.89 -15.72 -21.09
N GLY B 441 10.33 -16.19 -19.92
CA GLY B 441 9.71 -17.36 -19.32
C GLY B 441 10.30 -18.65 -19.87
N ASP B 442 10.04 -19.76 -19.18
CA ASP B 442 10.55 -21.06 -19.60
C ASP B 442 9.71 -21.61 -20.75
N ALA B 443 10.37 -22.35 -21.64
CA ALA B 443 9.69 -22.93 -22.79
C ALA B 443 8.57 -23.86 -22.37
N ASN B 444 7.44 -23.78 -23.06
CA ASN B 444 6.29 -24.64 -22.77
C ASN B 444 6.52 -25.90 -23.59
N VAL B 445 7.40 -26.76 -23.09
CA VAL B 445 7.73 -28.02 -23.76
C VAL B 445 6.53 -28.96 -23.90
N LYS B 446 6.79 -30.14 -24.46
CA LYS B 446 5.76 -31.15 -24.68
C LYS B 446 6.34 -32.32 -25.48
N SER B 447 6.73 -33.39 -24.78
CA SER B 447 7.30 -34.55 -25.44
C SER B 447 6.25 -35.58 -25.82
N GLU B 448 6.05 -35.78 -27.12
CA GLU B 448 5.08 -36.74 -27.60
C GLU B 448 5.65 -37.58 -28.74
N ASP B 449 5.58 -38.89 -28.61
CA ASP B 449 6.09 -39.81 -29.63
C ASP B 449 7.57 -39.60 -29.91
N GLY B 450 8.33 -39.29 -28.86
CA GLY B 450 9.76 -39.07 -29.01
C GLY B 450 10.15 -37.69 -29.49
N VAL B 451 9.27 -37.05 -30.27
CA VAL B 451 9.53 -35.71 -30.79
C VAL B 451 8.98 -34.61 -29.89
N VAL B 452 9.88 -33.89 -29.24
CA VAL B 452 9.52 -32.81 -28.32
C VAL B 452 9.27 -31.47 -29.02
N LYS B 453 8.13 -30.87 -28.73
CA LYS B 453 7.78 -29.56 -29.30
C LYS B 453 7.89 -28.54 -28.19
N ALA B 454 8.22 -27.30 -28.55
CA ALA B 454 8.36 -26.25 -27.56
C ALA B 454 7.92 -24.89 -28.08
N HIS B 455 7.26 -24.13 -27.21
CA HIS B 455 6.80 -22.79 -27.55
C HIS B 455 7.57 -21.85 -26.65
N LEU B 456 8.03 -20.74 -27.20
CA LEU B 456 8.77 -19.78 -26.40
C LEU B 456 8.42 -18.35 -26.78
N LEU B 457 8.91 -17.41 -25.97
CA LEU B 457 8.68 -16.00 -26.22
C LEU B 457 10.01 -15.28 -26.07
N VAL B 458 10.28 -14.37 -27.00
CA VAL B 458 11.51 -13.58 -26.95
C VAL B 458 11.09 -12.14 -27.16
N GLY B 459 11.68 -11.24 -26.38
CA GLY B 459 11.32 -9.84 -26.53
C GLY B 459 12.04 -8.89 -25.60
N VAL B 460 11.52 -7.67 -25.55
CA VAL B 460 12.08 -6.63 -24.71
C VAL B 460 11.06 -6.25 -23.64
N HIS B 461 11.55 -6.00 -22.42
CA HIS B 461 10.68 -5.64 -21.31
C HIS B 461 11.02 -4.27 -20.73
N ASP B 462 12.04 -4.23 -19.89
CA ASP B 462 12.47 -2.98 -19.26
C ASP B 462 12.94 -1.98 -20.31
N ASP B 463 13.52 -2.51 -21.38
CA ASP B 463 14.02 -1.69 -22.48
C ASP B 463 12.90 -1.45 -23.48
N VAL B 464 13.22 -0.76 -24.58
CA VAL B 464 12.23 -0.47 -25.61
C VAL B 464 12.80 -0.55 -27.02
N VAL B 465 11.95 -0.96 -27.97
CA VAL B 465 12.35 -1.05 -29.36
C VAL B 465 11.80 0.18 -30.08
N SER B 466 12.69 1.08 -30.47
CA SER B 466 12.30 2.30 -31.14
C SER B 466 12.52 2.25 -32.64
N MET B 467 11.75 3.04 -33.38
CA MET B 467 11.86 3.11 -34.82
C MET B 467 12.03 4.57 -35.23
N GLU B 468 13.26 4.91 -35.59
CA GLU B 468 13.60 6.27 -36.00
C GLU B 468 13.61 6.36 -37.52
N TYR B 469 13.01 7.42 -38.06
CA TYR B 469 12.94 7.60 -39.50
C TYR B 469 12.53 9.00 -39.88
N ASP B 470 12.70 9.34 -41.14
CA ASP B 470 12.33 10.67 -41.63
C ASP B 470 10.91 10.62 -42.17
N LEU B 471 10.07 11.54 -41.71
CA LEU B 471 8.69 11.59 -42.17
C LEU B 471 8.41 12.83 -42.99
N ALA B 472 7.82 12.61 -44.16
CA ALA B 472 7.48 13.71 -45.06
C ALA B 472 6.03 13.54 -45.47
N TYR B 473 5.15 14.34 -44.86
CA TYR B 473 3.73 14.26 -45.18
C TYR B 473 3.24 15.54 -45.86
N LYS B 474 2.22 15.42 -46.70
CA LYS B 474 1.66 16.55 -47.41
C LYS B 474 0.24 16.89 -46.96
N LEU B 475 0.05 18.13 -46.52
CA LEU B 475 -1.25 18.60 -46.07
C LEU B 475 -1.56 19.95 -46.68
N GLY B 476 -2.43 19.97 -47.69
CA GLY B 476 -2.79 21.21 -48.36
C GLY B 476 -1.66 21.74 -49.20
N ASP B 477 -1.10 22.87 -48.79
CA ASP B 477 0.02 23.48 -49.50
C ASP B 477 1.26 23.38 -48.63
N LEU B 478 1.15 22.59 -47.56
CA LEU B 478 2.25 22.38 -46.63
C LEU B 478 2.82 20.97 -46.83
N HIS B 479 4.12 20.90 -47.05
CA HIS B 479 4.82 19.63 -47.25
C HIS B 479 5.99 19.59 -46.28
N PRO B 480 5.69 19.49 -44.98
CA PRO B 480 6.72 19.45 -43.94
C PRO B 480 7.55 18.16 -43.87
N ASN B 481 8.82 18.33 -43.53
CA ASN B 481 9.75 17.24 -43.39
C ASN B 481 10.30 17.28 -41.98
N THR B 482 10.23 16.15 -41.29
CA THR B 482 10.71 16.06 -39.92
C THR B 482 11.15 14.64 -39.58
N HIS B 483 11.97 14.51 -38.54
CA HIS B 483 12.44 13.19 -38.12
C HIS B 483 11.52 12.71 -37.01
N VAL B 484 11.03 11.48 -37.15
CA VAL B 484 10.13 10.90 -36.16
C VAL B 484 10.72 9.71 -35.43
N ILE B 485 10.15 9.39 -34.28
CA ILE B 485 10.59 8.28 -33.46
C ILE B 485 9.35 7.61 -32.86
N SER B 486 9.22 6.31 -33.11
CA SER B 486 8.08 5.55 -32.60
C SER B 486 8.56 4.45 -31.65
N ASP B 487 8.02 4.45 -30.44
CA ASP B 487 8.40 3.46 -29.43
C ASP B 487 7.42 2.29 -29.37
N ILE B 488 7.93 1.09 -29.62
CA ILE B 488 7.09 -0.11 -29.57
C ILE B 488 6.95 -0.60 -28.14
N GLN B 489 5.71 -0.69 -27.67
CA GLN B 489 5.43 -1.13 -26.31
C GLN B 489 5.38 -2.66 -26.22
N ASP B 490 6.38 -3.23 -25.56
CA ASP B 490 6.47 -4.67 -25.37
C ASP B 490 6.64 -5.46 -26.67
N PHE B 491 7.86 -5.44 -27.20
CA PHE B 491 8.17 -6.17 -28.42
C PHE B 491 8.32 -7.65 -28.07
N VAL B 492 7.55 -8.50 -28.73
CA VAL B 492 7.61 -9.93 -28.45
C VAL B 492 7.39 -10.77 -29.70
N VAL B 493 8.19 -11.84 -29.84
CA VAL B 493 8.07 -12.75 -30.96
C VAL B 493 7.68 -14.12 -30.43
N GLU B 494 6.93 -14.87 -31.23
CA GLU B 494 6.48 -16.20 -30.84
C GLU B 494 7.08 -17.25 -31.78
N LEU B 495 7.94 -18.10 -31.24
CA LEU B 495 8.56 -19.15 -32.05
C LEU B 495 8.24 -20.55 -31.54
N SER B 496 8.36 -21.53 -32.42
CA SER B 496 8.09 -22.92 -32.09
C SER B 496 9.27 -23.80 -32.48
N LEU B 497 9.74 -24.60 -31.53
CA LEU B 497 10.86 -25.51 -31.76
C LEU B 497 10.33 -26.91 -31.99
N GLU B 498 11.23 -27.88 -32.03
CA GLU B 498 10.88 -29.27 -32.24
C GLU B 498 12.16 -30.07 -32.31
N VAL B 499 12.40 -30.91 -31.30
CA VAL B 499 13.61 -31.71 -31.24
C VAL B 499 13.39 -33.14 -31.74
N SER B 500 14.25 -33.56 -32.66
CA SER B 500 14.19 -34.90 -33.25
C SER B 500 14.68 -35.94 -32.26
N GLU B 501 14.49 -37.21 -32.58
CA GLU B 501 14.93 -38.30 -31.72
C GLU B 501 16.44 -38.23 -31.56
N GLU B 502 17.11 -37.66 -32.57
CA GLU B 502 18.56 -37.51 -32.57
C GLU B 502 18.98 -36.25 -31.82
N GLY B 503 18.02 -35.36 -31.59
CA GLY B 503 18.32 -34.12 -30.88
C GLY B 503 18.53 -32.96 -31.82
N ASN B 504 17.96 -33.04 -33.02
CA ASN B 504 18.10 -31.98 -34.00
C ASN B 504 16.99 -30.93 -33.84
N MET B 505 17.32 -29.89 -33.10
CA MET B 505 16.39 -28.79 -32.84
C MET B 505 16.15 -27.96 -34.09
N THR B 506 14.89 -27.80 -34.47
CA THR B 506 14.55 -27.03 -35.66
C THR B 506 13.41 -26.03 -35.41
N LEU B 507 13.44 -24.92 -36.15
CA LEU B 507 12.44 -23.87 -36.02
C LEU B 507 11.20 -24.22 -36.84
N THR B 508 10.05 -24.26 -36.17
CA THR B 508 8.80 -24.62 -36.83
C THR B 508 7.85 -23.44 -36.98
N SER B 509 8.01 -22.44 -36.10
CA SER B 509 7.17 -21.25 -36.14
C SER B 509 7.95 -20.03 -35.67
N PHE B 510 7.60 -18.86 -36.19
CA PHE B 510 8.27 -17.63 -35.81
C PHE B 510 7.46 -16.46 -36.35
N GLU B 511 6.94 -15.63 -35.44
CA GLU B 511 6.14 -14.49 -35.83
C GLU B 511 6.27 -13.38 -34.78
N VAL B 512 6.47 -12.16 -35.25
CA VAL B 512 6.56 -11.02 -34.35
C VAL B 512 5.13 -10.72 -33.95
N ARG B 513 4.80 -10.91 -32.68
CA ARG B 513 3.43 -10.67 -32.22
C ARG B 513 3.06 -9.21 -32.40
N GLN B 514 1.81 -8.96 -32.80
CA GLN B 514 1.35 -7.60 -33.01
C GLN B 514 1.69 -6.75 -31.78
N PHE B 515 2.22 -5.56 -32.04
CA PHE B 515 2.63 -4.66 -30.98
C PHE B 515 1.51 -4.24 -30.04
N ALA B 516 1.82 -4.26 -28.74
CA ALA B 516 0.85 -3.87 -27.73
C ALA B 516 0.42 -2.44 -28.03
N ASN B 517 1.39 -1.54 -28.08
CA ASN B 517 1.10 -0.13 -28.36
C ASN B 517 2.29 0.49 -29.06
N VAL B 518 2.07 1.60 -29.75
CA VAL B 518 3.12 2.31 -30.45
C VAL B 518 2.99 3.81 -30.19
N VAL B 519 3.90 4.34 -29.38
CA VAL B 519 3.89 5.77 -29.06
C VAL B 519 4.66 6.51 -30.15
N ASN B 520 3.96 7.38 -30.88
CA ASN B 520 4.58 8.13 -31.96
C ASN B 520 4.90 9.57 -31.60
N HIS B 521 6.18 9.89 -31.55
CA HIS B 521 6.61 11.25 -31.23
C HIS B 521 6.94 11.99 -32.52
N ILE B 522 6.06 12.91 -32.89
CA ILE B 522 6.22 13.70 -34.09
C ILE B 522 6.50 15.15 -33.73
N GLY B 523 7.78 15.48 -33.51
CA GLY B 523 8.13 16.84 -33.17
C GLY B 523 7.45 17.85 -34.09
N GLY B 524 7.07 18.99 -33.54
CA GLY B 524 6.42 20.01 -34.33
C GLY B 524 4.91 19.94 -34.24
N LEU B 525 4.40 18.80 -33.82
CA LEU B 525 2.96 18.60 -33.68
C LEU B 525 2.59 18.29 -32.24
N SER B 526 1.47 18.86 -31.79
CA SER B 526 1.00 18.64 -30.44
C SER B 526 0.13 17.39 -30.40
N ILE B 527 0.11 16.72 -29.25
CA ILE B 527 -0.67 15.50 -29.09
C ILE B 527 -2.16 15.82 -29.17
N LEU B 528 -2.48 17.11 -29.17
CA LEU B 528 -3.87 17.57 -29.24
C LEU B 528 -4.24 17.96 -30.67
N ASP B 529 -3.25 17.97 -31.55
CA ASP B 529 -3.45 18.32 -32.95
C ASP B 529 -4.20 17.23 -33.70
N PRO B 530 -5.25 17.59 -34.44
CA PRO B 530 -6.00 16.58 -35.20
C PRO B 530 -5.04 15.92 -36.19
N ILE B 531 -4.14 16.72 -36.73
CA ILE B 531 -3.14 16.24 -37.68
C ILE B 531 -2.32 15.11 -37.05
N PHE B 532 -1.83 15.35 -35.83
CA PHE B 532 -1.05 14.35 -35.14
C PHE B 532 -1.88 13.08 -34.94
N ALA B 533 -3.13 13.26 -34.53
CA ALA B 533 -4.03 12.14 -34.30
C ALA B 533 -4.20 11.32 -35.57
N VAL B 534 -4.24 12.00 -36.72
CA VAL B 534 -4.41 11.34 -38.00
C VAL B 534 -3.13 10.65 -38.47
N LEU B 535 -1.98 11.24 -38.16
CA LEU B 535 -0.71 10.65 -38.57
C LEU B 535 -0.32 9.50 -37.65
N SER B 536 -0.44 9.71 -36.35
CA SER B 536 -0.10 8.69 -35.37
C SER B 536 -0.85 7.39 -35.64
N ASP B 537 -2.12 7.49 -36.00
CA ASP B 537 -2.90 6.30 -36.29
C ASP B 537 -2.38 5.59 -37.54
N VAL B 538 -2.15 6.35 -38.60
CA VAL B 538 -1.65 5.76 -39.85
C VAL B 538 -0.28 5.11 -39.65
N LEU B 539 0.59 5.75 -38.88
CA LEU B 539 1.92 5.22 -38.63
C LEU B 539 1.87 3.88 -37.91
N THR B 540 1.06 3.82 -36.85
CA THR B 540 0.91 2.60 -36.07
C THR B 540 0.34 1.47 -36.92
N ALA B 541 -0.56 1.80 -37.84
CA ALA B 541 -1.16 0.80 -38.71
C ALA B 541 -0.10 0.28 -39.68
N ILE B 542 0.89 1.11 -39.96
CA ILE B 542 1.96 0.74 -40.87
C ILE B 542 2.91 -0.24 -40.17
N PHE B 543 3.19 0.03 -38.90
CA PHE B 543 4.09 -0.85 -38.14
C PHE B 543 3.43 -2.18 -37.85
N GLN B 544 2.18 -2.15 -37.42
CA GLN B 544 1.44 -3.36 -37.10
C GLN B 544 1.25 -4.26 -38.31
N ASP B 545 1.27 -3.67 -39.51
CA ASP B 545 1.08 -4.44 -40.73
C ASP B 545 2.34 -4.59 -41.60
N THR B 546 2.73 -3.52 -42.27
CA THR B 546 3.90 -3.54 -43.14
C THR B 546 5.22 -3.86 -42.46
N VAL B 547 5.63 -3.01 -41.52
CA VAL B 547 6.89 -3.22 -40.82
C VAL B 547 6.97 -4.55 -40.09
N ARG B 548 6.09 -4.74 -39.10
CA ARG B 548 6.07 -5.98 -38.32
C ARG B 548 6.28 -7.21 -39.19
N ALA B 549 5.51 -7.30 -40.28
CA ALA B 549 5.60 -8.44 -41.20
C ALA B 549 6.95 -8.53 -41.89
N GLU B 550 7.63 -7.39 -42.01
CA GLU B 550 8.94 -7.36 -42.65
C GLU B 550 9.97 -7.93 -41.68
N MET B 551 9.93 -7.45 -40.44
CA MET B 551 10.84 -7.89 -39.39
C MET B 551 10.82 -9.41 -39.28
N THR B 552 9.62 -9.99 -39.37
CA THR B 552 9.45 -11.43 -39.29
C THR B 552 10.24 -12.09 -40.42
N LYS B 553 10.13 -11.52 -41.61
CA LYS B 553 10.83 -12.06 -42.77
C LYS B 553 12.33 -11.94 -42.60
N VAL B 554 12.77 -10.95 -41.82
CA VAL B 554 14.19 -10.74 -41.60
C VAL B 554 14.76 -11.53 -40.43
N LEU B 555 14.04 -11.56 -39.31
CA LEU B 555 14.51 -12.27 -38.12
C LEU B 555 14.34 -13.80 -38.15
N ALA B 556 13.21 -14.26 -38.69
CA ALA B 556 12.95 -15.69 -38.74
C ALA B 556 14.14 -16.51 -39.24
N PRO B 557 14.61 -16.27 -40.48
CA PRO B 557 15.75 -17.02 -41.00
C PRO B 557 16.97 -16.98 -40.10
N ALA B 558 17.18 -15.84 -39.43
CA ALA B 558 18.31 -15.69 -38.54
C ALA B 558 18.24 -16.74 -37.44
N PHE B 559 17.12 -16.78 -36.74
CA PHE B 559 16.89 -17.74 -35.67
C PHE B 559 16.93 -19.17 -36.18
N LYS B 560 16.40 -19.40 -37.37
CA LYS B 560 16.40 -20.76 -37.92
C LYS B 560 17.82 -21.25 -38.15
N LYS B 561 18.68 -20.36 -38.62
CA LYS B 561 20.07 -20.72 -38.88
C LYS B 561 20.79 -21.07 -37.58
N GLU B 562 20.63 -20.24 -36.56
CA GLU B 562 21.29 -20.47 -35.28
C GLU B 562 20.76 -21.69 -34.54
N LEU B 563 19.44 -21.80 -34.44
CA LEU B 563 18.83 -22.93 -33.76
C LEU B 563 19.16 -24.24 -34.49
N GLU B 564 19.56 -24.11 -35.75
CA GLU B 564 19.89 -25.28 -36.55
C GLU B 564 21.35 -25.35 -37.02
N ARG B 565 22.22 -24.55 -36.40
CA ARG B 565 23.64 -24.54 -36.76
C ARG B 565 24.32 -25.77 -36.17
N ASN B 566 24.53 -25.76 -34.86
CA ASN B 566 25.15 -26.88 -34.16
C ASN B 566 24.15 -28.02 -34.17
N ASN B 567 23.22 -27.96 -35.13
CA ASN B 567 22.17 -28.96 -35.28
C ASN B 567 22.67 -30.16 -36.08
N GLN B 568 23.83 -30.68 -35.69
CA GLN B 568 24.43 -31.83 -36.33
C GLN B 568 24.84 -31.49 -37.76
N ILE C 2 -12.51 55.54 -28.00
CA ILE C 2 -11.55 54.83 -28.90
C ILE C 2 -10.16 54.79 -28.28
N GLU C 3 -9.59 55.97 -28.03
CA GLU C 3 -8.26 56.11 -27.42
C GLU C 3 -7.14 55.70 -28.37
N GLU C 4 -6.74 56.62 -29.23
CA GLU C 4 -5.68 56.39 -30.20
C GLU C 4 -4.32 56.74 -29.58
N GLY C 5 -3.32 55.91 -29.84
CA GLY C 5 -2.00 56.15 -29.29
C GLY C 5 -1.72 55.39 -28.00
N LYS C 6 -2.72 54.66 -27.53
CA LYS C 6 -2.59 53.88 -26.29
C LYS C 6 -3.01 52.43 -26.52
N LEU C 7 -2.97 51.63 -25.46
CA LEU C 7 -3.36 50.22 -25.53
C LEU C 7 -4.16 49.77 -24.32
N VAL C 8 -5.44 49.49 -24.53
CA VAL C 8 -6.31 49.03 -23.45
C VAL C 8 -6.53 47.53 -23.58
N ILE C 9 -6.13 46.77 -22.57
CA ILE C 9 -6.28 45.32 -22.59
C ILE C 9 -6.97 44.79 -21.34
N TRP C 10 -7.91 43.86 -21.53
CA TRP C 10 -8.63 43.25 -20.42
C TRP C 10 -8.37 41.75 -20.32
N ILE C 11 -8.11 41.29 -19.10
CA ILE C 11 -7.85 39.88 -18.84
C ILE C 11 -8.58 39.54 -17.54
N ASN C 12 -8.84 38.26 -17.29
CA ASN C 12 -9.55 37.87 -16.07
C ASN C 12 -8.65 37.86 -14.84
N GLY C 13 -9.20 38.33 -13.73
CA GLY C 13 -8.48 38.40 -12.47
C GLY C 13 -7.75 37.16 -11.97
N ASP C 14 -8.16 35.99 -12.43
CA ASP C 14 -7.52 34.75 -11.99
C ASP C 14 -6.28 34.43 -12.82
N LYS C 15 -6.06 35.21 -13.88
CA LYS C 15 -4.92 35.01 -14.75
C LYS C 15 -3.82 36.01 -14.41
N GLY C 16 -2.57 35.64 -14.72
CA GLY C 16 -1.46 36.53 -14.43
C GLY C 16 -1.51 37.83 -15.19
N TYR C 17 -2.34 38.77 -14.73
CA TYR C 17 -2.47 40.06 -15.39
C TYR C 17 -1.33 41.01 -15.00
N ASN C 18 -0.73 40.77 -13.85
CA ASN C 18 0.38 41.59 -13.39
C ASN C 18 1.61 41.10 -14.15
N GLY C 19 1.55 39.84 -14.59
CA GLY C 19 2.65 39.28 -15.35
C GLY C 19 2.59 39.88 -16.73
N LEU C 20 1.38 40.10 -17.21
CA LEU C 20 1.17 40.70 -18.52
C LEU C 20 1.49 42.18 -18.43
N ALA C 21 1.84 42.63 -17.24
CA ALA C 21 2.18 44.03 -17.01
C ALA C 21 3.56 44.33 -17.56
N GLU C 22 4.55 43.53 -17.15
CA GLU C 22 5.92 43.71 -17.63
C GLU C 22 5.90 43.79 -19.15
N VAL C 23 5.44 42.72 -19.78
CA VAL C 23 5.37 42.66 -21.24
C VAL C 23 4.61 43.87 -21.76
N GLY C 24 3.63 44.33 -20.99
CA GLY C 24 2.83 45.47 -21.39
C GLY C 24 3.55 46.80 -21.38
N LYS C 25 4.55 46.93 -20.50
CA LYS C 25 5.30 48.18 -20.40
C LYS C 25 6.59 48.14 -21.21
N LYS C 26 6.93 46.96 -21.73
CA LYS C 26 8.13 46.82 -22.54
C LYS C 26 7.81 47.36 -23.93
N PHE C 27 6.55 47.25 -24.31
CA PHE C 27 6.08 47.73 -25.61
C PHE C 27 6.16 49.25 -25.56
N GLU C 28 6.11 49.78 -24.34
CA GLU C 28 6.17 51.22 -24.10
C GLU C 28 7.61 51.71 -24.07
N LYS C 29 8.47 50.94 -23.40
CA LYS C 29 9.88 51.29 -23.29
C LYS C 29 10.61 50.95 -24.59
N ASP C 30 9.84 50.73 -25.64
CA ASP C 30 10.41 50.40 -26.95
C ASP C 30 9.80 51.28 -28.03
N THR C 31 8.47 51.36 -28.05
CA THR C 31 7.78 52.18 -29.05
C THR C 31 7.27 53.48 -28.42
N GLY C 32 7.41 53.60 -27.11
CA GLY C 32 6.97 54.79 -26.42
C GLY C 32 5.46 54.93 -26.36
N ILE C 33 4.75 53.80 -26.32
CA ILE C 33 3.29 53.82 -26.27
C ILE C 33 2.80 53.19 -24.97
N LYS C 34 1.88 53.88 -24.29
CA LYS C 34 1.32 53.41 -23.03
C LYS C 34 0.38 52.22 -23.23
N VAL C 35 0.50 51.23 -22.35
CA VAL C 35 -0.33 50.03 -22.42
C VAL C 35 -0.98 49.78 -21.07
N THR C 36 -2.30 49.65 -21.07
CA THR C 36 -3.07 49.42 -19.84
C THR C 36 -3.58 47.98 -19.73
N VAL C 37 -3.70 47.50 -18.50
CA VAL C 37 -4.17 46.14 -18.24
C VAL C 37 -5.20 46.12 -17.10
N GLU C 38 -6.47 46.12 -17.46
CA GLU C 38 -7.56 46.11 -16.49
C GLU C 38 -8.24 44.73 -16.43
N HIS C 39 -8.63 44.31 -15.23
CA HIS C 39 -9.27 43.01 -15.04
C HIS C 39 -10.63 43.10 -14.36
N PRO C 40 -11.65 43.61 -15.08
CA PRO C 40 -13.00 43.77 -14.56
C PRO C 40 -13.64 42.43 -14.15
N ASP C 41 -14.95 42.48 -13.95
CA ASP C 41 -15.72 41.30 -13.58
C ASP C 41 -16.70 41.01 -14.71
N LYS C 42 -16.96 39.73 -14.97
CA LYS C 42 -17.87 39.36 -16.04
C LYS C 42 -17.53 40.13 -17.31
N LEU C 43 -16.23 40.34 -17.53
CA LEU C 43 -15.76 41.08 -18.70
C LEU C 43 -16.18 40.42 -20.01
N GLU C 44 -16.40 39.11 -19.99
CA GLU C 44 -16.80 38.41 -21.21
C GLU C 44 -18.20 38.83 -21.64
N GLU C 45 -18.89 39.56 -20.76
CA GLU C 45 -20.23 40.06 -21.05
C GLU C 45 -20.22 41.57 -21.21
N LYS C 46 -19.32 42.21 -20.48
CA LYS C 46 -19.18 43.67 -20.54
C LYS C 46 -18.57 44.08 -21.88
N PHE C 47 -17.56 43.33 -22.30
CA PHE C 47 -16.88 43.60 -23.55
C PHE C 47 -17.84 43.72 -24.74
N PRO C 48 -18.59 42.65 -25.04
CA PRO C 48 -19.53 42.69 -26.17
C PRO C 48 -20.51 43.87 -26.13
N GLN C 49 -20.51 44.61 -25.02
CA GLN C 49 -21.39 45.75 -24.88
C GLN C 49 -20.65 47.06 -25.08
N VAL C 50 -19.62 47.28 -24.27
CA VAL C 50 -18.82 48.49 -24.37
C VAL C 50 -18.27 48.64 -25.79
N ALA C 51 -18.07 47.50 -26.45
CA ALA C 51 -17.55 47.49 -27.81
C ALA C 51 -18.64 47.69 -28.85
N ALA C 52 -19.82 47.12 -28.59
CA ALA C 52 -20.94 47.24 -29.52
C ALA C 52 -21.30 48.70 -29.77
N THR C 53 -20.71 49.60 -29.00
CA THR C 53 -20.96 51.03 -29.12
C THR C 53 -19.74 51.78 -29.62
N GLY C 54 -18.62 51.07 -29.75
CA GLY C 54 -17.40 51.70 -30.22
C GLY C 54 -16.47 52.09 -29.09
N ASP C 55 -16.66 51.48 -27.93
CA ASP C 55 -15.84 51.76 -26.77
C ASP C 55 -15.25 50.44 -26.27
N GLY C 56 -14.53 50.48 -25.16
CA GLY C 56 -13.95 49.27 -24.63
C GLY C 56 -12.44 49.22 -24.76
N PRO C 57 -11.84 48.03 -24.58
CA PRO C 57 -10.39 47.86 -24.67
C PRO C 57 -9.91 47.57 -26.09
N ASP C 58 -8.59 47.67 -26.29
CA ASP C 58 -7.97 47.40 -27.58
C ASP C 58 -7.88 45.89 -27.76
N ILE C 59 -7.36 45.23 -26.73
CA ILE C 59 -7.20 43.78 -26.74
C ILE C 59 -8.04 43.16 -25.63
N ILE C 60 -8.67 42.02 -25.92
CA ILE C 60 -9.50 41.33 -24.94
C ILE C 60 -9.04 39.87 -24.78
N PHE C 61 -8.70 39.51 -23.54
CA PHE C 61 -8.25 38.16 -23.22
C PHE C 61 -9.33 37.27 -22.62
N TRP C 62 -9.50 36.08 -23.18
CA TRP C 62 -10.48 35.13 -22.70
C TRP C 62 -10.42 33.83 -23.48
N ALA C 63 -11.09 32.80 -22.98
CA ALA C 63 -11.12 31.52 -23.66
C ALA C 63 -11.73 31.74 -25.03
N HIS C 64 -11.22 31.01 -26.01
CA HIS C 64 -11.68 31.13 -27.39
C HIS C 64 -13.19 30.96 -27.59
N ASP C 65 -13.80 30.10 -26.79
CA ASP C 65 -15.24 29.82 -26.92
C ASP C 65 -16.16 31.02 -26.98
N ARG C 66 -15.69 32.19 -26.52
CA ARG C 66 -16.54 33.38 -26.54
C ARG C 66 -16.25 34.39 -27.63
N PHE C 67 -15.14 34.21 -28.36
CA PHE C 67 -14.79 35.14 -29.43
C PHE C 67 -15.68 35.00 -30.66
N GLY C 68 -16.09 33.78 -30.95
CA GLY C 68 -16.96 33.56 -32.11
C GLY C 68 -18.21 34.41 -31.98
N GLY C 69 -18.61 34.66 -30.73
CA GLY C 69 -19.78 35.47 -30.47
C GLY C 69 -19.49 36.92 -30.82
N TYR C 70 -18.31 37.40 -30.43
CA TYR C 70 -17.92 38.77 -30.71
C TYR C 70 -17.72 38.97 -32.22
N ALA C 71 -17.22 37.93 -32.87
CA ALA C 71 -16.97 37.97 -34.31
C ALA C 71 -18.23 38.21 -35.14
N GLN C 72 -19.24 37.38 -34.93
CA GLN C 72 -20.49 37.50 -35.67
C GLN C 72 -21.11 38.88 -35.45
N SER C 73 -20.90 39.43 -34.25
CA SER C 73 -21.42 40.75 -33.91
C SER C 73 -20.51 41.84 -34.45
N GLY C 74 -19.49 41.43 -35.20
CA GLY C 74 -18.56 42.37 -35.78
C GLY C 74 -17.93 43.30 -34.75
N LEU C 75 -17.34 42.72 -33.72
CA LEU C 75 -16.72 43.52 -32.67
C LEU C 75 -15.21 43.27 -32.59
N LEU C 76 -14.77 42.22 -33.26
CA LEU C 76 -13.36 41.84 -33.27
C LEU C 76 -12.72 42.09 -34.64
N ALA C 77 -11.45 42.48 -34.62
CA ALA C 77 -10.71 42.73 -35.85
C ALA C 77 -10.09 41.44 -36.37
N GLU C 78 -10.11 41.26 -37.69
CA GLU C 78 -9.55 40.05 -38.29
C GLU C 78 -8.03 40.17 -38.28
N ILE C 79 -7.37 39.25 -37.57
CA ILE C 79 -5.91 39.25 -37.48
C ILE C 79 -5.26 38.61 -38.70
N THR C 80 -4.11 39.16 -39.10
CA THR C 80 -3.39 38.65 -40.26
C THR C 80 -1.90 38.43 -39.98
N PRO C 81 -1.56 37.28 -39.38
CA PRO C 81 -0.16 36.96 -39.06
C PRO C 81 0.53 36.28 -40.24
N ALA C 82 1.79 36.64 -40.48
CA ALA C 82 2.54 36.04 -41.57
C ALA C 82 2.63 34.55 -41.34
N ALA C 83 2.49 33.76 -42.40
CA ALA C 83 2.57 32.31 -42.31
C ALA C 83 3.75 31.87 -41.44
N ALA C 84 4.83 32.64 -41.51
CA ALA C 84 6.04 32.33 -40.73
C ALA C 84 5.70 32.28 -39.24
N PHE C 85 4.97 33.29 -38.78
CA PHE C 85 4.57 33.35 -37.38
C PHE C 85 3.59 32.25 -37.02
N GLN C 86 2.64 31.97 -37.91
CA GLN C 86 1.65 30.93 -37.67
C GLN C 86 2.29 29.57 -37.39
N ASP C 87 3.52 29.39 -37.86
CA ASP C 87 4.24 28.14 -37.65
C ASP C 87 4.73 28.06 -36.22
N LYS C 88 5.03 29.22 -35.64
CA LYS C 88 5.52 29.31 -34.27
C LYS C 88 4.55 28.62 -33.31
N LEU C 89 3.27 28.69 -33.63
CA LEU C 89 2.22 28.10 -32.80
C LEU C 89 1.65 26.85 -33.44
N TYR C 90 1.07 25.99 -32.61
CA TYR C 90 0.47 24.75 -33.08
C TYR C 90 -0.79 25.01 -33.90
N PRO C 91 -1.01 24.20 -34.95
CA PRO C 91 -2.16 24.33 -35.84
C PRO C 91 -3.51 24.30 -35.12
N PHE C 92 -3.66 23.34 -34.22
CA PHE C 92 -4.90 23.18 -33.47
C PHE C 92 -5.25 24.44 -32.66
N THR C 93 -4.25 25.24 -32.32
CA THR C 93 -4.51 26.46 -31.56
C THR C 93 -5.14 27.49 -32.49
N TRP C 94 -4.63 27.58 -33.71
CA TRP C 94 -5.16 28.53 -34.68
C TRP C 94 -6.60 28.16 -35.05
N ASP C 95 -6.86 26.86 -35.15
CA ASP C 95 -8.21 26.41 -35.49
C ASP C 95 -9.17 26.98 -34.47
N ALA C 96 -8.70 27.09 -33.23
CA ALA C 96 -9.48 27.60 -32.12
C ALA C 96 -9.93 29.04 -32.30
N VAL C 97 -9.07 29.86 -32.89
CA VAL C 97 -9.38 31.27 -33.08
C VAL C 97 -9.83 31.62 -34.51
N ARG C 98 -10.46 30.67 -35.19
CA ARG C 98 -10.94 30.91 -36.55
C ARG C 98 -12.45 30.74 -36.64
N TYR C 99 -13.12 31.79 -37.10
CA TYR C 99 -14.58 31.77 -37.26
C TYR C 99 -14.91 32.25 -38.66
N ASN C 100 -15.60 31.39 -39.42
CA ASN C 100 -15.98 31.70 -40.80
C ASN C 100 -14.72 31.87 -41.65
N GLY C 101 -13.81 30.92 -41.53
CA GLY C 101 -12.58 30.95 -42.30
C GLY C 101 -11.74 32.19 -42.12
N LYS C 102 -11.75 32.76 -40.92
CA LYS C 102 -10.96 33.95 -40.64
C LYS C 102 -10.47 33.97 -39.20
N LEU C 103 -9.18 34.25 -39.01
CA LEU C 103 -8.62 34.30 -37.67
C LEU C 103 -9.16 35.55 -36.98
N ILE C 104 -9.64 35.40 -35.75
CA ILE C 104 -10.20 36.51 -35.02
C ILE C 104 -9.52 36.80 -33.68
N ALA C 105 -8.34 36.23 -33.47
CA ALA C 105 -7.60 36.43 -32.23
C ALA C 105 -6.31 35.61 -32.20
N TYR C 106 -5.43 35.94 -31.26
CA TYR C 106 -4.15 35.23 -31.13
C TYR C 106 -4.19 34.21 -29.99
N PRO C 107 -4.00 32.93 -30.31
CA PRO C 107 -4.01 31.88 -29.29
C PRO C 107 -2.79 32.00 -28.39
N ILE C 108 -2.98 31.82 -27.08
CA ILE C 108 -1.90 31.93 -26.11
C ILE C 108 -1.54 30.62 -25.42
N ALA C 109 -2.53 29.94 -24.86
CA ALA C 109 -2.27 28.68 -24.17
C ALA C 109 -3.51 27.80 -24.02
N VAL C 110 -3.27 26.50 -23.88
CA VAL C 110 -4.35 25.54 -23.70
C VAL C 110 -4.60 25.32 -22.23
N GLU C 111 -5.87 25.36 -21.84
CA GLU C 111 -6.27 25.16 -20.46
C GLU C 111 -7.16 23.95 -20.34
N ALA C 112 -6.89 23.12 -19.34
CA ALA C 112 -7.66 21.92 -19.08
C ALA C 112 -7.71 21.65 -17.59
N LEU C 113 -8.91 21.69 -17.03
CA LEU C 113 -9.10 21.45 -15.60
C LEU C 113 -8.53 20.09 -15.20
N SER C 114 -8.02 20.02 -13.97
CA SER C 114 -7.44 18.79 -13.45
C SER C 114 -7.72 18.65 -11.96
N LEU C 115 -7.31 17.53 -11.38
CA LEU C 115 -7.52 17.28 -9.96
C LEU C 115 -6.33 17.73 -9.12
N ILE C 116 -6.54 18.75 -8.31
CA ILE C 116 -5.50 19.28 -7.44
C ILE C 116 -5.79 18.86 -6.00
N TYR C 117 -4.91 18.02 -5.45
CA TYR C 117 -5.10 17.53 -4.07
C TYR C 117 -3.96 17.85 -3.12
N ASN C 118 -4.19 17.56 -1.85
CA ASN C 118 -3.20 17.80 -0.79
C ASN C 118 -2.44 16.50 -0.49
N LYS C 119 -1.31 16.31 -1.16
CA LYS C 119 -0.49 15.11 -1.01
C LYS C 119 -0.32 14.65 0.45
N ASP C 120 -0.48 15.56 1.40
CA ASP C 120 -0.35 15.21 2.81
C ASP C 120 -1.61 14.58 3.37
N LEU C 121 -2.70 15.34 3.41
CA LEU C 121 -3.98 14.82 3.90
C LEU C 121 -4.33 13.52 3.19
N LEU C 122 -4.36 13.59 1.86
CA LEU C 122 -4.66 12.43 1.04
C LEU C 122 -3.42 12.12 0.19
N PRO C 123 -2.64 11.12 0.61
CA PRO C 123 -1.42 10.72 -0.12
C PRO C 123 -1.73 10.39 -1.57
N ASN C 124 -2.77 9.59 -1.77
CA ASN C 124 -3.18 9.21 -3.12
C ASN C 124 -4.64 9.58 -3.33
N PRO C 125 -4.92 10.27 -4.44
CA PRO C 125 -6.28 10.69 -4.79
C PRO C 125 -7.10 9.56 -5.41
N PRO C 126 -8.43 9.63 -5.28
CA PRO C 126 -9.32 8.60 -5.85
C PRO C 126 -9.28 8.62 -7.37
N LYS C 127 -9.72 7.53 -7.98
CA LYS C 127 -9.73 7.44 -9.44
C LYS C 127 -11.17 7.46 -9.95
N THR C 128 -12.12 7.66 -9.03
CA THR C 128 -13.53 7.72 -9.36
C THR C 128 -14.23 8.68 -8.39
N TRP C 129 -15.38 9.21 -8.81
CA TRP C 129 -16.12 10.14 -7.97
C TRP C 129 -16.86 9.42 -6.85
N GLU C 130 -17.17 8.15 -7.09
CA GLU C 130 -17.89 7.32 -6.14
C GLU C 130 -17.20 7.20 -4.78
N GLU C 131 -15.87 7.14 -4.79
CA GLU C 131 -15.09 7.01 -3.56
C GLU C 131 -15.06 8.28 -2.70
N ILE C 132 -15.44 9.41 -3.30
CA ILE C 132 -15.44 10.68 -2.61
C ILE C 132 -16.24 10.83 -1.29
N PRO C 133 -17.47 10.29 -1.24
CA PRO C 133 -18.34 10.36 -0.05
C PRO C 133 -17.83 9.68 1.24
N ALA C 134 -17.50 8.40 1.16
CA ALA C 134 -17.00 7.67 2.33
C ALA C 134 -15.72 8.36 2.76
N LEU C 135 -15.03 8.91 1.76
CA LEU C 135 -13.78 9.62 1.92
C LEU C 135 -14.03 10.95 2.61
N ASP C 136 -15.14 11.60 2.28
CA ASP C 136 -15.49 12.87 2.89
C ASP C 136 -15.59 12.66 4.39
N LYS C 137 -16.29 11.61 4.78
CA LYS C 137 -16.49 11.27 6.19
C LYS C 137 -15.16 11.05 6.89
N GLU C 138 -14.18 10.52 6.16
CA GLU C 138 -12.86 10.27 6.73
C GLU C 138 -12.32 11.53 7.36
N LEU C 139 -12.11 12.55 6.53
CA LEU C 139 -11.60 13.85 6.97
C LEU C 139 -12.65 14.68 7.67
N LYS C 140 -13.91 14.53 7.24
CA LYS C 140 -15.01 15.27 7.82
C LYS C 140 -15.05 15.07 9.33
N ALA C 141 -14.44 13.98 9.77
CA ALA C 141 -14.37 13.66 11.18
C ALA C 141 -12.95 13.94 11.68
N LYS C 142 -12.26 14.83 10.96
CA LYS C 142 -10.90 15.21 11.30
C LYS C 142 -10.76 16.72 11.12
N GLY C 143 -11.89 17.40 10.98
CA GLY C 143 -11.88 18.84 10.79
C GLY C 143 -11.70 19.26 9.34
N LYS C 144 -11.47 18.28 8.47
CA LYS C 144 -11.27 18.57 7.05
C LYS C 144 -12.49 18.14 6.23
N SER C 145 -12.32 18.16 4.91
CA SER C 145 -13.36 17.76 3.97
C SER C 145 -12.65 17.18 2.75
N ALA C 146 -13.25 16.16 2.14
CA ALA C 146 -12.63 15.54 0.97
C ALA C 146 -12.51 16.51 -0.20
N LEU C 147 -13.12 16.16 -1.33
CA LEU C 147 -13.08 17.00 -2.52
C LEU C 147 -13.87 18.29 -2.34
N MET C 148 -13.52 19.32 -3.10
CA MET C 148 -14.23 20.60 -3.00
C MET C 148 -13.79 21.62 -4.05
N PHE C 149 -14.65 21.83 -5.06
CA PHE C 149 -14.36 22.79 -6.12
C PHE C 149 -15.51 23.78 -6.31
N ASN C 150 -15.37 24.66 -7.30
CA ASN C 150 -16.38 25.67 -7.58
C ASN C 150 -17.64 25.02 -8.18
N LEU C 151 -18.80 25.48 -7.73
CA LEU C 151 -20.07 24.95 -8.20
C LEU C 151 -20.97 26.06 -8.75
N GLN C 152 -20.44 27.28 -8.80
CA GLN C 152 -21.20 28.42 -9.30
C GLN C 152 -20.99 28.61 -10.79
N GLU C 153 -20.02 27.86 -11.34
CA GLU C 153 -19.71 27.93 -12.76
C GLU C 153 -19.81 26.54 -13.36
N PRO C 154 -20.64 26.37 -14.40
CA PRO C 154 -20.80 25.06 -15.04
C PRO C 154 -19.50 24.50 -15.62
N TYR C 155 -18.50 25.35 -15.77
CA TYR C 155 -17.21 24.94 -16.32
C TYR C 155 -16.57 23.80 -15.53
N PHE C 156 -16.64 23.89 -14.20
CA PHE C 156 -16.05 22.89 -13.32
C PHE C 156 -16.87 21.62 -13.17
N THR C 157 -18.18 21.76 -13.19
CA THR C 157 -19.08 20.62 -13.04
C THR C 157 -19.34 19.89 -14.36
N TRP C 158 -19.05 20.56 -15.48
CA TRP C 158 -19.25 19.98 -16.79
C TRP C 158 -18.46 18.69 -17.01
N PRO C 159 -17.21 18.61 -16.50
CA PRO C 159 -16.42 17.40 -16.68
C PRO C 159 -17.19 16.14 -16.28
N LEU C 160 -17.93 16.23 -15.19
CA LEU C 160 -18.71 15.11 -14.69
C LEU C 160 -20.03 14.95 -15.45
N ILE C 161 -20.57 16.07 -15.92
CA ILE C 161 -21.82 16.06 -16.67
C ILE C 161 -21.64 15.39 -18.02
N ALA C 162 -20.60 15.79 -18.75
CA ALA C 162 -20.32 15.23 -20.06
C ALA C 162 -19.48 13.97 -19.91
N ALA C 163 -19.04 13.70 -18.68
CA ALA C 163 -18.21 12.54 -18.37
C ALA C 163 -18.66 11.28 -19.11
N ASP C 164 -19.95 11.19 -19.40
CA ASP C 164 -20.48 10.03 -20.10
C ASP C 164 -21.77 10.35 -20.84
N GLY C 165 -21.64 10.79 -22.08
CA GLY C 165 -22.83 11.11 -22.88
C GLY C 165 -23.03 12.59 -23.18
N GLY C 166 -23.41 13.35 -22.16
CA GLY C 166 -23.64 14.77 -22.32
C GLY C 166 -22.69 15.49 -23.25
N TYR C 167 -23.20 16.52 -23.92
CA TYR C 167 -22.41 17.33 -24.84
C TYR C 167 -23.16 18.61 -25.20
N ALA C 168 -22.45 19.57 -25.78
CA ALA C 168 -23.05 20.84 -26.15
C ALA C 168 -23.79 20.76 -27.48
N PHE C 169 -23.02 20.78 -28.58
CA PHE C 169 -23.57 20.72 -29.92
C PHE C 169 -22.86 19.67 -30.77
N LYS C 170 -23.62 18.75 -31.34
CA LYS C 170 -23.07 17.67 -32.16
C LYS C 170 -22.18 18.21 -33.28
N TYR C 171 -20.97 17.67 -33.37
CA TYR C 171 -20.01 18.07 -34.38
C TYR C 171 -20.20 17.19 -35.61
N ALA C 172 -20.54 17.81 -36.74
CA ALA C 172 -20.76 17.07 -37.97
C ALA C 172 -20.07 17.70 -39.17
N ALA C 173 -18.97 17.08 -39.60
CA ALA C 173 -18.21 17.56 -40.75
C ALA C 173 -17.80 19.03 -40.63
N GLY C 174 -16.75 19.28 -39.86
CA GLY C 174 -16.26 20.64 -39.67
C GLY C 174 -17.37 21.66 -39.47
N LYS C 175 -18.31 21.33 -38.59
CA LYS C 175 -19.43 22.23 -38.30
C LYS C 175 -20.25 21.70 -37.13
N TYR C 176 -20.95 22.60 -36.46
CA TYR C 176 -21.78 22.23 -35.32
C TYR C 176 -23.27 22.45 -35.63
N ASP C 177 -24.10 21.56 -35.09
CA ASP C 177 -25.54 21.65 -35.31
C ASP C 177 -26.21 22.19 -34.04
N ILE C 178 -26.39 23.50 -34.00
CA ILE C 178 -27.00 24.17 -32.86
C ILE C 178 -28.48 23.84 -32.66
N LYS C 179 -28.91 22.74 -33.28
CA LYS C 179 -30.30 22.31 -33.16
C LYS C 179 -30.34 20.89 -32.60
N ASP C 180 -29.21 20.47 -32.05
CA ASP C 180 -29.09 19.15 -31.46
C ASP C 180 -28.21 19.23 -30.22
N VAL C 181 -28.83 19.59 -29.09
CA VAL C 181 -28.14 19.70 -27.83
C VAL C 181 -28.21 18.37 -27.09
N GLY C 182 -27.19 18.09 -26.29
CA GLY C 182 -27.17 16.84 -25.54
C GLY C 182 -26.86 17.09 -24.09
N VAL C 183 -27.63 17.96 -23.45
CA VAL C 183 -27.41 18.30 -22.05
C VAL C 183 -28.46 17.69 -21.13
N ASP C 184 -29.28 16.77 -21.66
CA ASP C 184 -30.32 16.13 -20.85
C ASP C 184 -30.52 14.68 -21.29
N ASN C 185 -29.47 14.07 -21.81
CA ASN C 185 -29.56 12.68 -22.24
C ASN C 185 -29.17 11.73 -21.11
N ALA C 186 -29.08 10.45 -21.43
CA ALA C 186 -28.72 9.42 -20.45
C ALA C 186 -27.68 9.89 -19.45
N GLY C 187 -26.41 9.75 -19.81
CA GLY C 187 -25.32 10.14 -18.94
C GLY C 187 -25.42 11.55 -18.39
N ALA C 188 -25.93 12.48 -19.18
CA ALA C 188 -26.05 13.87 -18.74
C ALA C 188 -26.71 13.92 -17.37
N LYS C 189 -27.90 13.35 -17.26
CA LYS C 189 -28.63 13.33 -16.01
C LYS C 189 -27.96 12.41 -15.00
N ALA C 190 -27.10 11.53 -15.50
CA ALA C 190 -26.39 10.59 -14.63
C ALA C 190 -25.39 11.36 -13.78
N GLY C 191 -24.66 12.27 -14.40
CA GLY C 191 -23.68 13.05 -13.69
C GLY C 191 -24.26 14.12 -12.78
N LEU C 192 -25.12 14.97 -13.34
CA LEU C 192 -25.73 16.05 -12.56
C LEU C 192 -26.41 15.54 -11.30
N THR C 193 -26.96 14.33 -11.37
CA THR C 193 -27.64 13.75 -10.22
C THR C 193 -26.65 13.46 -9.09
N PHE C 194 -25.52 12.86 -9.44
CA PHE C 194 -24.51 12.51 -8.46
C PHE C 194 -24.01 13.72 -7.66
N LEU C 195 -23.81 14.84 -8.35
CA LEU C 195 -23.33 16.07 -7.70
C LEU C 195 -24.34 16.64 -6.70
N VAL C 196 -25.63 16.54 -7.03
CA VAL C 196 -26.68 17.06 -6.16
C VAL C 196 -26.75 16.29 -4.84
N ASP C 197 -26.72 14.96 -4.93
CA ASP C 197 -26.78 14.12 -3.74
C ASP C 197 -25.63 14.43 -2.78
N LEU C 198 -24.42 14.53 -3.33
CA LEU C 198 -23.24 14.83 -2.52
C LEU C 198 -23.46 16.13 -1.76
N ILE C 199 -24.32 16.98 -2.30
CA ILE C 199 -24.63 18.26 -1.65
C ILE C 199 -25.69 18.05 -0.58
N LYS C 200 -26.73 17.29 -0.93
CA LYS C 200 -27.82 16.99 -0.01
C LYS C 200 -27.30 16.14 1.15
N ASN C 201 -26.22 15.41 0.90
CA ASN C 201 -25.61 14.56 1.93
C ASN C 201 -24.57 15.37 2.70
N LYS C 202 -24.45 16.65 2.34
CA LYS C 202 -23.54 17.57 2.98
C LYS C 202 -22.05 17.33 2.73
N HIS C 203 -21.71 16.58 1.68
CA HIS C 203 -20.31 16.34 1.36
C HIS C 203 -19.74 17.68 0.92
N MET C 204 -20.47 18.35 0.02
CA MET C 204 -20.09 19.68 -0.46
C MET C 204 -21.40 20.47 -0.47
N ASN C 205 -21.32 21.77 -0.69
CA ASN C 205 -22.53 22.59 -0.68
C ASN C 205 -22.76 23.45 -1.93
N ALA C 206 -24.02 23.47 -2.37
CA ALA C 206 -24.42 24.23 -3.57
C ALA C 206 -24.12 25.72 -3.45
N ASP C 207 -23.59 26.14 -2.31
CA ASP C 207 -23.25 27.53 -2.10
C ASP C 207 -21.78 27.78 -2.35
N THR C 208 -21.00 26.71 -2.39
CA THR C 208 -19.55 26.79 -2.62
C THR C 208 -19.23 27.44 -3.97
N ASP C 209 -18.46 28.52 -3.93
CA ASP C 209 -18.07 29.23 -5.14
C ASP C 209 -16.56 29.08 -5.39
N TYR C 210 -15.97 30.04 -6.08
CA TYR C 210 -14.54 29.96 -6.38
C TYR C 210 -13.67 30.35 -5.19
N SER C 211 -13.80 31.60 -4.75
CA SER C 211 -13.00 32.09 -3.63
C SER C 211 -13.06 31.18 -2.41
N ILE C 212 -14.18 30.50 -2.23
CA ILE C 212 -14.36 29.60 -1.09
C ILE C 212 -13.57 28.31 -1.27
N ALA C 213 -13.74 27.69 -2.44
CA ALA C 213 -13.04 26.44 -2.74
C ALA C 213 -11.52 26.63 -2.69
N GLU C 214 -11.05 27.75 -3.20
CA GLU C 214 -9.63 28.04 -3.20
C GLU C 214 -9.12 28.18 -1.77
N ALA C 215 -9.50 29.28 -1.12
CA ALA C 215 -9.11 29.56 0.25
C ALA C 215 -9.20 28.35 1.18
N ALA C 216 -10.16 27.46 0.89
CA ALA C 216 -10.37 26.27 1.70
C ALA C 216 -9.38 25.16 1.40
N PHE C 217 -8.44 25.43 0.50
CA PHE C 217 -7.43 24.42 0.14
C PHE C 217 -6.07 24.95 0.54
N ASN C 218 -5.85 26.24 0.35
CA ASN C 218 -4.58 26.87 0.70
C ASN C 218 -4.38 26.89 2.21
N LYS C 219 -5.49 26.88 2.95
CA LYS C 219 -5.43 26.89 4.40
C LYS C 219 -5.09 25.48 4.88
N GLY C 220 -5.56 24.48 4.14
CA GLY C 220 -5.31 23.09 4.48
C GLY C 220 -6.54 22.48 5.11
N GLU C 221 -7.70 23.00 4.70
CA GLU C 221 -8.98 22.53 5.21
C GLU C 221 -9.52 21.40 4.34
N THR C 222 -9.67 21.66 3.05
CA THR C 222 -10.18 20.65 2.12
C THR C 222 -9.01 19.84 1.54
N ALA C 223 -9.26 18.57 1.25
CA ALA C 223 -8.23 17.69 0.71
C ALA C 223 -8.08 17.72 -0.81
N MET C 224 -9.20 17.92 -1.52
CA MET C 224 -9.15 17.96 -2.98
C MET C 224 -9.89 19.13 -3.60
N THR C 225 -9.51 19.46 -4.82
CA THR C 225 -10.12 20.55 -5.57
C THR C 225 -9.95 20.32 -7.07
N ILE C 226 -10.57 21.18 -7.85
CA ILE C 226 -10.50 21.12 -9.31
C ILE C 226 -10.36 22.53 -9.84
N ASN C 227 -9.23 22.81 -10.49
CA ASN C 227 -9.00 24.14 -11.03
C ASN C 227 -8.05 24.06 -12.22
N GLY C 228 -7.67 25.23 -12.74
CA GLY C 228 -6.76 25.27 -13.87
C GLY C 228 -5.34 25.60 -13.45
N PRO C 229 -4.36 25.43 -14.34
CA PRO C 229 -2.94 25.71 -14.05
C PRO C 229 -2.73 27.07 -13.39
N TRP C 230 -3.54 28.03 -13.82
CA TRP C 230 -3.49 29.41 -13.31
C TRP C 230 -3.62 29.50 -11.79
N ALA C 231 -4.06 28.43 -11.16
CA ALA C 231 -4.24 28.42 -9.71
C ALA C 231 -3.06 27.86 -8.93
N TRP C 232 -2.06 27.33 -9.64
CA TRP C 232 -0.90 26.75 -8.98
C TRP C 232 -0.07 27.83 -8.28
N SER C 233 -0.22 29.08 -8.72
CA SER C 233 0.52 30.18 -8.13
C SER C 233 0.09 30.49 -6.70
N ASN C 234 -1.22 30.67 -6.49
CA ASN C 234 -1.74 30.96 -5.16
C ASN C 234 -1.49 29.80 -4.20
N ILE C 235 -1.44 28.58 -4.74
CA ILE C 235 -1.20 27.41 -3.90
C ILE C 235 0.28 27.27 -3.59
N ASP C 236 1.12 27.55 -4.59
CA ASP C 236 2.56 27.46 -4.42
C ASP C 236 2.97 28.38 -3.28
N THR C 237 2.69 29.67 -3.45
CA THR C 237 3.02 30.67 -2.44
C THR C 237 1.99 30.59 -1.32
N SER C 238 1.60 29.37 -0.97
CA SER C 238 0.62 29.14 0.07
C SER C 238 1.16 28.19 1.14
N ALA C 239 2.37 27.70 0.94
CA ALA C 239 3.00 26.78 1.88
C ALA C 239 2.23 25.48 2.01
N VAL C 240 1.55 25.09 0.94
CA VAL C 240 0.78 23.86 0.94
C VAL C 240 1.31 22.91 -0.13
N ASN C 241 1.52 21.66 0.25
CA ASN C 241 2.02 20.66 -0.69
C ASN C 241 0.83 20.13 -1.49
N TYR C 242 0.88 20.33 -2.79
CA TYR C 242 -0.21 19.89 -3.66
C TYR C 242 0.30 19.20 -4.93
N GLY C 243 -0.46 18.21 -5.38
CA GLY C 243 -0.10 17.50 -6.58
C GLY C 243 -1.15 17.77 -7.64
N VAL C 244 -0.95 17.22 -8.84
CA VAL C 244 -1.91 17.41 -9.93
C VAL C 244 -1.97 16.15 -10.77
N THR C 245 -3.16 15.57 -10.88
CA THR C 245 -3.33 14.34 -11.65
C THR C 245 -4.63 14.38 -12.46
N VAL C 246 -5.01 13.23 -12.99
CA VAL C 246 -6.21 13.08 -13.80
C VAL C 246 -7.47 13.34 -12.97
N LEU C 247 -8.58 13.58 -13.67
CA LEU C 247 -9.86 13.80 -13.01
C LEU C 247 -10.53 12.45 -12.77
N PRO C 248 -11.23 12.32 -11.63
CA PRO C 248 -11.92 11.07 -11.28
C PRO C 248 -12.89 10.62 -12.37
N THR C 249 -13.06 9.31 -12.50
CA THR C 249 -13.96 8.76 -13.50
C THR C 249 -15.38 8.68 -12.95
N PHE C 250 -16.35 8.59 -13.86
CA PHE C 250 -17.76 8.51 -13.50
C PHE C 250 -18.40 7.39 -14.30
N LYS C 251 -18.97 6.41 -13.58
CA LYS C 251 -19.62 5.28 -14.23
C LYS C 251 -18.63 4.61 -15.19
N GLY C 252 -17.39 4.48 -14.73
CA GLY C 252 -16.36 3.84 -15.54
C GLY C 252 -15.91 4.66 -16.74
N GLN C 253 -16.46 5.86 -16.88
CA GLN C 253 -16.11 6.74 -18.00
C GLN C 253 -15.22 7.88 -17.50
N PRO C 254 -14.22 8.27 -18.30
CA PRO C 254 -13.30 9.35 -17.94
C PRO C 254 -13.91 10.73 -18.14
N SER C 255 -13.81 11.58 -17.13
CA SER C 255 -14.35 12.93 -17.21
C SER C 255 -13.90 13.58 -18.51
N LYS C 256 -14.78 14.35 -19.13
CA LYS C 256 -14.48 15.01 -20.38
C LYS C 256 -14.76 16.50 -20.28
N PRO C 257 -13.84 17.25 -19.64
CA PRO C 257 -14.00 18.69 -19.48
C PRO C 257 -13.82 19.42 -20.80
N PHE C 258 -14.38 20.63 -20.89
CA PHE C 258 -14.24 21.42 -22.10
C PHE C 258 -12.89 22.12 -22.07
N VAL C 259 -12.07 21.84 -23.06
CA VAL C 259 -10.74 22.45 -23.13
C VAL C 259 -10.84 23.88 -23.65
N GLY C 260 -10.16 24.79 -22.97
CA GLY C 260 -10.19 26.18 -23.40
C GLY C 260 -8.83 26.65 -23.87
N VAL C 261 -8.84 27.65 -24.74
CA VAL C 261 -7.61 28.23 -25.29
C VAL C 261 -7.65 29.73 -25.06
N LEU C 262 -6.85 30.21 -24.12
CA LEU C 262 -6.79 31.64 -23.82
C LEU C 262 -6.38 32.36 -25.10
N SER C 263 -7.27 33.21 -25.60
CA SER C 263 -7.00 33.95 -26.84
C SER C 263 -7.01 35.46 -26.64
N ALA C 264 -6.27 36.16 -27.48
CA ALA C 264 -6.19 37.62 -27.42
C ALA C 264 -6.82 38.21 -28.67
N GLY C 265 -7.87 39.00 -28.49
CA GLY C 265 -8.54 39.61 -29.62
C GLY C 265 -8.23 41.09 -29.77
N ILE C 266 -8.69 41.68 -30.86
CA ILE C 266 -8.48 43.10 -31.09
C ILE C 266 -9.80 43.78 -31.41
N ASN C 267 -10.15 44.76 -30.59
CA ASN C 267 -11.40 45.49 -30.73
C ASN C 267 -11.53 46.08 -32.14
N ALA C 268 -12.59 45.70 -32.84
CA ALA C 268 -12.84 46.18 -34.19
C ALA C 268 -12.88 47.70 -34.23
N ALA C 269 -13.03 48.32 -33.06
CA ALA C 269 -13.09 49.76 -32.94
C ALA C 269 -11.88 50.33 -32.23
N SER C 270 -10.74 49.64 -32.36
CA SER C 270 -9.51 50.09 -31.73
C SER C 270 -8.64 50.83 -32.72
N PRO C 271 -8.31 52.11 -32.43
CA PRO C 271 -7.48 52.92 -33.32
C PRO C 271 -6.00 52.56 -33.20
N ASN C 272 -5.74 51.39 -32.62
CA ASN C 272 -4.39 50.92 -32.42
C ASN C 272 -4.24 49.47 -32.88
N LYS C 273 -5.07 49.06 -33.83
CA LYS C 273 -5.05 47.70 -34.36
C LYS C 273 -3.63 47.23 -34.66
N GLU C 274 -2.82 48.10 -35.27
CA GLU C 274 -1.44 47.77 -35.62
C GLU C 274 -0.49 47.77 -34.43
N LEU C 275 -0.82 48.55 -33.41
CA LEU C 275 0.02 48.62 -32.22
C LEU C 275 -0.18 47.35 -31.39
N ALA C 276 -1.39 46.80 -31.45
CA ALA C 276 -1.71 45.58 -30.72
C ALA C 276 -0.98 44.41 -31.35
N LYS C 277 -1.07 44.33 -32.68
CA LYS C 277 -0.43 43.27 -33.44
C LYS C 277 1.05 43.15 -33.10
N GLU C 278 1.75 44.29 -33.05
CA GLU C 278 3.17 44.28 -32.74
C GLU C 278 3.38 43.79 -31.32
N PHE C 279 2.53 44.24 -30.41
CA PHE C 279 2.62 43.86 -29.00
C PHE C 279 2.47 42.36 -28.82
N LEU C 280 1.47 41.79 -29.49
CA LEU C 280 1.18 40.36 -29.38
C LEU C 280 2.18 39.45 -30.09
N GLU C 281 2.42 39.71 -31.38
CA GLU C 281 3.33 38.89 -32.17
C GLU C 281 4.80 38.97 -31.75
N ASN C 282 5.23 40.12 -31.24
CA ASN C 282 6.63 40.28 -30.86
C ASN C 282 6.96 40.38 -29.38
N TYR C 283 6.04 40.91 -28.58
CA TYR C 283 6.30 41.07 -27.16
C TYR C 283 5.74 39.94 -26.29
N LEU C 284 4.47 39.60 -26.50
CA LEU C 284 3.84 38.55 -25.71
C LEU C 284 4.21 37.14 -26.16
N LEU C 285 3.77 36.76 -27.35
CA LEU C 285 4.04 35.43 -27.88
C LEU C 285 5.52 35.15 -28.14
N THR C 286 6.30 35.07 -27.07
CA THR C 286 7.73 34.80 -27.15
C THR C 286 8.13 34.03 -25.90
N ASP C 287 9.29 33.37 -25.94
CA ASP C 287 9.75 32.59 -24.79
C ASP C 287 9.95 33.42 -23.53
N GLU C 288 10.31 34.70 -23.70
CA GLU C 288 10.53 35.58 -22.56
C GLU C 288 9.21 36.22 -22.13
N GLY C 289 8.36 36.48 -23.11
CA GLY C 289 7.07 37.08 -22.82
C GLY C 289 6.15 36.13 -22.07
N LEU C 290 5.84 35.00 -22.70
CA LEU C 290 4.96 34.01 -22.09
C LEU C 290 5.40 33.67 -20.67
N GLU C 291 6.70 33.74 -20.42
CA GLU C 291 7.22 33.43 -19.09
C GLU C 291 6.84 34.57 -18.15
N ALA C 292 6.98 35.80 -18.64
CA ALA C 292 6.63 36.97 -17.85
C ALA C 292 5.21 36.83 -17.34
N VAL C 293 4.39 36.09 -18.09
CA VAL C 293 3.00 35.86 -17.72
C VAL C 293 2.91 34.57 -16.91
N ASN C 294 3.55 33.51 -17.38
CA ASN C 294 3.53 32.23 -16.70
C ASN C 294 4.12 32.32 -15.30
N LYS C 295 5.04 33.26 -15.10
CA LYS C 295 5.67 33.45 -13.80
C LYS C 295 4.62 33.92 -12.81
N ASP C 296 3.84 34.92 -13.22
CA ASP C 296 2.77 35.47 -12.40
C ASP C 296 1.76 34.35 -12.13
N LYS C 297 1.21 33.79 -13.21
CA LYS C 297 0.23 32.72 -13.12
C LYS C 297 0.33 31.76 -14.31
N PRO C 298 0.51 30.46 -14.02
CA PRO C 298 0.63 29.42 -15.05
C PRO C 298 -0.44 29.49 -16.15
N LEU C 299 0.03 29.47 -17.40
CA LEU C 299 -0.86 29.54 -18.55
C LEU C 299 -1.33 28.16 -18.98
N GLY C 300 -0.56 27.14 -18.62
CA GLY C 300 -0.90 25.78 -18.99
C GLY C 300 -0.04 25.29 -20.13
N ALA C 301 -0.66 24.91 -21.24
CA ALA C 301 0.06 24.44 -22.40
C ALA C 301 0.09 25.52 -23.47
N VAL C 302 1.09 26.41 -23.39
CA VAL C 302 1.24 27.52 -24.33
C VAL C 302 1.19 27.11 -25.79
N ALA C 303 0.56 27.94 -26.61
CA ALA C 303 0.41 27.69 -28.03
C ALA C 303 1.75 27.77 -28.76
N LEU C 304 2.63 28.65 -28.29
CA LEU C 304 3.95 28.82 -28.89
C LEU C 304 4.75 27.53 -28.69
N LYS C 305 5.17 26.92 -29.80
CA LYS C 305 5.93 25.67 -29.76
C LYS C 305 7.19 25.74 -28.91
N SER C 306 8.05 26.71 -29.19
CA SER C 306 9.31 26.87 -28.47
C SER C 306 9.17 26.79 -26.94
N TYR C 307 8.29 27.60 -26.37
CA TYR C 307 8.10 27.62 -24.92
C TYR C 307 7.41 26.37 -24.42
N GLU C 308 6.40 25.92 -25.17
CA GLU C 308 5.63 24.72 -24.82
C GLU C 308 6.59 23.55 -24.61
N GLU C 309 7.37 23.25 -25.64
CA GLU C 309 8.33 22.15 -25.62
C GLU C 309 9.25 22.19 -24.39
N GLU C 310 9.50 23.39 -23.86
CA GLU C 310 10.36 23.55 -22.70
C GLU C 310 9.67 23.32 -21.36
N LEU C 311 8.39 23.68 -21.29
CA LEU C 311 7.64 23.51 -20.06
C LEU C 311 6.96 22.14 -20.02
N ALA C 312 7.12 21.37 -21.08
CA ALA C 312 6.53 20.04 -21.18
C ALA C 312 7.12 19.09 -20.13
N LYS C 313 8.13 19.58 -19.41
CA LYS C 313 8.78 18.77 -18.39
C LYS C 313 7.96 18.70 -17.10
N ASP C 314 7.45 19.85 -16.66
CA ASP C 314 6.65 19.93 -15.44
C ASP C 314 5.45 18.98 -15.47
N PRO C 315 5.42 18.02 -14.54
CA PRO C 315 4.33 17.02 -14.42
C PRO C 315 2.94 17.65 -14.42
N ARG C 316 2.82 18.79 -13.76
CA ARG C 316 1.54 19.50 -13.69
C ARG C 316 0.99 19.75 -15.08
N ILE C 317 1.88 19.98 -16.04
CA ILE C 317 1.46 20.24 -17.42
C ILE C 317 1.06 18.92 -18.05
N ALA C 318 1.77 17.86 -17.69
CA ALA C 318 1.47 16.52 -18.20
C ALA C 318 0.05 16.14 -17.83
N ALA C 319 -0.33 16.42 -16.58
CA ALA C 319 -1.67 16.14 -16.09
C ALA C 319 -2.66 16.96 -16.89
N THR C 320 -2.33 18.25 -17.06
CA THR C 320 -3.17 19.17 -17.80
C THR C 320 -3.46 18.60 -19.18
N MET C 321 -2.44 18.06 -19.82
CA MET C 321 -2.56 17.47 -21.15
C MET C 321 -3.45 16.24 -21.13
N GLU C 322 -3.24 15.37 -20.15
CA GLU C 322 -4.04 14.16 -20.04
C GLU C 322 -5.53 14.49 -19.93
N ASN C 323 -5.86 15.49 -19.13
CA ASN C 323 -7.25 15.88 -18.97
C ASN C 323 -7.73 16.60 -20.24
N ALA C 324 -6.78 17.17 -20.98
CA ALA C 324 -7.10 17.88 -22.22
C ALA C 324 -7.51 16.86 -23.28
N GLN C 325 -6.79 15.74 -23.32
CA GLN C 325 -7.06 14.67 -24.27
C GLN C 325 -8.39 14.00 -23.94
N LYS C 326 -8.56 13.65 -22.67
CA LYS C 326 -9.77 13.00 -22.20
C LYS C 326 -10.96 13.92 -22.42
N GLY C 327 -10.69 15.23 -22.52
CA GLY C 327 -11.75 16.20 -22.72
C GLY C 327 -11.94 16.58 -24.17
N GLU C 328 -12.56 17.73 -24.39
CA GLU C 328 -12.82 18.22 -25.74
C GLU C 328 -12.70 19.74 -25.84
N ILE C 329 -12.08 20.21 -26.93
CA ILE C 329 -11.90 21.63 -27.18
C ILE C 329 -13.27 22.26 -27.41
N MET C 330 -13.54 23.35 -26.69
CA MET C 330 -14.83 24.04 -26.81
C MET C 330 -15.08 24.64 -28.19
N PRO C 331 -16.34 24.63 -28.63
CA PRO C 331 -16.68 25.20 -29.93
C PRO C 331 -16.64 26.72 -29.73
N ASN C 332 -16.47 27.49 -30.80
CA ASN C 332 -16.43 28.94 -30.65
C ASN C 332 -17.66 29.62 -31.24
N ILE C 333 -18.68 28.84 -31.57
CA ILE C 333 -19.91 29.40 -32.13
C ILE C 333 -20.64 30.26 -31.12
N PRO C 334 -21.37 31.29 -31.59
CA PRO C 334 -22.14 32.21 -30.74
C PRO C 334 -23.06 31.53 -29.72
N GLN C 335 -23.58 30.35 -30.06
CA GLN C 335 -24.48 29.63 -29.17
C GLN C 335 -23.89 29.31 -27.79
N MET C 336 -22.57 29.16 -27.72
CA MET C 336 -21.90 28.84 -26.46
C MET C 336 -22.36 29.70 -25.30
N SER C 337 -22.68 30.96 -25.58
CA SER C 337 -23.13 31.88 -24.53
C SER C 337 -24.43 31.36 -23.91
N ALA C 338 -25.28 30.78 -24.75
CA ALA C 338 -26.55 30.21 -24.31
C ALA C 338 -26.29 28.89 -23.62
N PHE C 339 -25.46 28.06 -24.25
CA PHE C 339 -25.12 26.75 -23.68
C PHE C 339 -24.65 26.93 -22.24
N TRP C 340 -23.55 27.66 -22.05
CA TRP C 340 -23.00 27.90 -20.73
C TRP C 340 -24.04 28.41 -19.76
N TYR C 341 -24.90 29.31 -20.22
CA TYR C 341 -25.94 29.86 -19.37
C TYR C 341 -26.92 28.77 -18.92
N ALA C 342 -27.48 28.06 -19.90
CA ALA C 342 -28.42 26.99 -19.63
C ALA C 342 -27.86 25.98 -18.65
N VAL C 343 -26.62 25.57 -18.88
CA VAL C 343 -25.97 24.60 -18.01
C VAL C 343 -25.68 25.21 -16.64
N ARG C 344 -25.50 26.52 -16.60
CA ARG C 344 -25.22 27.19 -15.33
C ARG C 344 -26.47 27.13 -14.44
N THR C 345 -27.56 27.65 -14.98
CA THR C 345 -28.83 27.67 -14.27
C THR C 345 -29.24 26.26 -13.87
N ALA C 346 -28.99 25.30 -14.75
CA ALA C 346 -29.34 23.91 -14.51
C ALA C 346 -28.68 23.40 -13.23
N VAL C 347 -27.36 23.62 -13.12
CA VAL C 347 -26.61 23.17 -11.96
C VAL C 347 -27.10 23.85 -10.68
N ILE C 348 -27.24 25.17 -10.71
CA ILE C 348 -27.71 25.91 -9.54
C ILE C 348 -29.11 25.45 -9.14
N ASN C 349 -30.08 25.71 -10.03
CA ASN C 349 -31.46 25.34 -9.79
C ASN C 349 -31.62 23.90 -9.31
N ALA C 350 -30.71 23.02 -9.74
CA ALA C 350 -30.76 21.61 -9.35
C ALA C 350 -30.02 21.41 -8.03
N ALA C 351 -28.99 22.21 -7.80
CA ALA C 351 -28.20 22.13 -6.58
C ALA C 351 -28.99 22.69 -5.41
N SER C 352 -29.52 23.90 -5.60
CA SER C 352 -30.30 24.57 -4.56
C SER C 352 -31.59 23.82 -4.26
N GLY C 353 -32.32 23.45 -5.30
CA GLY C 353 -33.56 22.73 -5.12
C GLY C 353 -34.71 23.28 -5.95
N ARG C 354 -34.50 24.46 -6.54
CA ARG C 354 -35.53 25.09 -7.37
C ARG C 354 -36.10 24.10 -8.36
N GLN C 355 -35.25 23.17 -8.82
CA GLN C 355 -35.67 22.16 -9.78
C GLN C 355 -34.99 20.84 -9.50
N THR C 356 -35.41 19.80 -10.19
CA THR C 356 -34.83 18.47 -10.02
C THR C 356 -33.85 18.23 -11.16
N VAL C 357 -32.99 17.23 -11.02
CA VAL C 357 -32.01 16.91 -12.04
C VAL C 357 -32.62 16.72 -13.42
N ASP C 358 -33.88 16.27 -13.46
CA ASP C 358 -34.56 16.05 -14.74
C ASP C 358 -35.22 17.30 -15.29
N ALA C 359 -35.80 18.11 -14.40
CA ALA C 359 -36.46 19.34 -14.82
C ALA C 359 -35.43 20.35 -15.32
N ALA C 360 -34.44 20.63 -14.49
CA ALA C 360 -33.37 21.58 -14.82
C ALA C 360 -32.76 21.32 -16.19
N LEU C 361 -32.33 20.09 -16.43
CA LEU C 361 -31.73 19.72 -17.69
C LEU C 361 -32.70 19.82 -18.87
N ALA C 362 -33.88 19.24 -18.72
CA ALA C 362 -34.88 19.30 -19.77
C ALA C 362 -35.10 20.75 -20.17
N ALA C 363 -35.11 21.63 -19.18
CA ALA C 363 -35.31 23.05 -19.41
C ALA C 363 -34.07 23.64 -20.07
N ALA C 364 -32.89 23.26 -19.57
CA ALA C 364 -31.63 23.74 -20.11
C ALA C 364 -31.43 23.26 -21.53
N GLN C 365 -32.10 22.17 -21.88
CA GLN C 365 -32.03 21.60 -23.22
C GLN C 365 -32.62 22.61 -24.19
N THR C 366 -33.59 23.37 -23.72
CA THR C 366 -34.26 24.40 -24.52
C THR C 366 -33.53 25.74 -24.44
N ASN C 367 -33.05 26.08 -23.25
CA ASN C 367 -32.34 27.33 -23.05
C ASN C 367 -31.06 27.40 -23.87
N ALA C 368 -30.46 26.24 -24.12
CA ALA C 368 -29.23 26.16 -24.89
C ALA C 368 -29.51 26.35 -26.37
N ALA C 369 -30.77 26.21 -26.75
CA ALA C 369 -31.17 26.35 -28.14
C ALA C 369 -31.92 27.66 -28.39
N ALA C 370 -31.72 28.64 -27.51
CA ALA C 370 -32.38 29.93 -27.64
C ALA C 370 -31.42 30.99 -28.17
N ASP C 371 -31.92 32.21 -28.33
CA ASP C 371 -31.11 33.32 -28.85
C ASP C 371 -30.21 33.92 -27.77
N PRO C 372 -28.89 33.81 -27.94
CA PRO C 372 -27.93 34.35 -26.97
C PRO C 372 -28.16 35.83 -26.67
N ILE C 373 -28.13 36.19 -25.39
CA ILE C 373 -28.35 37.57 -24.99
C ILE C 373 -27.34 38.01 -23.94
N HIS C 374 -27.57 39.18 -23.36
CA HIS C 374 -26.70 39.72 -22.32
C HIS C 374 -27.33 39.38 -20.98
N TYR C 375 -27.34 38.08 -20.69
CA TYR C 375 -27.92 37.52 -19.47
C TYR C 375 -27.77 38.38 -18.21
N ASP C 376 -26.54 38.60 -17.76
CA ASP C 376 -26.32 39.40 -16.56
C ASP C 376 -27.04 40.74 -16.66
N LYS C 377 -27.16 41.25 -17.88
CA LYS C 377 -27.82 42.52 -18.15
C LYS C 377 -29.33 42.43 -17.97
N ILE C 378 -29.94 41.46 -18.66
CA ILE C 378 -31.38 41.28 -18.57
C ILE C 378 -31.80 40.84 -17.17
N THR C 379 -31.04 39.92 -16.59
CA THR C 379 -31.34 39.43 -15.25
C THR C 379 -31.50 40.56 -14.25
N GLU C 380 -30.41 41.26 -13.96
CA GLU C 380 -30.45 42.37 -13.01
C GLU C 380 -31.43 43.45 -13.42
N GLU C 381 -31.73 43.52 -14.72
CA GLU C 381 -32.66 44.50 -15.26
C GLU C 381 -34.09 44.09 -14.93
N ILE C 382 -34.36 42.79 -15.02
CA ILE C 382 -35.68 42.26 -14.73
C ILE C 382 -35.89 42.10 -13.23
N ASN C 383 -34.84 41.71 -12.52
CA ASN C 383 -34.95 41.55 -11.07
C ASN C 383 -35.30 42.91 -10.46
N LYS C 384 -34.78 43.98 -11.05
CA LYS C 384 -35.05 45.32 -10.55
C LYS C 384 -36.49 45.73 -10.82
N ALA C 385 -37.09 45.16 -11.86
CA ALA C 385 -38.47 45.46 -12.22
C ALA C 385 -39.43 44.86 -11.19
N VAL C 386 -39.10 43.67 -10.71
CA VAL C 386 -39.93 42.99 -9.73
C VAL C 386 -39.67 43.51 -8.32
N ASP C 387 -38.41 43.84 -8.02
CA ASP C 387 -38.08 44.36 -6.70
C ASP C 387 -38.77 45.70 -6.44
N GLU C 388 -39.13 46.40 -7.51
CA GLU C 388 -39.80 47.68 -7.39
C GLU C 388 -41.31 47.49 -7.37
N ALA C 389 -41.78 46.48 -8.11
CA ALA C 389 -43.21 46.19 -8.15
C ALA C 389 -43.60 45.71 -6.76
N VAL C 390 -42.76 44.85 -6.18
CA VAL C 390 -42.98 44.29 -4.86
C VAL C 390 -42.93 45.36 -3.77
N ALA C 391 -41.96 46.25 -3.86
CA ALA C 391 -41.80 47.33 -2.89
C ALA C 391 -42.98 48.28 -2.99
N ALA C 392 -43.52 48.42 -4.19
CA ALA C 392 -44.66 49.30 -4.44
C ALA C 392 -45.93 48.66 -3.90
N ILE C 393 -46.06 47.35 -4.09
CA ILE C 393 -47.22 46.61 -3.61
C ILE C 393 -47.16 46.51 -2.09
N GLU C 394 -45.95 46.56 -1.56
CA GLU C 394 -45.75 46.48 -0.12
C GLU C 394 -46.06 47.83 0.53
N LYS C 395 -45.90 48.90 -0.22
CA LYS C 395 -46.18 50.25 0.29
C LYS C 395 -47.64 50.38 0.71
N SER C 396 -48.53 49.71 -0.01
CA SER C 396 -49.95 49.76 0.32
C SER C 396 -50.17 49.02 1.64
N GLU C 397 -51.42 48.96 2.08
CA GLU C 397 -51.75 48.27 3.32
C GLU C 397 -52.90 47.34 3.02
N THR C 398 -53.24 47.29 1.73
CA THR C 398 -54.33 46.46 1.23
C THR C 398 -54.05 44.97 1.20
N PHE C 399 -52.79 44.57 1.30
CA PHE C 399 -52.46 43.15 1.26
C PHE C 399 -51.85 42.54 2.53
N ASP C 400 -51.70 43.35 3.57
CA ASP C 400 -51.18 42.87 4.84
C ASP C 400 -51.55 43.83 5.95
N PRO C 401 -52.53 43.45 6.79
CA PRO C 401 -53.24 42.17 6.73
C PRO C 401 -54.23 42.06 5.57
N MET C 402 -54.37 40.85 5.04
CA MET C 402 -55.29 40.61 3.93
C MET C 402 -56.54 39.92 4.47
N LYS C 403 -57.68 40.60 4.36
CA LYS C 403 -58.94 40.03 4.84
C LYS C 403 -59.46 39.01 3.85
N VAL C 404 -59.92 37.87 4.36
CA VAL C 404 -60.45 36.81 3.52
C VAL C 404 -61.92 36.55 3.87
N PRO C 405 -62.79 36.52 2.85
CA PRO C 405 -64.22 36.28 3.05
C PRO C 405 -64.50 35.08 3.94
N ASP C 406 -65.64 35.11 4.62
CA ASP C 406 -66.04 34.01 5.49
C ASP C 406 -66.11 32.74 4.65
N HIS C 407 -66.13 31.59 5.31
CA HIS C 407 -66.20 30.33 4.59
C HIS C 407 -66.81 29.21 5.43
N SER C 408 -67.91 28.66 4.94
CA SER C 408 -68.61 27.58 5.62
C SER C 408 -68.63 26.34 4.72
N ASP C 409 -68.38 25.19 5.32
CA ASP C 409 -68.37 23.93 4.59
C ASP C 409 -68.89 22.78 5.46
N LYS C 410 -68.36 21.59 5.24
CA LYS C 410 -68.76 20.42 5.99
C LYS C 410 -67.69 19.33 5.88
N PHE C 411 -67.08 19.00 7.02
CA PHE C 411 -66.04 17.97 7.06
C PHE C 411 -66.61 16.55 7.05
N LYS C 421 -70.21 13.37 11.13
CA LYS C 421 -70.40 14.46 10.19
C LYS C 421 -70.77 15.76 10.92
N GLY C 422 -70.91 16.84 10.16
CA GLY C 422 -71.26 18.12 10.74
C GLY C 422 -70.79 19.31 9.92
N GLU C 423 -71.58 20.38 9.93
CA GLU C 423 -71.25 21.59 9.18
C GLU C 423 -70.05 22.28 9.84
N LEU C 424 -69.70 23.45 9.33
CA LEU C 424 -68.57 24.21 9.86
C LEU C 424 -68.33 25.50 9.08
N ASP C 425 -67.92 26.55 9.78
CA ASP C 425 -67.63 27.83 9.14
C ASP C 425 -66.58 28.63 9.92
N MET C 426 -65.80 29.41 9.19
CA MET C 426 -64.75 30.24 9.78
C MET C 426 -64.98 31.70 9.42
N ARG C 427 -64.79 32.58 10.40
CA ARG C 427 -65.02 34.01 10.18
C ARG C 427 -63.88 34.89 10.68
N ASN C 428 -63.82 36.11 10.13
CA ASN C 428 -62.80 37.09 10.48
C ASN C 428 -61.42 36.57 10.12
N ILE C 429 -61.32 36.02 8.92
CA ILE C 429 -60.08 35.45 8.41
C ILE C 429 -59.12 36.50 7.86
N GLN C 430 -57.97 36.67 8.51
CA GLN C 430 -56.98 37.64 8.06
C GLN C 430 -55.60 36.99 7.89
N VAL C 431 -55.00 37.19 6.71
CA VAL C 431 -53.69 36.64 6.41
C VAL C 431 -52.64 37.72 6.62
N ARG C 432 -51.58 37.38 7.37
CA ARG C 432 -50.52 38.34 7.64
C ARG C 432 -49.14 37.81 7.31
N GLY C 433 -48.21 38.71 7.02
CA GLY C 433 -46.85 38.30 6.70
C GLY C 433 -46.45 38.52 5.26
N LEU C 434 -47.43 38.83 4.42
CA LEU C 434 -47.18 39.06 3.00
C LEU C 434 -46.30 40.29 2.77
N LYS C 435 -46.32 41.21 3.75
CA LYS C 435 -45.53 42.43 3.66
C LYS C 435 -44.04 42.14 3.61
N GLN C 436 -43.66 40.93 3.98
CA GLN C 436 -42.26 40.53 3.98
C GLN C 436 -41.91 39.59 2.84
N MET C 437 -42.60 39.75 1.70
CA MET C 437 -42.32 38.88 0.55
C MET C 437 -41.39 39.57 -0.43
N LYS C 438 -40.34 38.85 -0.85
CA LYS C 438 -39.36 39.36 -1.80
C LYS C 438 -39.00 38.23 -2.76
N ARG C 439 -38.45 38.57 -3.92
CA ARG C 439 -38.08 37.55 -4.89
C ARG C 439 -36.95 36.67 -4.36
N VAL C 440 -36.92 35.43 -4.82
CA VAL C 440 -35.90 34.47 -4.41
C VAL C 440 -35.07 34.04 -5.63
N GLY C 441 -33.76 34.16 -5.51
CA GLY C 441 -32.89 33.80 -6.61
C GLY C 441 -33.10 34.76 -7.78
N ASP C 442 -32.38 34.55 -8.87
CA ASP C 442 -32.51 35.42 -10.03
C ASP C 442 -33.58 34.89 -10.97
N ALA C 443 -34.05 35.76 -11.86
CA ALA C 443 -35.07 35.38 -12.83
C ALA C 443 -34.43 34.51 -13.90
N ASN C 444 -35.17 33.53 -14.39
CA ASN C 444 -34.68 32.65 -15.45
C ASN C 444 -35.15 33.24 -16.78
N VAL C 445 -34.25 33.96 -17.44
CA VAL C 445 -34.55 34.59 -18.71
C VAL C 445 -34.23 33.70 -19.89
N LYS C 446 -34.98 33.86 -20.98
CA LYS C 446 -34.78 33.09 -22.19
C LYS C 446 -35.43 33.82 -23.36
N SER C 447 -34.61 34.53 -24.14
CA SER C 447 -35.10 35.29 -25.30
C SER C 447 -35.54 34.36 -26.42
N GLU C 448 -36.42 34.88 -27.28
CA GLU C 448 -36.94 34.11 -28.40
C GLU C 448 -37.94 34.94 -29.20
N ASP C 449 -37.74 34.99 -30.51
CA ASP C 449 -38.61 35.76 -31.39
C ASP C 449 -38.61 37.23 -31.01
N GLY C 450 -37.50 37.70 -30.46
CA GLY C 450 -37.40 39.09 -30.05
C GLY C 450 -38.16 39.29 -28.75
N VAL C 451 -38.74 38.21 -28.25
CA VAL C 451 -39.52 38.24 -27.00
C VAL C 451 -38.69 37.61 -25.88
N VAL C 452 -38.64 38.28 -24.73
CA VAL C 452 -37.89 37.79 -23.60
C VAL C 452 -38.78 37.22 -22.50
N LYS C 453 -38.63 35.93 -22.23
CA LYS C 453 -39.41 35.26 -21.19
C LYS C 453 -38.58 35.20 -19.92
N ALA C 454 -39.23 35.23 -18.76
CA ALA C 454 -38.52 35.19 -17.49
C ALA C 454 -39.33 34.57 -16.36
N HIS C 455 -38.74 33.56 -15.71
CA HIS C 455 -39.38 32.89 -14.58
C HIS C 455 -38.84 33.52 -13.31
N LEU C 456 -39.72 33.72 -12.34
CA LEU C 456 -39.33 34.31 -11.06
C LEU C 456 -40.06 33.63 -9.90
N LEU C 457 -39.52 33.78 -8.71
CA LEU C 457 -40.13 33.21 -7.53
C LEU C 457 -40.23 34.27 -6.45
N VAL C 458 -41.45 34.52 -6.00
CA VAL C 458 -41.67 35.51 -4.96
C VAL C 458 -42.19 34.79 -3.72
N GLY C 459 -41.29 34.58 -2.75
CA GLY C 459 -41.66 33.90 -1.53
C GLY C 459 -41.54 34.79 -0.32
N VAL C 460 -41.55 34.18 0.85
CA VAL C 460 -41.43 34.93 2.10
C VAL C 460 -40.07 34.69 2.75
N HIS C 461 -39.68 35.61 3.63
CA HIS C 461 -38.40 35.53 4.33
C HIS C 461 -38.25 34.25 5.16
N ASP C 462 -37.59 34.39 6.30
CA ASP C 462 -37.37 33.27 7.22
C ASP C 462 -38.52 33.36 8.23
N ASP C 463 -39.52 34.14 7.86
CA ASP C 463 -40.70 34.34 8.69
C ASP C 463 -41.81 33.45 8.15
N VAL C 464 -42.99 33.55 8.74
CA VAL C 464 -44.10 32.73 8.31
C VAL C 464 -45.34 33.52 7.94
N VAL C 465 -45.99 33.11 6.86
CA VAL C 465 -47.22 33.75 6.41
C VAL C 465 -48.33 32.98 7.12
N SER C 466 -49.02 33.65 8.04
CA SER C 466 -50.08 33.01 8.80
C SER C 466 -51.47 33.57 8.53
N MET C 467 -52.47 32.78 8.88
CA MET C 467 -53.87 33.17 8.70
C MET C 467 -54.59 32.96 10.03
N GLU C 468 -55.05 34.05 10.63
CA GLU C 468 -55.77 34.00 11.90
C GLU C 468 -57.26 34.10 11.63
N TYR C 469 -58.06 33.40 12.43
CA TYR C 469 -59.50 33.43 12.24
C TYR C 469 -60.27 32.72 13.34
N ASP C 470 -61.58 32.93 13.36
CA ASP C 470 -62.46 32.32 14.34
C ASP C 470 -63.14 31.11 13.71
N LEU C 471 -63.20 30.00 14.43
CA LEU C 471 -63.79 28.79 13.91
C LEU C 471 -65.01 28.30 14.69
N ALA C 472 -65.93 27.67 13.96
CA ALA C 472 -67.15 27.11 14.53
C ALA C 472 -67.45 25.79 13.83
N TYR C 473 -68.13 24.88 14.54
CA TYR C 473 -68.46 23.58 13.97
C TYR C 473 -69.51 22.85 14.81
N LYS C 474 -70.27 21.98 14.15
CA LYS C 474 -71.32 21.21 14.82
C LYS C 474 -70.88 19.78 15.07
N PRO C 480 -69.68 24.74 19.38
CA PRO C 480 -68.39 25.15 19.94
C PRO C 480 -67.66 26.14 19.04
N ASN C 481 -67.22 27.25 19.63
CA ASN C 481 -66.50 28.28 18.89
C ASN C 481 -65.10 28.42 19.45
N THR C 482 -64.13 28.69 18.57
CA THR C 482 -62.75 28.85 19.00
C THR C 482 -61.93 29.66 17.99
N HIS C 483 -60.82 30.20 18.45
CA HIS C 483 -59.92 30.96 17.62
C HIS C 483 -58.91 29.98 17.02
N VAL C 484 -58.43 30.28 15.82
CA VAL C 484 -57.47 29.40 15.15
C VAL C 484 -56.35 30.19 14.48
N ILE C 485 -55.18 29.57 14.38
CA ILE C 485 -54.02 30.18 13.75
C ILE C 485 -53.33 29.13 12.88
N SER C 486 -53.47 29.28 11.57
CA SER C 486 -52.86 28.36 10.62
C SER C 486 -51.61 28.98 10.02
N ASP C 487 -50.48 28.28 10.18
CA ASP C 487 -49.22 28.78 9.64
C ASP C 487 -48.87 28.11 8.33
N ILE C 488 -48.17 28.86 7.48
CA ILE C 488 -47.75 28.37 6.18
C ILE C 488 -46.27 28.70 6.03
N GLN C 489 -45.44 27.68 5.96
CA GLN C 489 -44.01 27.91 5.83
C GLN C 489 -43.57 27.79 4.38
N ASP C 490 -42.61 28.63 3.99
CA ASP C 490 -42.09 28.65 2.63
C ASP C 490 -43.22 28.95 1.64
N PHE C 491 -43.89 30.07 1.87
CA PHE C 491 -44.98 30.55 1.02
C PHE C 491 -44.35 31.05 -0.28
N VAL C 492 -44.67 30.40 -1.39
CA VAL C 492 -44.08 30.79 -2.67
C VAL C 492 -45.06 31.23 -3.75
N VAL C 493 -44.62 32.19 -4.56
CA VAL C 493 -45.38 32.71 -5.68
C VAL C 493 -44.52 32.55 -6.94
N GLU C 494 -45.12 32.08 -8.02
CA GLU C 494 -44.39 31.87 -9.28
C GLU C 494 -44.78 32.91 -10.32
N LEU C 495 -43.78 33.59 -10.87
CA LEU C 495 -43.99 34.64 -11.87
C LEU C 495 -43.52 34.31 -13.27
N SER C 496 -44.10 35.00 -14.26
CA SER C 496 -43.75 34.82 -15.66
C SER C 496 -43.90 36.15 -16.41
N LEU C 497 -42.78 36.84 -16.61
CA LEU C 497 -42.77 38.11 -17.31
C LEU C 497 -42.56 37.87 -18.80
N GLU C 498 -42.77 38.90 -19.60
CA GLU C 498 -42.58 38.80 -21.04
C GLU C 498 -42.34 40.17 -21.65
N VAL C 499 -41.07 40.53 -21.79
CA VAL C 499 -40.67 41.82 -22.34
C VAL C 499 -40.68 41.76 -23.87
N SER C 500 -41.48 42.62 -24.49
CA SER C 500 -41.58 42.69 -25.94
C SER C 500 -40.42 43.50 -26.51
N GLU C 501 -40.33 43.55 -27.84
CA GLU C 501 -39.27 44.29 -28.51
C GLU C 501 -39.37 45.78 -28.21
N GLU C 502 -40.59 46.30 -28.18
CA GLU C 502 -40.82 47.71 -27.88
C GLU C 502 -40.28 48.03 -26.49
N GLY C 503 -40.19 47.01 -25.65
CA GLY C 503 -39.68 47.20 -24.30
C GLY C 503 -40.78 47.21 -23.24
N ASN C 504 -41.97 46.75 -23.62
CA ASN C 504 -43.09 46.71 -22.69
C ASN C 504 -43.18 45.38 -21.95
N MET C 505 -43.23 45.47 -20.62
CA MET C 505 -43.30 44.30 -19.76
C MET C 505 -44.73 43.81 -19.61
N THR C 506 -44.89 42.51 -19.40
CA THR C 506 -46.20 41.91 -19.23
C THR C 506 -46.16 40.73 -18.26
N LEU C 507 -47.22 40.56 -17.50
CA LEU C 507 -47.31 39.48 -16.54
C LEU C 507 -48.18 38.41 -17.20
N THR C 508 -47.54 37.35 -17.69
CA THR C 508 -48.27 36.27 -18.36
C THR C 508 -48.93 35.27 -17.42
N SER C 509 -48.30 35.02 -16.27
CA SER C 509 -48.88 34.09 -15.30
C SER C 509 -48.45 34.40 -13.87
N PHE C 510 -49.39 34.25 -12.94
CA PHE C 510 -49.16 34.51 -11.52
C PHE C 510 -49.99 33.53 -10.70
N GLU C 511 -49.31 32.65 -9.97
CA GLU C 511 -50.00 31.65 -9.16
C GLU C 511 -49.29 31.40 -7.83
N VAL C 512 -50.07 31.30 -6.76
CA VAL C 512 -49.50 31.00 -5.45
C VAL C 512 -49.36 29.48 -5.44
N ARG C 513 -48.12 29.01 -5.34
CA ARG C 513 -47.86 27.58 -5.35
C ARG C 513 -48.53 26.82 -4.23
N GLN C 514 -48.87 25.56 -4.50
CA GLN C 514 -49.49 24.68 -3.53
C GLN C 514 -48.70 24.81 -2.23
N PHE C 515 -49.38 25.08 -1.13
CA PHE C 515 -48.69 25.22 0.15
C PHE C 515 -47.91 23.96 0.48
N ALA C 516 -46.67 24.15 0.94
CA ALA C 516 -45.82 23.04 1.30
C ALA C 516 -46.45 22.28 2.46
N ASN C 517 -46.76 23.01 3.53
CA ASN C 517 -47.36 22.42 4.71
C ASN C 517 -48.11 23.49 5.48
N VAL C 518 -49.18 23.09 6.18
CA VAL C 518 -49.97 24.03 6.96
C VAL C 518 -50.08 23.55 8.40
N VAL C 519 -49.70 24.42 9.34
CA VAL C 519 -49.77 24.08 10.76
C VAL C 519 -51.00 24.75 11.37
N ASN C 520 -51.95 23.94 11.80
CA ASN C 520 -53.18 24.46 12.39
C ASN C 520 -53.15 24.46 13.92
N HIS C 521 -53.37 25.64 14.49
CA HIS C 521 -53.40 25.81 15.94
C HIS C 521 -54.82 26.08 16.41
N ILE C 522 -55.58 25.01 16.66
CA ILE C 522 -56.95 25.17 17.12
C ILE C 522 -56.97 25.32 18.64
N GLY C 523 -57.49 26.45 19.10
CA GLY C 523 -57.53 26.73 20.53
C GLY C 523 -58.22 25.74 21.45
N GLY C 524 -57.60 25.50 22.60
CA GLY C 524 -58.17 24.59 23.59
C GLY C 524 -58.41 23.18 23.11
N LEU C 525 -57.86 22.84 21.95
CA LEU C 525 -58.04 21.50 21.41
C LEU C 525 -56.66 20.83 21.32
N SER C 526 -56.56 19.61 21.82
CA SER C 526 -55.29 18.89 21.79
C SER C 526 -54.93 18.41 20.40
N ILE C 527 -53.68 18.67 20.01
CA ILE C 527 -53.15 18.27 18.72
C ILE C 527 -53.35 16.76 18.52
N LEU C 528 -53.69 16.06 19.61
CA LEU C 528 -53.88 14.62 19.57
C LEU C 528 -55.37 14.24 19.56
N ASP C 529 -56.23 15.19 19.89
CA ASP C 529 -57.67 14.94 19.89
C ASP C 529 -58.14 14.44 18.53
N PRO C 530 -58.94 13.38 18.50
CA PRO C 530 -59.45 12.83 17.24
C PRO C 530 -60.22 13.90 16.47
N ILE C 531 -61.01 14.67 17.20
CA ILE C 531 -61.80 15.75 16.63
C ILE C 531 -60.88 16.75 15.95
N PHE C 532 -59.69 16.92 16.51
CA PHE C 532 -58.68 17.84 15.97
C PHE C 532 -58.17 17.36 14.62
N ALA C 533 -58.02 16.05 14.47
CA ALA C 533 -57.52 15.47 13.23
C ALA C 533 -58.45 15.78 12.07
N VAL C 534 -59.75 15.75 12.33
CA VAL C 534 -60.74 16.01 11.29
C VAL C 534 -60.77 17.47 10.85
N LEU C 535 -60.66 18.39 11.80
CA LEU C 535 -60.68 19.82 11.50
C LEU C 535 -59.42 20.28 10.78
N SER C 536 -58.26 20.09 11.41
CA SER C 536 -56.99 20.48 10.80
C SER C 536 -56.92 19.92 9.38
N ASP C 537 -57.29 18.66 9.24
CA ASP C 537 -57.27 17.98 7.96
C ASP C 537 -58.08 18.73 6.91
N VAL C 538 -59.30 19.13 7.27
CA VAL C 538 -60.18 19.84 6.36
C VAL C 538 -59.82 21.32 6.21
N LEU C 539 -59.36 21.95 7.29
CA LEU C 539 -58.99 23.36 7.24
C LEU C 539 -57.79 23.53 6.31
N THR C 540 -56.87 22.57 6.34
CA THR C 540 -55.70 22.64 5.47
C THR C 540 -56.18 22.52 4.04
N ALA C 541 -57.15 21.65 3.82
CA ALA C 541 -57.72 21.44 2.50
C ALA C 541 -58.33 22.75 2.01
N ILE C 542 -59.13 23.37 2.88
CA ILE C 542 -59.79 24.63 2.56
C ILE C 542 -58.78 25.75 2.33
N PHE C 543 -57.56 25.56 2.80
CA PHE C 543 -56.51 26.56 2.64
C PHE C 543 -55.92 26.61 1.24
N GLN C 544 -55.38 25.49 0.79
CA GLN C 544 -54.78 25.40 -0.53
C GLN C 544 -55.78 25.07 -1.62
N ASP C 545 -57.06 25.26 -1.33
CA ASP C 545 -58.11 24.98 -2.30
C ASP C 545 -59.15 26.11 -2.39
N THR C 546 -59.13 27.00 -1.40
CA THR C 546 -60.07 28.12 -1.38
C THR C 546 -59.35 29.43 -1.04
N VAL C 547 -58.56 29.41 0.02
CA VAL C 547 -57.83 30.60 0.43
C VAL C 547 -56.71 30.89 -0.56
N ARG C 548 -56.01 29.83 -0.99
CA ARG C 548 -54.91 29.97 -1.93
C ARG C 548 -55.41 30.62 -3.21
N ALA C 549 -56.52 30.11 -3.75
CA ALA C 549 -57.09 30.64 -4.97
C ALA C 549 -57.53 32.10 -4.77
N GLU C 550 -57.98 32.41 -3.56
CA GLU C 550 -58.42 33.77 -3.23
C GLU C 550 -57.25 34.74 -3.21
N MET C 551 -56.13 34.32 -2.64
CA MET C 551 -54.94 35.16 -2.55
C MET C 551 -54.37 35.48 -3.92
N THR C 552 -54.45 34.52 -4.84
CA THR C 552 -53.94 34.70 -6.19
C THR C 552 -54.85 35.70 -6.90
N LYS C 553 -56.15 35.49 -6.77
CA LYS C 553 -57.16 36.34 -7.37
C LYS C 553 -57.00 37.78 -6.90
N VAL C 554 -56.44 37.96 -5.71
CA VAL C 554 -56.26 39.28 -5.13
C VAL C 554 -54.87 39.88 -5.37
N LEU C 555 -53.85 39.03 -5.30
CA LEU C 555 -52.47 39.48 -5.49
C LEU C 555 -52.06 39.68 -6.94
N ALA C 556 -52.52 38.80 -7.82
CA ALA C 556 -52.18 38.89 -9.23
C ALA C 556 -52.42 40.30 -9.78
N PRO C 557 -53.68 40.78 -9.74
CA PRO C 557 -53.97 42.12 -10.26
C PRO C 557 -53.00 43.18 -9.76
N ALA C 558 -52.65 43.11 -8.47
CA ALA C 558 -51.75 44.09 -7.88
C ALA C 558 -50.38 44.13 -8.55
N PHE C 559 -49.83 42.94 -8.84
CA PHE C 559 -48.52 42.86 -9.48
C PHE C 559 -48.55 43.37 -10.92
N LYS C 560 -49.57 42.98 -11.67
CA LYS C 560 -49.72 43.40 -13.06
C LYS C 560 -49.75 44.91 -13.21
N LYS C 561 -50.66 45.56 -12.50
CA LYS C 561 -50.79 47.00 -12.56
C LYS C 561 -49.44 47.68 -12.40
N GLU C 562 -48.58 47.09 -11.56
CA GLU C 562 -47.25 47.63 -11.31
C GLU C 562 -46.30 47.36 -12.47
N LEU C 563 -45.97 46.07 -12.65
CA LEU C 563 -45.07 45.66 -13.71
C LEU C 563 -45.48 46.24 -15.06
N GLU C 564 -46.78 46.35 -15.27
CA GLU C 564 -47.31 46.86 -16.53
C GLU C 564 -47.78 48.31 -16.43
N ARG C 565 -47.09 49.09 -15.59
CA ARG C 565 -47.45 50.50 -15.40
C ARG C 565 -46.62 51.40 -16.31
N ASN C 566 -45.30 51.31 -16.18
CA ASN C 566 -44.39 52.14 -16.97
C ASN C 566 -44.47 51.84 -18.46
N ASN C 567 -45.20 50.78 -18.81
CA ASN C 567 -45.36 50.38 -20.21
C ASN C 567 -46.34 51.31 -20.93
C1 GLC D . 20.20 -2.59 11.61
C2 GLC D . 21.42 -1.68 11.39
C3 GLC D . 22.60 -2.14 12.26
C4 GLC D . 22.17 -2.28 13.71
C5 GLC D . 20.95 -3.20 13.82
C6 GLC D . 20.42 -3.26 15.25
O1 GLC D . 20.46 -3.86 11.13
O2 GLC D . 21.81 -1.73 10.03
O3 GLC D . 23.64 -1.18 12.19
O4 GLC D . 23.26 -2.86 14.45
O5 GLC D . 19.87 -2.68 13.00
O6 GLC D . 19.82 -4.51 15.53
C1 GLC D . 24.00 -1.97 15.23
C2 GLC D . 25.49 -2.34 15.15
C3 GLC D . 25.68 -3.74 15.72
C4 GLC D . 25.18 -3.78 17.17
C5 GLC D . 23.72 -3.28 17.25
C6 GLC D . 23.26 -3.11 18.68
O2 GLC D . 25.90 -2.31 13.80
O3 GLC D . 27.04 -4.11 15.67
O4 GLC D . 25.25 -5.12 17.66
O5 GLC D . 23.60 -1.99 16.60
O6 GLC D . 21.85 -3.00 18.75
C1 GLC E . 3.69 -27.98 -0.45
C2 GLC E . 2.92 -29.32 -0.43
C3 GLC E . 3.07 -30.06 -1.76
C4 GLC E . 2.72 -29.15 -2.93
C5 GLC E . 3.52 -27.85 -2.84
C6 GLC E . 3.18 -26.85 -3.93
O1 GLC E . 5.04 -28.22 -0.54
O2 GLC E . 3.43 -30.15 0.62
O3 GLC E . 2.22 -31.19 -1.78
O4 GLC E . 3.02 -29.82 -4.17
O5 GLC E . 3.28 -27.19 -1.57
O6 GLC E . 4.20 -25.89 -4.09
C1 GLC E . 1.91 -30.40 -4.82
C2 GLC E . 2.30 -31.77 -5.37
C3 GLC E . 3.33 -31.62 -6.49
C4 GLC E . 2.82 -30.66 -7.57
C5 GLC E . 2.35 -29.34 -6.95
C6 GLC E . 1.63 -28.49 -7.98
O2 GLC E . 2.86 -32.55 -4.32
O3 GLC E . 3.59 -32.89 -7.07
O4 GLC E . 3.86 -30.41 -8.50
O5 GLC E . 1.42 -29.58 -5.88
O6 GLC E . 1.62 -27.12 -7.61
C1 GLC F . -11.18 30.36 -16.35
C2 GLC F . -11.11 29.67 -17.72
C3 GLC F . -12.37 30.00 -18.53
C4 GLC F . -13.63 29.65 -17.73
C5 GLC F . -13.58 30.32 -16.35
C6 GLC F . -14.74 29.92 -15.46
O1 GLC F . -11.23 31.73 -16.52
O2 GLC F . -9.97 30.12 -18.42
O3 GLC F . -12.37 29.28 -19.75
O4 GLC F . -14.80 30.08 -18.43
O5 GLC F . -12.36 29.95 -15.65
O6 GLC F . -14.82 30.75 -14.31
C1 GLC F . -15.47 29.08 -19.14
C2 GLC F . -15.86 29.61 -20.52
C3 GLC F . -16.88 30.74 -20.38
C4 GLC F . -18.09 30.22 -19.62
C5 GLC F . -17.67 29.64 -18.26
C6 GLC F . -18.83 28.98 -17.54
O2 GLC F . -14.69 30.09 -21.17
O3 GLC F . -17.27 31.20 -21.65
O4 GLC F . -19.01 31.28 -19.41
O5 GLC F . -16.65 28.63 -18.45
O6 GLC F . -18.49 27.68 -17.09
NA NA G . 12.44 -8.46 1.43
#